data_4K3Y
#
_entry.id   4K3Y
#
_cell.length_a   181.290
_cell.length_b   181.290
_cell.length_c   136.597
_cell.angle_alpha   90.00
_cell.angle_beta   90.00
_cell.angle_gamma   120.00
#
_symmetry.space_group_name_H-M   'P 61'
#
loop_
_entity.id
_entity.type
_entity.pdbx_description
1 polymer neuraminidase
2 branched beta-D-mannopyranose-(1-4)-2-acetamido-2-deoxy-beta-D-glucopyranose-(1-4)-2-acetamido-2-deoxy-beta-D-glucopyranose
3 branched 2-acetamido-2-deoxy-beta-D-glucopyranose-(1-4)-2-acetamido-2-deoxy-beta-D-glucopyranose
4 branched alpha-D-mannopyranose-(1-3)-beta-D-mannopyranose-(1-4)-2-acetamido-2-deoxy-beta-D-glucopyranose-(1-4)-[alpha-L-fucopyranose-(1-6)]2-acetamido-2-deoxy-beta-D-glucopyranose
5 non-polymer 'CALCIUM ION'
6 water water
#
_entity_poly.entity_id   1
_entity_poly.type   'polypeptide(L)'
_entity_poly.pdbx_seq_one_letter_code
;GSPSRATPLVLGENLCSINGWVPTYRGEGTTGKIPDEQMLTRQNFVSCSDKECRRFFVSMGYGTTTNFADLIVSEQMNVY
SVKLGDPPTPDKLKFEAVGWSASSCHDGFQWTVLSVAGDGFVSILYGGIITDTIHPTNGGPLRTQASSCICNDGTCYTII
ADGTTYTASSHRLYRLVNGTSAGWKALDTTGFNFEFPTCYYTSGKVKCTGTNLWNDAKRPFLEFDQSFTYTFKEPCLGFL
GDTPRGIDTTNYCDKTTTEGEGGIQGFMIEGSNSWIGRIINPGSKKGFEIYKFLGTLFSVQTVGNRNYQLLSNSTIGRSG
LYQPAYESRDCQELCFWIEIAATTKAGLSSNDLITFCGTGGSMPDVNWG
;
_entity_poly.pdbx_strand_id   A,B,C,D
#
# COMPACT_ATOMS: atom_id res chain seq x y z
N ALA A 6 -10.82 -2.62 17.33
CA ALA A 6 -9.97 -1.44 17.75
C ALA A 6 -10.07 -1.23 19.29
N THR A 7 -8.90 -1.24 19.97
CA THR A 7 -8.80 -1.32 21.44
C THR A 7 -7.73 -0.34 21.94
N PRO A 8 -7.86 0.19 23.19
CA PRO A 8 -6.85 1.10 23.72
C PRO A 8 -5.48 0.46 23.81
N LEU A 9 -4.47 1.18 23.36
CA LEU A 9 -3.10 0.75 23.52
C LEU A 9 -2.73 0.75 25.01
N VAL A 10 -2.22 -0.37 25.49
CA VAL A 10 -1.74 -0.43 26.85
C VAL A 10 -0.32 -1.01 26.87
N LEU A 11 0.57 -0.33 27.58
CA LEU A 11 1.97 -0.73 27.61
C LEU A 11 2.23 -1.73 28.74
N GLY A 12 3.41 -2.32 28.73
CA GLY A 12 3.79 -3.26 29.76
C GLY A 12 4.12 -2.63 31.10
N GLU A 13 3.67 -3.29 32.16
CA GLU A 13 3.97 -2.86 33.50
C GLU A 13 5.44 -3.03 33.89
N ASN A 14 6.10 -4.00 33.26
CA ASN A 14 7.49 -4.31 33.64
C ASN A 14 8.45 -4.18 32.47
N LEU A 15 9.54 -3.45 32.68
CA LEU A 15 10.53 -3.29 31.61
C LEU A 15 11.27 -4.61 31.35
N CYS A 16 11.64 -4.85 30.09
CA CYS A 16 12.67 -5.87 29.83
C CYS A 16 13.95 -5.44 30.54
N SER A 17 14.68 -6.42 31.05
CA SER A 17 15.98 -6.14 31.63
C SER A 17 16.91 -5.69 30.50
N ILE A 18 17.71 -4.65 30.74
CA ILE A 18 18.57 -4.11 29.69
C ILE A 18 20.03 -4.19 30.07
N ASN A 19 20.83 -4.80 29.20
CA ASN A 19 22.26 -4.94 29.48
C ASN A 19 23.10 -4.37 28.36
N GLY A 20 22.42 -3.99 27.27
CA GLY A 20 23.09 -3.42 26.12
C GLY A 20 22.08 -2.96 25.08
N TRP A 21 22.59 -2.47 23.96
CA TRP A 21 21.77 -1.79 22.98
C TRP A 21 22.09 -2.24 21.58
N VAL A 22 21.05 -2.25 20.76
CA VAL A 22 21.14 -2.81 19.44
C VAL A 22 20.45 -1.87 18.43
N PRO A 23 21.15 -1.56 17.34
CA PRO A 23 20.59 -0.67 16.31
C PRO A 23 19.39 -1.29 15.62
N THR A 24 18.34 -0.50 15.45
CA THR A 24 17.18 -0.92 14.70
C THR A 24 17.01 -0.06 13.46
N TYR A 25 17.87 0.95 13.31
CA TYR A 25 17.85 1.85 12.14
C TYR A 25 19.07 2.76 12.16
N ARG A 26 19.75 2.83 11.01
CA ARG A 26 20.87 3.75 10.81
C ARG A 26 20.52 4.56 9.58
N GLY A 27 20.33 5.85 9.76
CA GLY A 27 19.62 6.64 8.78
C GLY A 27 20.25 6.71 7.40
N GLU A 28 19.73 7.60 6.55
CA GLU A 28 20.18 7.57 5.17
C GLU A 28 21.63 8.06 4.95
N GLY A 29 22.30 8.49 6.01
CA GLY A 29 23.68 8.93 5.89
C GLY A 29 24.78 7.92 6.23
N THR A 30 24.54 6.63 5.97
CA THR A 30 25.56 5.61 6.25
C THR A 30 26.63 5.60 5.16
N THR A 31 26.26 6.14 4.01
CA THR A 31 27.14 6.28 2.86
C THR A 31 28.05 7.51 3.03
N GLY A 32 27.90 8.19 4.17
CA GLY A 32 28.58 9.45 4.38
C GLY A 32 27.74 10.66 4.03
N LYS A 33 26.84 10.51 3.05
CA LYS A 33 26.03 11.63 2.55
C LYS A 33 24.55 11.30 2.31
N ILE A 34 23.69 12.27 2.59
CA ILE A 34 22.26 12.11 2.38
C ILE A 34 21.85 12.53 0.97
N PRO A 35 21.05 11.70 0.29
CA PRO A 35 20.48 11.99 -1.04
C PRO A 35 19.69 13.30 -1.07
N ASP A 36 19.88 14.11 -2.10
CA ASP A 36 19.28 15.44 -2.10
C ASP A 36 17.77 15.47 -2.37
N GLU A 37 17.20 14.32 -2.72
CA GLU A 37 15.76 14.25 -2.98
C GLU A 37 14.99 14.19 -1.68
N GLN A 38 15.71 13.91 -0.60
CA GLN A 38 15.13 13.86 0.73
C GLN A 38 14.95 15.23 1.36
N MET A 39 13.84 15.36 2.10
CA MET A 39 13.55 16.58 2.82
C MET A 39 14.61 16.90 3.88
N LEU A 40 14.94 18.18 4.00
CA LEU A 40 15.73 18.65 5.13
C LEU A 40 14.87 18.51 6.40
N THR A 41 15.32 17.65 7.30
CA THR A 41 14.52 17.19 8.42
C THR A 41 15.03 17.83 9.72
N ARG A 42 14.13 18.08 10.66
CA ARG A 42 14.47 18.91 11.83
C ARG A 42 13.57 18.50 13.00
N GLN A 43 14.09 18.60 14.22
CA GLN A 43 13.35 18.18 15.42
C GLN A 43 12.83 16.74 15.27
N ASN A 44 13.70 15.83 14.82
CA ASN A 44 13.35 14.42 14.69
C ASN A 44 13.03 13.70 16.02
N PHE A 45 11.99 12.89 16.01
CA PHE A 45 11.76 11.94 17.11
C PHE A 45 10.95 10.76 16.60
N VAL A 46 10.91 9.69 17.42
CA VAL A 46 10.20 8.47 17.06
C VAL A 46 9.03 8.26 18.01
N SER A 47 7.90 7.83 17.46
CA SER A 47 6.78 7.39 18.30
C SER A 47 6.13 6.16 17.66
N CYS A 48 5.57 5.28 18.50
CA CYS A 48 5.05 4.03 17.96
C CYS A 48 3.56 3.89 18.18
N SER A 49 2.88 3.33 17.19
CA SER A 49 1.48 2.98 17.32
C SER A 49 1.35 1.50 17.63
N ASP A 50 0.11 1.03 17.52
CA ASP A 50 -0.20 -0.38 17.73
C ASP A 50 0.21 -1.27 16.55
N LYS A 51 0.90 -0.70 15.56
CA LYS A 51 1.20 -1.42 14.32
C LYS A 51 2.56 -1.04 13.72
N GLU A 52 3.09 0.11 14.11
CA GLU A 52 4.35 0.55 13.52
C GLU A 52 5.05 1.60 14.39
N CYS A 53 6.30 1.87 14.04
CA CYS A 53 7.01 3.00 14.60
C CYS A 53 7.18 4.06 13.52
N ARG A 54 6.94 5.32 13.91
CA ARG A 54 7.06 6.41 12.95
C ARG A 54 8.13 7.42 13.33
N ARG A 55 8.77 7.97 12.30
CA ARG A 55 9.69 9.10 12.43
C ARG A 55 8.92 10.40 12.20
N PHE A 56 8.81 11.22 13.22
CA PHE A 56 8.22 12.57 13.08
C PHE A 56 9.33 13.59 13.04
N PHE A 57 9.10 14.64 12.27
CA PHE A 57 10.04 15.74 12.16
C PHE A 57 9.31 16.96 11.60
N VAL A 58 10.02 18.08 11.63
CA VAL A 58 9.52 19.32 11.08
C VAL A 58 10.36 19.65 9.86
N SER A 59 9.75 20.23 8.83
CA SER A 59 10.52 20.69 7.68
C SER A 59 9.91 21.87 6.91
N MET A 60 10.73 22.57 6.15
CA MET A 60 10.24 23.50 5.14
C MET A 60 10.33 22.88 3.73
N GLY A 61 11.55 22.63 3.26
CA GLY A 61 11.78 22.03 1.95
C GLY A 61 12.83 20.93 1.81
N TYR A 62 13.57 20.98 0.70
CA TYR A 62 14.41 19.88 0.24
C TYR A 62 15.86 20.30 0.03
N VAL A 73 12.39 29.00 13.48
CA VAL A 73 10.97 29.38 13.52
C VAL A 73 10.51 30.13 12.25
N SER A 74 9.66 29.47 11.47
CA SER A 74 9.12 30.05 10.24
C SER A 74 7.65 29.70 10.04
N GLU A 75 6.92 30.60 9.41
CA GLU A 75 5.50 30.42 9.09
C GLU A 75 5.26 29.22 8.19
N GLN A 76 6.34 28.67 7.62
CA GLN A 76 6.17 27.67 6.58
C GLN A 76 6.75 26.29 6.92
N MET A 77 7.11 26.09 8.18
CA MET A 77 7.44 24.74 8.66
C MET A 77 6.20 23.91 8.93
N ASN A 78 6.26 22.67 8.47
CA ASN A 78 5.23 21.68 8.72
C ASN A 78 5.74 20.54 9.58
N VAL A 79 4.80 19.81 10.16
CA VAL A 79 5.13 18.56 10.83
C VAL A 79 4.79 17.41 9.86
N TYR A 80 5.77 16.56 9.60
CA TYR A 80 5.49 15.36 8.80
C TYR A 80 5.91 14.13 9.59
N SER A 81 5.43 12.97 9.17
CA SER A 81 6.02 11.73 9.62
C SER A 81 6.25 10.80 8.43
N VAL A 82 7.22 9.88 8.57
CA VAL A 82 7.29 8.70 7.71
C VAL A 82 7.35 7.47 8.59
N LYS A 83 7.22 6.31 7.97
CA LYS A 83 7.40 5.08 8.71
C LYS A 83 8.88 4.93 9.07
N LEU A 84 9.16 4.51 10.30
CA LEU A 84 10.55 4.33 10.72
C LEU A 84 11.23 3.38 9.74
N GLY A 85 12.30 3.84 9.13
CA GLY A 85 12.98 3.05 8.12
C GLY A 85 12.74 3.50 6.68
N ASP A 86 11.58 4.11 6.42
CA ASP A 86 11.39 4.77 5.13
C ASP A 86 12.20 6.07 5.10
N PRO A 87 12.76 6.41 3.93
CA PRO A 87 13.46 7.69 3.78
C PRO A 87 12.47 8.82 3.52
N PRO A 88 12.73 10.01 4.07
CA PRO A 88 11.80 11.15 3.92
C PRO A 88 11.79 11.73 2.49
N THR A 89 11.20 10.99 1.56
CA THR A 89 10.99 11.44 0.19
C THR A 89 9.52 11.83 0.04
N PRO A 90 9.21 12.66 -0.98
CA PRO A 90 7.83 13.11 -1.25
C PRO A 90 6.81 11.98 -1.25
N ASP A 91 7.16 10.85 -1.86
CA ASP A 91 6.30 9.68 -1.92
C ASP A 91 5.84 9.26 -0.53
N LYS A 92 6.80 9.20 0.38
CA LYS A 92 6.62 8.53 1.67
C LYS A 92 6.14 9.44 2.81
N LEU A 93 6.05 10.75 2.55
CA LEU A 93 5.62 11.72 3.56
C LEU A 93 4.12 11.69 3.89
N LYS A 94 3.84 11.89 5.16
CA LYS A 94 2.49 12.15 5.64
C LYS A 94 2.48 13.54 6.28
N PHE A 95 1.68 14.45 5.74
CA PHE A 95 1.44 15.70 6.41
C PHE A 95 0.77 15.45 7.78
N GLU A 96 1.34 16.01 8.83
CA GLU A 96 0.74 15.92 10.17
C GLU A 96 0.09 17.24 10.63
N ALA A 97 0.82 18.35 10.54
CA ALA A 97 0.34 19.64 11.03
C ALA A 97 1.20 20.78 10.52
N VAL A 98 0.73 22.00 10.75
CA VAL A 98 1.54 23.17 10.55
C VAL A 98 2.17 23.47 11.90
N GLY A 99 3.49 23.68 11.93
CA GLY A 99 4.16 24.03 13.17
C GLY A 99 5.64 23.75 13.12
N TRP A 100 6.37 24.19 14.14
CA TRP A 100 7.82 24.09 14.14
C TRP A 100 8.31 23.30 15.35
N SER A 101 7.38 22.94 16.22
CA SER A 101 7.66 22.14 17.41
C SER A 101 6.54 21.12 17.53
N ALA A 102 6.88 19.83 17.65
CA ALA A 102 5.83 18.85 17.77
C ALA A 102 6.11 17.71 18.75
N SER A 103 5.02 17.17 19.27
CA SER A 103 5.03 15.95 20.05
C SER A 103 3.91 15.05 19.56
N SER A 104 4.14 13.74 19.50
CA SER A 104 3.01 12.86 19.19
C SER A 104 3.06 11.55 19.91
N CYS A 105 1.90 10.88 19.89
CA CYS A 105 1.73 9.58 20.52
C CYS A 105 0.41 8.97 20.04
N HIS A 106 0.36 7.64 20.06
CA HIS A 106 -0.81 6.90 19.60
C HIS A 106 -1.49 6.19 20.77
N ASP A 107 -2.82 6.20 20.81
CA ASP A 107 -3.58 5.67 21.96
C ASP A 107 -4.29 4.34 21.67
N GLY A 108 -4.07 3.80 20.48
CA GLY A 108 -4.82 2.66 20.03
C GLY A 108 -5.87 3.00 19.00
N PHE A 109 -6.35 4.24 18.99
CA PHE A 109 -7.36 4.61 17.99
C PHE A 109 -6.81 5.50 16.87
N GLN A 110 -5.94 6.41 17.25
CA GLN A 110 -5.61 7.51 16.37
C GLN A 110 -4.34 8.18 16.86
N TRP A 111 -3.62 8.83 15.95
CA TRP A 111 -2.49 9.66 16.35
C TRP A 111 -2.99 10.94 16.96
N THR A 112 -2.40 11.31 18.09
CA THR A 112 -2.54 12.65 18.64
C THR A 112 -1.24 13.35 18.27
N VAL A 113 -1.36 14.50 17.59
CA VAL A 113 -0.18 15.31 17.31
C VAL A 113 -0.34 16.72 17.88
N LEU A 114 0.61 17.11 18.72
CA LEU A 114 0.61 18.45 19.32
C LEU A 114 1.60 19.34 18.57
N SER A 115 1.11 20.48 18.07
CA SER A 115 1.98 21.33 17.27
C SER A 115 1.92 22.83 17.62
N VAL A 116 3.11 23.41 17.79
CA VAL A 116 3.29 24.85 17.97
C VAL A 116 3.38 25.60 16.63
N ALA A 117 2.40 26.47 16.37
CA ALA A 117 2.36 27.26 15.15
C ALA A 117 1.89 28.69 15.42
N GLY A 118 1.65 29.44 14.34
CA GLY A 118 1.15 30.81 14.45
C GLY A 118 2.03 31.74 15.29
N ASP A 119 1.45 32.27 16.36
CA ASP A 119 2.14 33.17 17.28
C ASP A 119 2.69 32.38 18.47
N GLY A 120 2.70 31.05 18.34
CA GLY A 120 3.24 30.18 19.35
C GLY A 120 2.21 29.49 20.24
N PHE A 121 1.04 29.18 19.68
CA PHE A 121 0.08 28.37 20.43
C PHE A 121 0.17 26.91 19.98
N VAL A 122 -0.34 25.96 20.77
CA VAL A 122 -0.36 24.61 20.26
C VAL A 122 -1.73 24.16 19.80
N SER A 123 -1.72 23.41 18.69
CA SER A 123 -2.92 22.78 18.18
C SER A 123 -2.83 21.26 18.33
N ILE A 124 -3.86 20.69 18.93
CA ILE A 124 -3.95 19.25 19.03
C ILE A 124 -4.74 18.68 17.85
N LEU A 125 -4.09 17.81 17.06
CA LEU A 125 -4.79 17.11 15.98
C LEU A 125 -4.97 15.65 16.31
N TYR A 126 -6.18 15.13 16.10
CA TYR A 126 -6.49 13.74 16.40
C TYR A 126 -7.05 13.02 15.18
N GLY A 127 -6.29 12.07 14.63
CA GLY A 127 -6.49 11.68 13.25
C GLY A 127 -5.92 12.89 12.58
N GLY A 128 -6.69 13.53 11.70
CA GLY A 128 -6.23 14.84 11.22
C GLY A 128 -7.24 15.94 11.49
N ILE A 129 -7.77 15.99 12.70
CA ILE A 129 -8.82 16.93 13.03
C ILE A 129 -8.40 17.71 14.26
N ILE A 130 -8.66 19.01 14.27
CA ILE A 130 -8.35 19.81 15.45
C ILE A 130 -9.29 19.38 16.55
N THR A 131 -8.73 19.07 17.71
CA THR A 131 -9.54 18.61 18.82
C THR A 131 -9.39 19.55 20.00
N ASP A 132 -8.29 20.31 19.99
CA ASP A 132 -8.10 21.35 20.99
C ASP A 132 -6.96 22.25 20.52
N THR A 133 -6.95 23.48 21.04
CA THR A 133 -5.80 24.37 20.94
C THR A 133 -5.44 24.78 22.37
N ILE A 134 -4.19 25.18 22.58
CA ILE A 134 -3.75 25.68 23.87
C ILE A 134 -2.96 26.97 23.60
N HIS A 135 -3.23 28.03 24.37
CA HIS A 135 -2.54 29.30 24.12
C HIS A 135 -1.62 29.72 25.26
N PRO A 136 -0.47 30.33 24.91
CA PRO A 136 0.45 30.78 25.96
C PRO A 136 -0.22 31.77 26.90
N THR A 137 0.31 31.82 28.11
CA THR A 137 -0.28 32.54 29.23
C THR A 137 0.82 33.27 29.98
N ASN A 138 2.04 32.71 29.94
CA ASN A 138 3.20 33.35 30.54
C ASN A 138 4.09 33.99 29.50
N GLY A 139 3.51 34.33 28.36
CA GLY A 139 4.25 35.11 27.40
C GLY A 139 4.77 34.40 26.15
N GLY A 140 4.63 33.08 26.09
CA GLY A 140 4.99 32.34 24.89
C GLY A 140 6.46 32.35 24.50
N PRO A 141 6.80 31.63 23.41
CA PRO A 141 5.83 30.72 22.77
C PRO A 141 5.75 29.42 23.56
N LEU A 142 4.67 28.67 23.38
CA LEU A 142 4.58 27.34 23.98
C LEU A 142 5.63 26.41 23.35
N ARG A 143 6.09 25.44 24.13
CA ARG A 143 7.05 24.47 23.62
C ARG A 143 6.59 23.06 23.95
N THR A 144 6.48 22.22 22.92
CA THR A 144 6.20 20.79 23.12
C THR A 144 7.45 20.12 23.65
N GLN A 145 7.33 18.85 24.01
CA GLN A 145 8.46 18.14 24.60
C GLN A 145 9.42 17.60 23.53
N ALA A 146 9.07 17.82 22.26
CA ALA A 146 9.94 17.48 21.14
C ALA A 146 10.40 16.01 21.19
N SER A 147 9.41 15.14 21.40
CA SER A 147 9.62 13.74 21.76
C SER A 147 8.25 13.05 21.76
N SER A 148 8.25 11.73 21.90
CA SER A 148 6.98 11.00 21.96
C SER A 148 6.26 11.37 23.24
N CYS A 149 4.94 11.53 23.16
CA CYS A 149 4.15 11.63 24.38
C CYS A 149 3.70 10.22 24.76
N ILE A 150 3.02 10.07 25.90
CA ILE A 150 2.77 8.74 26.43
C ILE A 150 1.29 8.43 26.52
N CYS A 151 0.86 7.46 25.74
CA CYS A 151 -0.50 7.00 25.85
C CYS A 151 -0.55 5.67 26.57
N ASN A 152 -1.47 5.57 27.50
CA ASN A 152 -1.71 4.31 28.18
C ASN A 152 -3.16 4.18 28.61
N ASP A 153 -3.76 3.05 28.23
CA ASP A 153 -5.15 2.74 28.52
C ASP A 153 -6.14 3.88 28.18
N GLY A 154 -5.98 4.48 27.00
CA GLY A 154 -6.94 5.47 26.55
C GLY A 154 -6.57 6.92 26.79
N THR A 155 -5.71 7.18 27.78
CA THR A 155 -5.28 8.53 28.08
C THR A 155 -3.87 8.83 27.60
N CYS A 156 -3.67 10.00 27.03
CA CYS A 156 -2.31 10.43 26.70
C CYS A 156 -1.81 11.49 27.66
N TYR A 157 -0.50 11.50 27.90
CA TYR A 157 0.10 12.47 28.81
C TYR A 157 1.21 13.21 28.10
N THR A 158 1.29 14.51 28.36
CA THR A 158 2.31 15.30 27.70
C THR A 158 2.69 16.46 28.59
N ILE A 159 3.79 17.13 28.24
CA ILE A 159 4.26 18.25 29.06
C ILE A 159 4.55 19.44 28.17
N ILE A 160 4.03 20.61 28.55
CA ILE A 160 4.19 21.82 27.73
C ILE A 160 4.84 22.95 28.51
N ALA A 161 5.78 23.64 27.89
CA ALA A 161 6.47 24.74 28.56
C ALA A 161 6.04 26.12 28.04
N ASP A 162 5.95 27.09 28.94
CA ASP A 162 5.71 28.49 28.58
C ASP A 162 6.80 29.32 29.24
N GLY A 163 6.73 30.65 29.09
CA GLY A 163 7.73 31.53 29.64
C GLY A 163 8.70 32.02 28.58
N THR A 164 9.08 33.30 28.66
CA THR A 164 9.90 33.90 27.62
C THR A 164 11.40 33.65 27.84
N THR A 165 11.78 33.26 29.05
CA THR A 165 13.16 32.90 29.37
C THR A 165 13.24 31.63 30.20
N TYR A 166 14.37 30.93 30.08
CA TYR A 166 14.59 29.65 30.76
C TYR A 166 14.84 29.88 32.25
N THR A 167 15.10 31.14 32.58
CA THR A 167 15.34 31.57 33.96
C THR A 167 14.01 31.79 34.68
N ALA A 168 12.94 31.87 33.89
CA ALA A 168 11.58 31.98 34.43
C ALA A 168 10.62 31.21 33.53
N SER A 169 10.86 29.90 33.41
CA SER A 169 10.02 29.02 32.61
C SER A 169 8.92 28.42 33.48
N SER A 170 7.81 28.07 32.85
CA SER A 170 6.68 27.45 33.54
C SER A 170 6.34 26.14 32.83
N HIS A 171 5.95 25.11 33.59
CA HIS A 171 5.71 23.81 32.98
C HIS A 171 4.39 23.17 33.42
N ARG A 172 3.70 22.60 32.46
CA ARG A 172 2.38 22.04 32.70
C ARG A 172 2.26 20.62 32.20
N LEU A 173 1.64 19.80 33.04
CA LEU A 173 1.43 18.38 32.75
C LEU A 173 0.01 18.24 32.19
N TYR A 174 -0.13 17.77 30.95
CA TYR A 174 -1.46 17.64 30.34
C TYR A 174 -1.94 16.19 30.23
N ARG A 175 -3.22 15.96 30.51
CA ARG A 175 -3.83 14.66 30.18
C ARG A 175 -4.81 14.85 29.02
N LEU A 176 -4.76 13.93 28.07
CA LEU A 176 -5.51 14.08 26.82
C LEU A 176 -6.35 12.83 26.55
N VAL A 177 -7.61 13.04 26.17
CA VAL A 177 -8.48 11.92 25.79
C VAL A 177 -9.11 12.09 24.41
N ASN A 178 -8.79 11.16 23.53
CA ASN A 178 -9.14 11.25 22.11
C ASN A 178 -8.80 12.63 21.53
N GLY A 179 -7.69 13.19 22.00
CA GLY A 179 -7.20 14.46 21.48
C GLY A 179 -7.72 15.71 22.14
N THR A 180 -8.74 15.60 22.98
CA THR A 180 -9.21 16.80 23.70
C THR A 180 -8.59 16.84 25.09
N SER A 181 -8.30 18.04 25.59
CA SER A 181 -7.75 18.15 26.93
C SER A 181 -8.73 17.68 28.02
N ALA A 182 -8.28 16.76 28.86
CA ALA A 182 -9.05 16.34 30.00
C ALA A 182 -8.49 16.98 31.26
N GLY A 183 -7.62 17.97 31.08
CA GLY A 183 -7.09 18.71 32.21
C GLY A 183 -5.58 18.85 32.22
N TRP A 184 -5.09 19.75 33.08
CA TRP A 184 -3.65 19.91 33.30
C TRP A 184 -3.32 20.20 34.78
N LYS A 185 -2.04 20.14 35.10
CA LYS A 185 -1.56 20.41 36.44
C LYS A 185 -0.27 21.25 36.35
N ALA A 186 -0.23 22.37 37.06
CA ALA A 186 1.01 23.12 37.18
C ALA A 186 2.07 22.27 37.89
N LEU A 187 3.25 22.16 37.29
CA LEU A 187 4.36 21.50 37.93
C LEU A 187 5.17 22.56 38.71
N ASP A 188 5.54 22.27 39.94
CA ASP A 188 6.41 23.21 40.65
C ASP A 188 7.85 23.04 40.13
N THR A 189 8.29 23.99 39.32
CA THR A 189 9.65 23.98 38.78
C THR A 189 10.45 25.17 39.30
N THR A 190 10.15 25.57 40.52
CA THR A 190 10.89 26.62 41.18
C THR A 190 12.37 26.28 41.29
N GLY A 191 13.21 27.23 40.92
CA GLY A 191 14.64 27.06 41.05
C GLY A 191 15.30 26.39 39.86
N PHE A 192 14.50 25.86 38.93
CA PHE A 192 15.10 25.23 37.75
C PHE A 192 14.26 25.33 36.49
N ASN A 193 14.77 24.74 35.41
CA ASN A 193 14.16 24.76 34.09
C ASN A 193 14.03 23.31 33.58
N PHE A 194 12.98 23.01 32.80
CA PHE A 194 12.63 21.62 32.49
C PHE A 194 12.16 21.49 31.04
N GLU A 195 13.10 21.64 30.12
CA GLU A 195 12.76 21.61 28.70
C GLU A 195 12.78 20.21 28.04
N PHE A 196 11.95 20.02 27.02
CA PHE A 196 12.01 18.80 26.19
C PHE A 196 12.02 17.47 26.96
N PRO A 197 11.10 17.31 27.91
CA PRO A 197 11.15 16.03 28.62
C PRO A 197 10.93 14.87 27.66
N THR A 198 11.79 13.85 27.75
CA THR A 198 11.60 12.64 26.98
C THR A 198 11.29 11.50 27.97
N CYS A 199 10.28 10.70 27.63
CA CYS A 199 9.63 9.87 28.64
C CYS A 199 9.46 8.38 28.33
N TYR A 200 9.15 7.61 29.38
CA TYR A 200 8.73 6.21 29.23
C TYR A 200 7.78 5.81 30.36
N TYR A 201 6.95 4.82 30.10
CA TYR A 201 6.04 4.30 31.12
C TYR A 201 6.57 3.01 31.77
N THR A 202 6.46 2.89 33.09
CA THR A 202 6.66 1.61 33.80
C THR A 202 6.17 1.59 35.26
N SER A 203 5.71 0.43 35.74
CA SER A 203 5.18 0.29 37.11
C SER A 203 4.21 1.40 37.51
N GLY A 204 3.21 1.65 36.68
CA GLY A 204 2.25 2.68 36.99
C GLY A 204 2.75 4.12 36.96
N LYS A 205 3.95 4.36 36.43
CA LYS A 205 4.44 5.72 36.35
C LYS A 205 4.99 6.11 34.98
N VAL A 206 4.75 7.35 34.58
CA VAL A 206 5.50 7.96 33.47
C VAL A 206 6.73 8.63 34.06
N LYS A 207 7.89 8.33 33.49
CA LYS A 207 9.15 8.87 33.98
C LYS A 207 9.84 9.65 32.87
N CYS A 208 10.37 10.81 33.23
CA CYS A 208 10.77 11.79 32.23
C CYS A 208 12.09 12.43 32.57
N THR A 209 12.94 12.53 31.55
CA THR A 209 14.19 13.26 31.67
C THR A 209 14.08 14.54 30.84
N GLY A 210 14.39 15.66 31.46
CA GLY A 210 14.29 16.93 30.78
C GLY A 210 15.63 17.60 30.67
N THR A 211 15.65 18.78 30.03
CA THR A 211 16.87 19.54 29.88
C THR A 211 16.76 20.87 30.59
N ASN A 212 17.70 21.11 31.50
CA ASN A 212 17.80 22.39 32.19
C ASN A 212 18.77 23.30 31.44
N LEU A 213 18.23 24.35 30.79
CA LEU A 213 19.02 25.30 30.01
C LEU A 213 19.56 26.45 30.85
N TRP A 214 19.18 26.43 32.12
CA TRP A 214 19.43 27.54 33.01
C TRP A 214 20.63 27.28 33.90
N ASN A 215 20.49 26.31 34.81
CA ASN A 215 21.43 26.20 35.92
C ASN A 215 21.85 24.78 36.31
N ASP A 216 21.79 23.83 35.37
CA ASP A 216 22.21 22.48 35.75
C ASP A 216 22.79 21.67 34.62
N ALA A 217 24.01 21.17 34.83
CA ALA A 217 24.73 20.28 33.91
C ALA A 217 24.32 18.80 34.02
N LYS A 218 23.65 18.45 35.12
CA LYS A 218 22.89 17.20 35.20
C LYS A 218 21.48 17.40 34.61
N ARG A 219 20.75 16.31 34.37
CA ARG A 219 19.38 16.45 33.89
C ARG A 219 18.34 16.26 35.00
N PRO A 220 17.33 17.16 35.06
CA PRO A 220 16.22 16.99 35.99
C PRO A 220 15.38 15.77 35.64
N PHE A 221 14.87 15.10 36.68
CA PHE A 221 14.05 13.94 36.47
C PHE A 221 12.65 14.13 37.04
N LEU A 222 11.68 13.50 36.39
CA LEU A 222 10.28 13.64 36.79
C LEU A 222 9.60 12.29 36.71
N GLU A 223 8.84 11.94 37.74
CA GLU A 223 7.91 10.83 37.62
C GLU A 223 6.53 11.26 38.09
N PHE A 224 5.52 10.68 37.47
CA PHE A 224 4.15 10.88 37.88
C PHE A 224 3.27 9.69 37.54
N ASP A 225 2.13 9.61 38.22
CA ASP A 225 1.15 8.56 38.00
C ASP A 225 -0.07 9.21 37.35
N GLN A 226 -1.16 8.47 37.22
CA GLN A 226 -2.30 8.96 36.47
C GLN A 226 -3.18 9.91 37.29
N SER A 227 -2.93 9.98 38.59
CA SER A 227 -3.62 10.93 39.46
C SER A 227 -2.86 12.25 39.48
N PHE A 228 -1.88 12.34 38.59
CA PHE A 228 -0.96 13.46 38.51
C PHE A 228 -0.27 13.76 39.83
N THR A 229 -0.11 12.73 40.66
CA THR A 229 0.78 12.84 41.80
C THR A 229 2.20 12.73 41.27
N TYR A 230 3.03 13.73 41.58
CA TYR A 230 4.35 13.80 40.94
C TYR A 230 5.53 14.10 41.86
N THR A 231 6.71 13.76 41.39
CA THR A 231 7.94 14.02 42.11
C THR A 231 9.07 14.35 41.15
N PHE A 232 9.72 15.48 41.40
CA PHE A 232 10.93 15.82 40.67
C PHE A 232 12.13 15.23 41.42
N LYS A 233 13.05 14.69 40.66
CA LYS A 233 14.23 14.09 41.26
C LYS A 233 15.49 14.60 40.58
N GLU A 234 16.54 14.72 41.36
CA GLU A 234 17.85 15.09 40.86
C GLU A 234 18.82 13.91 40.98
N PRO A 235 19.37 13.44 39.84
CA PRO A 235 20.32 12.32 39.80
C PRO A 235 21.54 12.62 40.65
N CYS A 236 21.97 11.63 41.42
CA CYS A 236 23.04 11.82 42.39
C CYS A 236 24.41 11.42 41.84
N LEU A 237 24.49 11.23 40.52
CA LEU A 237 25.68 10.69 39.87
C LEU A 237 26.53 11.77 39.20
N GLY A 238 27.83 11.77 39.48
CA GLY A 238 28.76 12.73 38.90
C GLY A 238 29.05 12.58 37.41
N PHE A 239 28.46 11.56 36.78
CA PHE A 239 28.48 11.39 35.32
C PHE A 239 27.43 12.33 34.72
N LEU A 240 27.86 13.53 34.29
CA LEU A 240 26.94 14.59 33.89
C LEU A 240 26.35 14.33 32.50
N GLY A 241 25.03 14.46 32.38
CA GLY A 241 24.35 14.06 31.16
C GLY A 241 24.21 15.16 30.12
N ASP A 242 24.12 16.41 30.58
CA ASP A 242 23.91 17.51 29.66
C ASP A 242 25.15 17.85 28.84
N THR A 243 24.90 18.56 27.74
CA THR A 243 25.91 19.17 26.90
C THR A 243 25.39 20.57 26.58
N PRO A 244 26.14 21.62 26.96
CA PRO A 244 27.47 21.57 27.56
C PRO A 244 27.49 21.15 29.04
N ARG A 245 28.72 20.96 29.53
CA ARG A 245 28.99 20.50 30.89
C ARG A 245 30.50 20.59 31.12
N GLY A 246 30.91 20.59 32.40
CA GLY A 246 32.31 20.61 32.76
C GLY A 246 32.85 19.22 33.05
N ILE A 247 33.87 19.15 33.90
CA ILE A 247 34.49 17.89 34.28
C ILE A 247 33.51 17.09 35.14
N ASP A 248 33.54 15.76 35.00
CA ASP A 248 32.72 14.89 35.85
C ASP A 248 33.08 15.09 37.32
N THR A 249 32.06 15.05 38.19
CA THR A 249 32.26 15.34 39.61
C THR A 249 32.09 14.11 40.48
N THR A 250 32.31 14.27 41.78
CA THR A 250 31.98 13.24 42.75
C THR A 250 30.45 13.16 42.81
N ASN A 251 29.93 12.10 43.42
CA ASN A 251 28.50 11.95 43.51
C ASN A 251 27.86 12.78 44.62
N TYR A 252 26.89 13.62 44.24
CA TYR A 252 26.07 14.33 45.22
C TYR A 252 24.63 14.51 44.76
N CYS A 253 23.76 14.91 45.68
CA CYS A 253 22.33 14.86 45.40
C CYS A 253 21.72 16.14 44.82
N ASP A 254 22.47 17.24 44.82
CA ASP A 254 21.94 18.46 44.25
C ASP A 254 22.60 18.85 42.94
N LYS A 255 22.22 20.02 42.44
CA LYS A 255 22.53 20.42 41.07
C LYS A 255 24.02 20.67 40.86
N THR A 256 24.49 20.32 39.68
CA THR A 256 25.79 20.77 39.24
C THR A 256 25.57 22.05 38.43
N THR A 257 25.91 23.18 39.04
CA THR A 257 25.61 24.48 38.47
C THR A 257 26.67 24.94 37.48
N THR A 258 27.87 24.35 37.59
CA THR A 258 29.00 24.72 36.75
C THR A 258 28.75 24.32 35.31
N GLU A 259 28.83 25.30 34.39
CA GLU A 259 28.51 25.08 32.98
C GLU A 259 27.07 24.61 32.80
N GLY A 260 26.21 25.01 33.73
CA GLY A 260 24.83 24.55 33.76
C GLY A 260 23.88 25.36 32.88
N GLU A 261 24.40 26.35 32.17
CA GLU A 261 23.56 27.11 31.24
C GLU A 261 23.66 26.45 29.88
N GLY A 262 22.61 26.59 29.06
CA GLY A 262 22.54 25.88 27.79
C GLY A 262 22.06 24.45 27.99
N GLY A 263 22.24 23.60 26.98
CA GLY A 263 21.84 22.22 27.11
C GLY A 263 21.24 21.68 25.83
N ILE A 264 21.01 20.37 25.79
CA ILE A 264 20.47 19.71 24.61
C ILE A 264 19.59 18.55 25.07
N GLN A 265 18.52 18.25 24.35
CA GLN A 265 17.60 17.19 24.76
C GLN A 265 18.33 15.87 24.84
N GLY A 266 18.06 15.13 25.92
CA GLY A 266 18.67 13.84 26.17
C GLY A 266 17.93 13.09 27.27
N PHE A 267 18.41 11.91 27.62
CA PHE A 267 17.63 11.04 28.50
C PHE A 267 18.50 10.29 29.49
N MET A 268 17.89 9.93 30.61
CA MET A 268 18.41 8.89 31.49
C MET A 268 17.30 7.88 31.61
N ILE A 269 17.65 6.65 31.99
CA ILE A 269 16.67 5.61 32.27
C ILE A 269 16.92 5.17 33.70
N GLU A 270 15.88 5.22 34.52
CA GLU A 270 16.00 4.69 35.87
C GLU A 270 15.30 3.35 36.01
N GLY A 271 16.04 2.36 36.45
CA GLY A 271 15.52 1.00 36.56
C GLY A 271 16.37 0.20 37.53
N SER A 272 16.17 -1.12 37.60
CA SER A 272 17.05 -1.93 38.46
C SER A 272 18.46 -1.81 37.91
N ASN A 273 18.54 -1.71 36.59
CA ASN A 273 19.71 -1.17 35.92
C ASN A 273 19.34 0.23 35.48
N SER A 274 20.18 1.20 35.80
CA SER A 274 19.95 2.55 35.29
C SER A 274 20.94 2.92 34.19
N TRP A 275 20.57 3.89 33.36
CA TRP A 275 21.44 4.33 32.28
C TRP A 275 21.49 5.83 32.16
N ILE A 276 22.65 6.34 31.73
CA ILE A 276 22.76 7.73 31.32
C ILE A 276 23.44 7.78 29.96
N GLY A 277 22.71 8.31 28.98
CA GLY A 277 23.28 8.58 27.66
C GLY A 277 23.73 10.04 27.56
N ARG A 278 24.91 10.24 27.00
CA ARG A 278 25.43 11.58 26.79
C ARG A 278 26.33 11.65 25.59
N ILE A 279 26.57 12.89 25.17
CA ILE A 279 27.55 13.25 24.16
C ILE A 279 28.92 13.13 24.83
N ILE A 280 29.86 12.44 24.17
CA ILE A 280 31.18 12.17 24.74
C ILE A 280 32.03 13.43 24.86
N ASN A 281 32.30 14.09 23.75
CA ASN A 281 33.00 15.38 23.77
C ASN A 281 32.02 16.55 23.74
N PRO A 282 31.85 17.23 24.89
CA PRO A 282 30.91 18.37 24.93
C PRO A 282 31.28 19.52 24.00
N GLY A 283 32.58 19.70 23.73
CA GLY A 283 33.06 20.79 22.89
C GLY A 283 32.78 20.58 21.41
N SER A 284 33.49 19.65 20.79
CA SER A 284 33.13 19.20 19.44
C SER A 284 32.03 18.22 19.73
N LYS A 285 30.80 18.52 19.33
CA LYS A 285 29.72 17.66 19.79
C LYS A 285 29.80 16.21 19.21
N LYS A 286 30.97 15.57 19.39
CA LYS A 286 31.26 14.28 18.76
C LYS A 286 31.12 13.10 19.73
N GLY A 287 30.54 12.01 19.22
CA GLY A 287 30.46 10.75 19.95
C GLY A 287 29.29 10.60 20.91
N PHE A 288 28.80 9.38 21.05
CA PHE A 288 27.73 9.12 22.01
C PHE A 288 28.03 7.88 22.86
N GLU A 289 27.95 8.04 24.18
CA GLU A 289 28.17 6.93 25.09
C GLU A 289 26.93 6.70 25.96
N ILE A 290 26.70 5.45 26.37
CA ILE A 290 25.63 5.13 27.29
C ILE A 290 26.11 4.10 28.29
N TYR A 291 25.76 4.37 29.55
CA TYR A 291 26.52 3.86 30.66
C TYR A 291 25.56 3.24 31.69
N LYS A 292 25.73 1.94 31.94
CA LYS A 292 24.85 1.24 32.87
C LYS A 292 25.34 1.41 34.31
N PHE A 293 24.39 1.56 35.23
CA PHE A 293 24.66 1.60 36.66
C PHE A 293 23.85 0.54 37.38
N LEU A 294 24.41 -0.02 38.45
CA LEU A 294 23.70 -1.03 39.21
C LEU A 294 22.89 -0.38 40.33
N GLY A 295 21.67 0.04 40.00
CA GLY A 295 20.80 0.70 40.95
C GLY A 295 20.26 2.05 40.52
N THR A 296 19.66 2.76 41.48
CA THR A 296 18.93 3.99 41.22
C THR A 296 19.88 5.12 40.79
N LEU A 297 19.41 5.96 39.87
CA LEU A 297 20.14 7.18 39.54
C LEU A 297 20.21 8.14 40.74
N PHE A 298 19.38 7.89 41.77
CA PHE A 298 19.21 8.84 42.88
C PHE A 298 19.76 8.41 44.22
N SER A 299 20.88 7.70 44.18
CA SER A 299 21.68 7.39 45.36
C SER A 299 23.15 7.64 45.03
N VAL A 300 23.88 8.24 45.96
CA VAL A 300 25.32 8.39 45.80
C VAL A 300 26.03 7.02 45.73
N GLN A 301 25.52 6.07 46.49
CA GLN A 301 26.12 4.75 46.60
C GLN A 301 26.12 3.90 45.32
N THR A 302 25.30 4.23 44.33
CA THR A 302 25.24 3.39 43.12
C THR A 302 26.48 3.58 42.22
N VAL A 303 26.87 2.52 41.51
CA VAL A 303 28.27 2.37 41.07
C VAL A 303 28.66 2.53 39.61
N GLY A 304 27.96 1.84 38.71
CA GLY A 304 28.38 1.91 37.32
C GLY A 304 29.11 0.64 36.93
N ASN A 305 28.64 0.02 35.86
CA ASN A 305 28.95 -1.37 35.57
C ASN A 305 29.53 -1.52 34.18
N ARG A 306 29.05 -0.71 33.24
CA ARG A 306 29.48 -0.83 31.85
C ARG A 306 29.15 0.38 31.01
N ASN A 307 30.16 0.85 30.28
CA ASN A 307 29.98 2.01 29.43
C ASN A 307 30.19 1.71 27.94
N TYR A 308 29.11 1.74 27.18
CA TYR A 308 29.18 1.53 25.73
C TYR A 308 29.38 2.81 24.93
N GLN A 309 30.51 2.91 24.24
CA GLN A 309 30.76 3.98 23.26
C GLN A 309 30.06 3.60 21.94
N LEU A 310 28.79 3.98 21.76
CA LEU A 310 28.05 3.58 20.57
C LEU A 310 28.47 4.33 19.29
N LEU A 311 28.82 5.60 19.42
CA LEU A 311 29.34 6.38 18.30
C LEU A 311 30.61 7.11 18.73
N SER A 312 31.55 7.24 17.82
CA SER A 312 32.81 7.91 18.14
C SER A 312 33.08 9.08 17.21
N ASN A 313 32.56 8.99 15.98
CA ASN A 313 32.99 9.89 14.93
C ASN A 313 31.91 10.83 14.41
N SER A 314 30.65 10.54 14.72
CA SER A 314 29.55 11.37 14.25
C SER A 314 29.35 12.59 15.17
N THR A 315 28.79 13.68 14.67
CA THR A 315 28.46 14.73 15.63
C THR A 315 27.00 14.63 16.06
N ILE A 316 26.78 14.78 17.36
CA ILE A 316 25.54 14.38 17.97
C ILE A 316 24.70 15.59 18.39
N GLY A 317 23.41 15.53 18.09
CA GLY A 317 22.45 16.52 18.57
C GLY A 317 21.57 15.99 19.70
N ARG A 318 20.26 15.97 19.46
CA ARG A 318 19.32 15.57 20.48
C ARG A 318 19.18 14.06 20.53
N SER A 319 18.65 13.56 21.63
CA SER A 319 18.35 12.13 21.75
C SER A 319 17.17 11.95 22.70
N GLY A 320 16.42 10.85 22.52
CA GLY A 320 15.18 10.65 23.25
C GLY A 320 14.66 9.22 23.27
N LEU A 321 13.76 8.94 24.21
CA LEU A 321 13.23 7.60 24.43
C LEU A 321 11.97 7.30 23.64
N TYR A 322 11.80 6.02 23.30
CA TYR A 322 10.51 5.56 22.78
C TYR A 322 10.19 4.10 23.11
N GLN A 323 8.90 3.81 23.26
CA GLN A 323 8.49 2.43 23.60
C GLN A 323 7.64 1.78 22.52
N PRO A 324 8.20 0.77 21.83
CA PRO A 324 7.35 -0.02 20.92
C PRO A 324 6.25 -0.67 21.78
N ALA A 325 5.07 -0.83 21.23
CA ALA A 325 3.93 -1.03 22.10
C ALA A 325 3.00 -2.10 21.60
N TYR A 326 3.24 -2.53 20.36
CA TYR A 326 2.36 -3.50 19.71
C TYR A 326 2.76 -4.92 20.17
N GLU A 327 2.12 -5.34 21.26
CA GLU A 327 2.69 -6.27 22.21
C GLU A 327 1.57 -6.70 23.14
N SER A 328 1.66 -7.91 23.66
CA SER A 328 0.93 -8.28 24.86
C SER A 328 1.91 -9.07 25.71
N ARG A 329 3.17 -8.93 25.29
CA ARG A 329 4.33 -9.67 25.80
C ARG A 329 4.59 -9.54 27.31
N ASP A 330 5.56 -10.32 27.79
CA ASP A 330 5.80 -10.48 29.21
C ASP A 330 6.73 -9.42 29.80
N CYS A 331 7.08 -8.45 28.97
CA CYS A 331 8.21 -7.59 29.26
C CYS A 331 8.14 -6.40 28.28
N GLN A 332 8.26 -5.18 28.78
CA GLN A 332 8.08 -3.99 27.93
C GLN A 332 9.44 -3.51 27.42
N GLU A 333 9.53 -3.38 26.10
CA GLU A 333 10.77 -3.02 25.43
C GLU A 333 11.03 -1.50 25.46
N LEU A 334 12.30 -1.11 25.50
CA LEU A 334 12.65 0.31 25.56
C LEU A 334 13.67 0.69 24.48
N CYS A 335 13.43 1.80 23.80
CA CYS A 335 14.35 2.24 22.73
C CYS A 335 14.66 3.71 22.82
N PHE A 336 15.67 4.13 22.06
CA PHE A 336 15.97 5.54 21.97
C PHE A 336 16.45 5.96 20.57
N TRP A 337 16.24 7.24 20.23
CA TRP A 337 16.73 7.78 18.97
C TRP A 337 17.83 8.79 19.24
N ILE A 338 18.73 8.95 18.27
CA ILE A 338 19.71 10.03 18.30
C ILE A 338 19.63 10.82 17.01
N GLU A 339 19.54 12.14 17.14
CA GLU A 339 19.62 13.03 15.99
C GLU A 339 21.08 13.41 15.75
N ILE A 340 21.50 13.27 14.50
CA ILE A 340 22.88 13.33 14.11
C ILE A 340 23.06 14.42 13.09
N ALA A 341 24.16 15.15 13.15
CA ALA A 341 24.45 16.10 12.08
C ALA A 341 24.88 15.34 10.83
N ALA A 342 24.27 15.69 9.72
CA ALA A 342 24.56 15.04 8.45
C ALA A 342 24.81 16.11 7.38
N THR A 343 25.23 15.67 6.22
CA THR A 343 25.46 16.56 5.10
C THR A 343 24.81 15.96 3.85
N THR A 344 24.16 16.78 3.04
CA THR A 344 23.52 16.29 1.82
C THR A 344 24.57 16.13 0.72
N LYS A 345 24.23 15.38 -0.33
CA LYS A 345 25.18 15.12 -1.42
C LYS A 345 25.64 16.42 -2.07
N ALA A 346 24.70 17.34 -2.24
CA ALA A 346 25.00 18.67 -2.75
C ALA A 346 25.92 19.40 -1.78
N GLY A 347 25.81 19.06 -0.49
CA GLY A 347 26.64 19.66 0.53
C GLY A 347 25.93 20.60 1.51
N LEU A 348 24.59 20.50 1.58
CA LEU A 348 23.83 21.20 2.62
C LEU A 348 23.94 20.50 3.97
N SER A 349 23.87 21.29 5.04
CA SER A 349 23.74 20.74 6.39
C SER A 349 22.33 20.20 6.61
N SER A 350 22.24 19.00 7.18
CA SER A 350 20.95 18.43 7.56
C SER A 350 21.13 17.52 8.77
N ASN A 351 20.06 16.84 9.16
CA ASN A 351 20.15 15.85 10.21
C ASN A 351 19.79 14.50 9.64
N ASP A 352 20.24 13.45 10.30
CA ASP A 352 19.43 12.25 10.34
C ASP A 352 19.37 11.60 11.71
N LEU A 353 18.94 10.36 11.70
CA LEU A 353 18.29 9.79 12.85
C LEU A 353 18.73 8.34 12.94
N ILE A 354 19.21 7.92 14.09
CA ILE A 354 19.52 6.52 14.29
C ILE A 354 18.82 6.04 15.56
N THR A 355 18.54 4.74 15.62
CA THR A 355 17.75 4.20 16.71
C THR A 355 18.37 2.96 17.31
N PHE A 356 18.41 2.92 18.64
CA PHE A 356 18.80 1.69 19.34
C PHE A 356 17.68 1.16 20.22
N CYS A 357 17.65 -0.16 20.36
CA CYS A 357 16.69 -0.82 21.24
C CYS A 357 17.42 -1.72 22.22
N GLY A 358 16.80 -1.89 23.39
CA GLY A 358 17.43 -2.59 24.49
C GLY A 358 17.49 -4.11 24.27
N THR A 359 18.43 -4.75 24.96
CA THR A 359 18.48 -6.18 24.99
C THR A 359 19.02 -6.61 26.34
N GLY A 360 18.61 -7.80 26.78
CA GLY A 360 19.03 -8.32 28.07
C GLY A 360 20.37 -9.02 27.92
N GLY A 361 20.67 -9.41 26.67
CA GLY A 361 21.98 -9.92 26.32
C GLY A 361 23.06 -8.87 26.53
N SER A 362 24.17 -9.28 27.15
CA SER A 362 25.32 -8.41 27.26
C SER A 362 26.02 -8.30 25.90
N MET A 363 26.27 -7.06 25.49
CA MET A 363 26.73 -6.77 24.13
C MET A 363 28.24 -6.54 24.05
N PRO A 364 28.81 -6.80 22.88
CA PRO A 364 30.22 -6.49 22.65
C PRO A 364 30.42 -4.98 22.48
N ASP A 365 31.66 -4.56 22.25
CA ASP A 365 31.96 -3.16 21.99
C ASP A 365 32.04 -2.93 20.51
N VAL A 366 31.01 -2.31 19.95
CA VAL A 366 31.00 -2.00 18.53
C VAL A 366 30.68 -0.53 18.34
N ASN A 367 31.54 0.15 17.61
CA ASN A 367 31.27 1.52 17.20
C ASN A 367 30.39 1.53 15.93
N TRP A 368 29.33 2.34 15.96
CA TRP A 368 28.34 2.34 14.89
C TRP A 368 28.50 3.49 13.90
N GLY A 369 29.43 4.39 14.18
CA GLY A 369 29.66 5.55 13.34
C GLY A 369 30.38 6.71 14.05
N ALA B 6 -4.08 -14.86 14.71
CA ALA B 6 -5.19 -15.59 15.36
C ALA B 6 -4.82 -17.04 15.69
N THR B 7 -4.15 -17.76 14.79
CA THR B 7 -3.77 -19.14 15.16
C THR B 7 -2.34 -19.53 14.76
N PRO B 8 -1.72 -20.47 15.51
CA PRO B 8 -0.35 -20.85 15.09
C PRO B 8 -0.34 -21.49 13.72
N LEU B 9 0.60 -21.09 12.89
CA LEU B 9 0.84 -21.77 11.64
C LEU B 9 1.27 -23.22 11.95
N VAL B 10 0.58 -24.18 11.34
CA VAL B 10 0.99 -25.57 11.45
C VAL B 10 0.99 -26.21 10.05
N LEU B 11 2.14 -26.81 9.71
CA LEU B 11 2.40 -27.37 8.39
C LEU B 11 1.84 -28.78 8.25
N GLY B 12 1.74 -29.25 7.01
CA GLY B 12 1.30 -30.60 6.72
C GLY B 12 2.29 -31.71 7.07
N GLU B 13 1.80 -32.70 7.80
CA GLU B 13 2.62 -33.83 8.22
C GLU B 13 3.15 -34.67 7.04
N ASN B 14 2.46 -34.61 5.90
CA ASN B 14 2.84 -35.42 4.73
C ASN B 14 3.05 -34.63 3.43
N LEU B 15 4.20 -34.86 2.80
CA LEU B 15 4.53 -34.13 1.58
C LEU B 15 3.64 -34.49 0.42
N CYS B 16 3.49 -33.55 -0.50
CA CYS B 16 2.83 -33.85 -1.76
C CYS B 16 3.71 -34.84 -2.52
N SER B 17 3.11 -35.62 -3.39
CA SER B 17 3.91 -36.43 -4.29
C SER B 17 4.51 -35.49 -5.32
N ILE B 18 5.83 -35.56 -5.50
CA ILE B 18 6.49 -34.68 -6.47
C ILE B 18 7.19 -35.46 -7.60
N ASN B 19 6.85 -35.17 -8.85
CA ASN B 19 7.55 -35.81 -9.96
C ASN B 19 7.99 -34.79 -11.00
N GLY B 20 7.80 -33.53 -10.66
CA GLY B 20 8.19 -32.47 -11.56
C GLY B 20 8.15 -31.13 -10.89
N TRP B 21 8.74 -30.15 -11.56
CA TRP B 21 8.82 -28.81 -11.00
C TRP B 21 8.31 -27.81 -12.01
N VAL B 22 7.59 -26.81 -11.52
CA VAL B 22 7.12 -25.70 -12.35
C VAL B 22 7.41 -24.39 -11.66
N PRO B 23 7.94 -23.41 -12.42
CA PRO B 23 8.24 -22.08 -11.88
C PRO B 23 7.00 -21.31 -11.45
N THR B 24 7.12 -20.62 -10.31
CA THR B 24 6.00 -19.83 -9.78
C THR B 24 6.37 -18.35 -9.70
N TYR B 25 7.65 -18.07 -9.64
CA TYR B 25 8.13 -16.72 -9.85
C TYR B 25 9.38 -16.82 -10.69
N ARG B 26 9.49 -15.91 -11.64
CA ARG B 26 10.68 -15.84 -12.47
C ARG B 26 11.03 -14.37 -12.65
N GLY B 27 12.15 -13.95 -12.05
CA GLY B 27 12.53 -12.56 -12.05
C GLY B 27 12.84 -12.01 -13.42
N GLU B 28 12.83 -10.68 -13.54
CA GLU B 28 13.00 -10.02 -14.81
C GLU B 28 14.41 -10.24 -15.35
N GLY B 29 15.36 -10.47 -14.44
CA GLY B 29 16.76 -10.65 -14.80
C GLY B 29 17.11 -12.05 -15.28
N THR B 30 16.14 -12.95 -15.20
CA THR B 30 16.30 -14.27 -15.81
C THR B 30 16.19 -14.13 -17.32
N THR B 31 15.19 -13.37 -17.75
CA THR B 31 14.77 -13.25 -19.14
C THR B 31 15.27 -11.97 -19.81
N GLY B 32 16.26 -11.32 -19.20
CA GLY B 32 16.79 -10.07 -19.72
C GLY B 32 17.57 -9.27 -18.70
N LYS B 33 17.41 -7.96 -18.73
CA LYS B 33 18.11 -7.09 -17.78
C LYS B 33 17.16 -6.56 -16.72
N ILE B 34 17.72 -6.11 -15.60
CA ILE B 34 16.88 -5.62 -14.51
C ILE B 34 16.69 -4.12 -14.55
N PRO B 35 15.43 -3.67 -14.45
CA PRO B 35 15.08 -2.27 -14.24
C PRO B 35 15.87 -1.68 -13.08
N ASP B 36 16.49 -0.52 -13.28
CA ASP B 36 17.37 0.07 -12.26
C ASP B 36 16.61 0.79 -11.15
N GLU B 37 15.30 0.91 -11.33
CA GLU B 37 14.40 1.39 -10.28
C GLU B 37 14.50 0.44 -9.09
N GLN B 38 14.55 -0.84 -9.42
CA GLN B 38 14.66 -1.93 -8.45
C GLN B 38 15.95 -1.87 -7.64
N MET B 39 15.83 -2.25 -6.37
CA MET B 39 16.96 -2.37 -5.46
C MET B 39 17.94 -3.48 -5.86
N LEU B 40 19.19 -3.32 -5.42
CA LEU B 40 20.22 -4.31 -5.67
C LEU B 40 20.25 -5.42 -4.59
N THR B 41 19.39 -6.41 -4.77
CA THR B 41 19.25 -7.52 -3.82
C THR B 41 20.46 -8.45 -3.74
N ARG B 42 20.72 -8.97 -2.55
CA ARG B 42 21.61 -10.13 -2.38
C ARG B 42 21.15 -10.98 -1.19
N GLN B 43 21.75 -12.16 -1.02
CA GLN B 43 21.30 -13.16 -0.05
C GLN B 43 19.77 -13.35 -0.08
N ASN B 44 19.20 -13.42 -1.29
CA ASN B 44 17.78 -13.70 -1.48
C ASN B 44 17.36 -15.07 -0.94
N PHE B 45 16.13 -15.16 -0.45
CA PHE B 45 15.55 -16.45 -0.10
C PHE B 45 14.06 -16.24 0.13
N VAL B 46 13.33 -17.34 0.24
CA VAL B 46 11.89 -17.23 0.36
C VAL B 46 11.39 -17.86 1.64
N SER B 47 10.53 -17.11 2.33
CA SER B 47 9.86 -17.64 3.52
C SER B 47 8.37 -17.32 3.43
N CYS B 48 7.55 -18.20 4.00
CA CYS B 48 6.11 -18.11 3.84
C CYS B 48 5.36 -17.95 5.14
N SER B 49 4.24 -17.28 5.08
CA SER B 49 3.41 -17.11 6.25
C SER B 49 2.11 -17.84 6.02
N ASP B 50 1.17 -17.58 6.91
CA ASP B 50 -0.19 -18.12 6.83
C ASP B 50 -0.98 -17.46 5.69
N LYS B 51 -0.46 -16.33 5.18
CA LYS B 51 -1.17 -15.54 4.18
C LYS B 51 -0.43 -15.41 2.84
N GLU B 52 0.89 -15.35 2.87
CA GLU B 52 1.66 -15.10 1.65
C GLU B 52 3.08 -15.65 1.71
N CYS B 53 3.72 -15.77 0.55
CA CYS B 53 5.17 -16.00 0.50
C CYS B 53 5.88 -14.69 0.27
N ARG B 54 7.02 -14.53 0.94
CA ARG B 54 7.78 -13.29 0.83
C ARG B 54 9.21 -13.55 0.45
N ARG B 55 9.70 -12.64 -0.37
CA ARG B 55 11.09 -12.65 -0.78
C ARG B 55 11.90 -11.76 0.15
N PHE B 56 12.78 -12.38 0.93
CA PHE B 56 13.74 -11.67 1.77
C PHE B 56 15.10 -11.55 1.08
N PHE B 57 15.82 -10.48 1.38
CA PHE B 57 17.15 -10.26 0.83
C PHE B 57 17.89 -9.19 1.65
N VAL B 58 19.17 -9.01 1.33
CA VAL B 58 20.01 -8.00 1.95
C VAL B 58 20.42 -7.03 0.84
N SER B 59 20.39 -5.72 1.12
CA SER B 59 20.78 -4.75 0.11
C SER B 59 21.57 -3.60 0.70
N MET B 60 22.03 -2.73 -0.19
CA MET B 60 22.79 -1.56 0.22
C MET B 60 22.03 -0.30 -0.21
N GLY B 61 21.56 -0.32 -1.45
CA GLY B 61 20.85 0.77 -2.06
C GLY B 61 20.44 0.39 -3.47
N TYR B 62 20.72 1.27 -4.43
CA TYR B 62 20.15 1.12 -5.77
C TYR B 62 21.17 0.96 -6.92
N VAL B 73 30.49 -8.89 4.96
CA VAL B 73 30.72 -7.96 6.07
C VAL B 73 30.82 -6.50 5.60
N SER B 74 29.70 -5.96 5.08
CA SER B 74 29.61 -4.52 4.78
C SER B 74 28.64 -3.85 5.78
N GLU B 75 29.05 -2.71 6.33
CA GLU B 75 28.29 -2.08 7.40
C GLU B 75 27.11 -1.25 6.90
N GLN B 76 27.03 -1.08 5.58
CA GLN B 76 26.01 -0.22 4.99
C GLN B 76 24.78 -1.03 4.58
N MET B 77 24.76 -2.31 4.98
CA MET B 77 23.71 -3.20 4.54
C MET B 77 22.57 -3.38 5.53
N ASN B 78 21.39 -3.62 4.96
CA ASN B 78 20.18 -3.86 5.71
C ASN B 78 19.38 -5.03 5.15
N VAL B 79 18.48 -5.55 5.97
CA VAL B 79 17.62 -6.65 5.57
C VAL B 79 16.26 -6.11 5.16
N TYR B 80 15.82 -6.48 3.96
CA TYR B 80 14.48 -6.12 3.47
C TYR B 80 13.70 -7.34 2.98
N SER B 81 12.48 -7.05 2.55
CA SER B 81 11.58 -8.08 2.06
C SER B 81 10.50 -7.45 1.19
N VAL B 82 9.98 -8.23 0.25
CA VAL B 82 8.81 -7.86 -0.53
C VAL B 82 7.98 -9.12 -0.62
N LYS B 83 6.73 -8.98 -1.04
CA LYS B 83 5.89 -10.14 -1.31
C LYS B 83 6.45 -10.82 -2.55
N LEU B 84 6.49 -12.15 -2.56
CA LEU B 84 6.92 -12.87 -3.74
C LEU B 84 5.97 -12.55 -4.90
N GLY B 85 6.52 -12.02 -5.98
CA GLY B 85 5.71 -11.68 -7.15
C GLY B 85 5.69 -10.19 -7.42
N ASP B 86 5.91 -9.41 -6.37
CA ASP B 86 6.12 -7.97 -6.49
C ASP B 86 7.60 -7.71 -6.76
N PRO B 87 7.92 -6.57 -7.37
CA PRO B 87 9.34 -6.23 -7.57
C PRO B 87 9.90 -5.43 -6.40
N PRO B 88 11.21 -5.51 -6.18
CA PRO B 88 11.86 -4.69 -5.14
C PRO B 88 12.01 -3.19 -5.50
N THR B 89 10.89 -2.59 -5.90
CA THR B 89 10.79 -1.13 -6.03
C THR B 89 10.42 -0.52 -4.66
N PRO B 90 10.90 0.70 -4.39
CA PRO B 90 10.67 1.47 -3.15
C PRO B 90 9.26 1.36 -2.56
N ASP B 91 8.23 1.43 -3.41
CA ASP B 91 6.84 1.36 -2.96
C ASP B 91 6.46 -0.02 -2.40
N LYS B 92 7.06 -1.08 -2.95
CA LYS B 92 6.76 -2.44 -2.53
C LYS B 92 7.70 -2.94 -1.42
N LEU B 93 8.77 -2.16 -1.20
CA LEU B 93 9.77 -2.48 -0.19
C LEU B 93 9.24 -2.52 1.24
N LYS B 94 10.01 -3.17 2.10
CA LYS B 94 9.73 -3.27 3.54
C LYS B 94 11.03 -3.47 4.28
N PHE B 95 11.38 -2.52 5.15
CA PHE B 95 12.59 -2.62 5.94
C PHE B 95 12.40 -3.71 7.02
N GLU B 96 13.43 -4.51 7.26
CA GLU B 96 13.27 -5.59 8.23
C GLU B 96 14.18 -5.43 9.45
N ALA B 97 15.43 -5.03 9.19
CA ALA B 97 16.51 -5.10 10.18
C ALA B 97 17.81 -4.56 9.60
N VAL B 98 18.72 -4.16 10.48
CA VAL B 98 20.09 -3.82 10.13
C VAL B 98 20.91 -5.11 10.04
N GLY B 99 21.68 -5.27 8.97
CA GLY B 99 22.55 -6.42 8.90
C GLY B 99 22.80 -6.95 7.51
N TRP B 100 23.77 -7.86 7.42
CA TRP B 100 24.22 -8.36 6.13
C TRP B 100 23.87 -9.83 5.93
N SER B 101 23.32 -10.45 6.97
CA SER B 101 23.01 -11.89 6.97
C SER B 101 21.67 -12.12 7.66
N ALA B 102 20.74 -12.72 6.95
CA ALA B 102 19.41 -12.90 7.54
C ALA B 102 18.74 -14.24 7.27
N SER B 103 17.95 -14.64 8.26
CA SER B 103 17.09 -15.81 8.19
C SER B 103 15.71 -15.32 8.67
N SER B 104 14.63 -15.91 8.16
CA SER B 104 13.32 -15.56 8.71
C SER B 104 12.26 -16.66 8.60
N CYS B 105 11.23 -16.53 9.43
CA CYS B 105 10.11 -17.46 9.38
C CYS B 105 8.92 -16.89 10.11
N HIS B 106 7.73 -17.30 9.67
CA HIS B 106 6.50 -16.85 10.29
C HIS B 106 5.87 -17.95 11.14
N ASP B 107 5.30 -17.58 12.29
CA ASP B 107 4.75 -18.59 13.22
C ASP B 107 3.23 -18.66 13.21
N GLY B 108 2.60 -17.82 12.39
CA GLY B 108 1.15 -17.69 12.39
C GLY B 108 0.72 -16.38 13.03
N PHE B 109 1.64 -15.74 13.75
CA PHE B 109 1.38 -14.49 14.43
C PHE B 109 2.21 -13.34 13.92
N GLN B 110 3.49 -13.61 13.72
CA GLN B 110 4.44 -12.55 13.50
C GLN B 110 5.63 -13.09 12.74
N TRP B 111 6.30 -12.21 12.00
CA TRP B 111 7.59 -12.58 11.44
C TRP B 111 8.66 -12.53 12.52
N THR B 112 9.43 -13.61 12.58
CA THR B 112 10.67 -13.67 13.30
C THR B 112 11.78 -13.46 12.28
N VAL B 113 12.64 -12.47 12.51
CA VAL B 113 13.77 -12.22 11.62
C VAL B 113 15.10 -12.25 12.37
N LEU B 114 16.00 -13.10 11.90
CA LEU B 114 17.33 -13.21 12.49
C LEU B 114 18.34 -12.50 11.60
N SER B 115 19.04 -11.53 12.18
CA SER B 115 19.95 -10.70 11.41
C SER B 115 21.32 -10.58 12.07
N VAL B 116 22.37 -10.58 11.25
CA VAL B 116 23.74 -10.38 11.74
C VAL B 116 24.23 -8.97 11.41
N ALA B 117 24.71 -8.26 12.42
CA ALA B 117 25.22 -6.91 12.26
C ALA B 117 26.47 -6.69 13.12
N GLY B 118 27.04 -5.49 13.04
CA GLY B 118 28.18 -5.14 13.89
C GLY B 118 29.46 -5.92 13.61
N ASP B 119 30.01 -6.55 14.64
CA ASP B 119 31.18 -7.42 14.43
C ASP B 119 30.71 -8.85 14.16
N GLY B 120 29.42 -9.09 14.42
CA GLY B 120 28.78 -10.35 14.10
C GLY B 120 28.04 -11.01 15.24
N PHE B 121 27.23 -10.25 15.98
CA PHE B 121 26.25 -10.86 16.89
C PHE B 121 24.96 -11.01 16.09
N VAL B 122 23.99 -11.77 16.58
CA VAL B 122 22.70 -11.74 15.90
C VAL B 122 21.59 -11.12 16.74
N SER B 123 20.69 -10.41 16.06
CA SER B 123 19.49 -9.89 16.71
C SER B 123 18.27 -10.67 16.23
N ILE B 124 17.35 -10.89 17.15
CA ILE B 124 16.08 -11.44 16.76
C ILE B 124 15.03 -10.34 16.81
N LEU B 125 14.33 -10.14 15.69
CA LEU B 125 13.20 -9.24 15.65
C LEU B 125 11.88 -9.98 15.42
N TYR B 126 10.87 -9.61 16.19
CA TYR B 126 9.58 -10.26 16.13
C TYR B 126 8.53 -9.15 15.98
N GLY B 127 7.76 -9.19 14.90
CA GLY B 127 7.17 -7.97 14.40
C GLY B 127 8.41 -7.25 13.92
N GLY B 128 8.52 -5.96 14.23
CA GLY B 128 9.81 -5.32 14.05
C GLY B 128 10.45 -5.01 15.39
N ILE B 129 9.97 -5.68 16.45
CA ILE B 129 10.47 -5.44 17.79
C ILE B 129 11.66 -6.35 18.14
N ILE B 130 12.73 -5.76 18.66
CA ILE B 130 13.85 -6.57 19.14
C ILE B 130 13.42 -7.43 20.33
N THR B 131 13.61 -8.74 20.19
CA THR B 131 13.16 -9.70 21.21
C THR B 131 14.28 -10.51 21.85
N ASP B 132 15.48 -10.48 21.27
CA ASP B 132 16.60 -11.26 21.78
C ASP B 132 17.89 -10.96 21.00
N THR B 133 19.05 -11.18 21.62
CA THR B 133 20.30 -11.24 20.86
C THR B 133 21.00 -12.58 21.07
N ILE B 134 21.95 -12.89 20.19
CA ILE B 134 22.75 -14.11 20.30
C ILE B 134 24.20 -13.75 20.07
N HIS B 135 25.11 -14.31 20.86
CA HIS B 135 26.53 -13.92 20.76
C HIS B 135 27.50 -15.08 20.55
N PRO B 136 28.59 -14.82 19.80
CA PRO B 136 29.66 -15.80 19.60
C PRO B 136 30.52 -15.99 20.84
N THR B 137 31.02 -17.20 21.02
CA THR B 137 32.01 -17.47 22.05
C THR B 137 33.21 -18.11 21.40
N ASN B 138 33.11 -18.35 20.10
CA ASN B 138 34.23 -18.92 19.35
C ASN B 138 34.88 -17.97 18.34
N GLY B 139 34.56 -16.69 18.46
CA GLY B 139 35.34 -15.70 17.74
C GLY B 139 34.71 -15.00 16.56
N GLY B 140 33.58 -15.50 16.09
CA GLY B 140 32.80 -14.77 15.09
C GLY B 140 33.45 -14.62 13.73
N PRO B 141 32.72 -14.06 12.77
CA PRO B 141 31.38 -13.57 13.01
C PRO B 141 30.36 -14.70 13.00
N LEU B 142 29.18 -14.41 13.53
CA LEU B 142 28.06 -15.34 13.47
C LEU B 142 27.50 -15.35 12.03
N ARG B 143 26.87 -16.46 11.66
CA ARG B 143 26.28 -16.61 10.33
C ARG B 143 24.90 -17.22 10.46
N THR B 144 23.89 -16.57 9.90
CA THR B 144 22.56 -17.18 9.89
C THR B 144 22.54 -18.26 8.80
N GLN B 145 21.47 -19.04 8.74
CA GLN B 145 21.33 -20.08 7.72
C GLN B 145 21.01 -19.50 6.33
N ALA B 146 20.75 -18.18 6.27
CA ALA B 146 20.58 -17.49 5.00
C ALA B 146 19.53 -18.16 4.14
N SER B 147 18.40 -18.43 4.77
CA SER B 147 17.37 -19.25 4.19
C SER B 147 16.25 -19.25 5.21
N SER B 148 15.06 -19.66 4.80
CA SER B 148 13.94 -19.70 5.73
C SER B 148 14.24 -20.58 6.95
N CYS B 149 13.99 -20.05 8.14
CA CYS B 149 13.99 -20.91 9.33
C CYS B 149 12.61 -21.55 9.41
N ILE B 150 12.43 -22.50 10.33
CA ILE B 150 11.22 -23.34 10.29
C ILE B 150 10.37 -23.15 11.55
N CYS B 151 9.11 -22.81 11.33
CA CYS B 151 8.15 -22.66 12.43
C CYS B 151 7.08 -23.72 12.30
N ASN B 152 6.71 -24.30 13.41
CA ASN B 152 5.58 -25.22 13.37
C ASN B 152 4.93 -25.33 14.73
N ASP B 153 3.61 -25.12 14.73
CA ASP B 153 2.80 -25.20 15.94
C ASP B 153 3.29 -24.24 17.02
N GLY B 154 3.62 -23.01 16.61
CA GLY B 154 3.98 -22.00 17.57
C GLY B 154 5.45 -21.80 17.91
N THR B 155 6.27 -22.84 17.73
CA THR B 155 7.71 -22.69 17.91
C THR B 155 8.52 -22.72 16.60
N CYS B 156 9.60 -21.94 16.59
CA CYS B 156 10.41 -21.77 15.39
C CYS B 156 11.80 -22.33 15.61
N TYR B 157 12.39 -22.94 14.58
CA TYR B 157 13.74 -23.48 14.71
C TYR B 157 14.66 -22.85 13.66
N THR B 158 15.89 -22.58 14.08
CA THR B 158 16.88 -21.97 13.19
C THR B 158 18.25 -22.46 13.64
N ILE B 159 19.23 -22.43 12.73
CA ILE B 159 20.57 -22.92 13.03
C ILE B 159 21.63 -21.85 12.79
N ILE B 160 22.49 -21.64 13.77
CA ILE B 160 23.48 -20.56 13.71
C ILE B 160 24.92 -21.09 13.73
N ALA B 161 25.75 -20.53 12.86
CA ALA B 161 27.14 -20.96 12.76
C ALA B 161 28.08 -19.94 13.39
N ASP B 162 29.17 -20.44 13.95
CA ASP B 162 30.18 -19.63 14.61
C ASP B 162 31.56 -20.16 14.17
N GLY B 163 32.62 -19.45 14.56
CA GLY B 163 33.97 -19.88 14.27
C GLY B 163 34.66 -19.06 13.19
N THR B 164 35.99 -19.04 13.21
CA THR B 164 36.75 -18.17 12.31
C THR B 164 37.30 -18.87 11.06
N THR B 165 37.45 -20.19 11.12
CA THR B 165 37.67 -21.00 9.91
C THR B 165 36.58 -22.07 9.80
N TYR B 166 36.40 -22.63 8.61
CA TYR B 166 35.43 -23.71 8.40
C TYR B 166 36.01 -25.00 8.91
N THR B 167 37.33 -25.01 9.01
CA THR B 167 38.08 -26.12 9.56
C THR B 167 37.74 -26.33 11.04
N ALA B 168 37.44 -25.23 11.72
CA ALA B 168 37.00 -25.25 13.12
C ALA B 168 35.72 -24.44 13.26
N SER B 169 34.73 -24.74 12.44
CA SER B 169 33.44 -24.09 12.51
C SER B 169 32.62 -24.72 13.64
N SER B 170 31.51 -24.10 14.01
CA SER B 170 30.74 -24.60 15.14
C SER B 170 29.27 -24.23 14.92
N HIS B 171 28.35 -25.09 15.35
CA HIS B 171 26.94 -24.89 14.95
C HIS B 171 25.93 -25.15 16.06
N ARG B 172 24.90 -24.32 16.12
CA ARG B 172 23.90 -24.41 17.18
C ARG B 172 22.49 -24.39 16.65
N LEU B 173 21.62 -25.11 17.35
CA LEU B 173 20.24 -25.31 16.94
C LEU B 173 19.33 -24.63 17.95
N TYR B 174 18.64 -23.57 17.52
CA TYR B 174 17.88 -22.72 18.45
C TYR B 174 16.38 -23.01 18.40
N ARG B 175 15.74 -23.00 19.57
CA ARG B 175 14.28 -23.09 19.68
C ARG B 175 13.76 -21.69 20.03
N LEU B 176 12.94 -21.10 19.14
CA LEU B 176 12.43 -19.75 19.37
C LEU B 176 10.91 -19.78 19.65
N VAL B 177 10.46 -18.98 20.61
CA VAL B 177 9.03 -18.89 20.88
C VAL B 177 8.64 -17.43 20.94
N ASN B 178 7.80 -17.00 19.98
CA ASN B 178 7.44 -15.59 19.87
C ASN B 178 8.67 -14.69 19.86
N GLY B 179 9.70 -15.10 19.11
CA GLY B 179 10.93 -14.34 19.03
C GLY B 179 11.83 -14.36 20.26
N THR B 180 11.48 -15.15 21.26
CA THR B 180 12.37 -15.30 22.41
C THR B 180 13.09 -16.66 22.38
N SER B 181 14.39 -16.65 22.62
CA SER B 181 15.13 -17.90 22.73
C SER B 181 14.63 -18.70 23.95
N ALA B 182 14.28 -19.95 23.70
CA ALA B 182 13.83 -20.87 24.74
C ALA B 182 14.88 -21.96 24.90
N GLY B 183 16.03 -21.73 24.31
CA GLY B 183 17.11 -22.70 24.40
C GLY B 183 17.67 -23.13 23.06
N TRP B 184 18.89 -23.64 23.13
CA TRP B 184 19.60 -24.17 21.99
C TRP B 184 20.37 -25.44 22.38
N LYS B 185 20.79 -26.18 21.36
CA LYS B 185 21.62 -27.35 21.55
C LYS B 185 22.84 -27.32 20.64
N ALA B 186 24.00 -27.65 21.19
CA ALA B 186 25.18 -27.88 20.36
C ALA B 186 24.95 -29.04 19.37
N LEU B 187 25.41 -28.84 18.15
CA LEU B 187 25.47 -29.88 17.15
C LEU B 187 26.91 -30.38 17.03
N ASP B 188 27.06 -31.70 17.04
CA ASP B 188 28.37 -32.31 16.88
C ASP B 188 28.73 -32.29 15.39
N THR B 189 29.65 -31.42 15.00
CA THR B 189 30.10 -31.34 13.61
C THR B 189 31.58 -31.65 13.58
N THR B 190 31.96 -32.64 14.38
CA THR B 190 33.35 -33.06 14.43
C THR B 190 33.78 -33.65 13.10
N GLY B 191 34.76 -33.00 12.47
CA GLY B 191 35.32 -33.51 11.22
C GLY B 191 34.63 -33.02 9.97
N PHE B 192 33.69 -32.09 10.13
CA PHE B 192 33.07 -31.41 8.98
C PHE B 192 32.53 -30.00 9.29
N ASN B 193 32.06 -29.36 8.23
CA ASN B 193 31.51 -28.01 8.32
C ASN B 193 30.07 -27.99 7.78
N PHE B 194 29.21 -27.22 8.44
CA PHE B 194 27.77 -27.22 8.16
C PHE B 194 27.19 -25.80 7.98
N GLU B 195 27.55 -25.16 6.88
CA GLU B 195 27.07 -23.81 6.60
C GLU B 195 25.71 -23.75 5.86
N PHE B 196 24.98 -22.67 6.10
CA PHE B 196 23.75 -22.35 5.36
C PHE B 196 22.72 -23.46 5.20
N PRO B 197 22.36 -24.15 6.30
CA PRO B 197 21.34 -25.20 6.12
C PRO B 197 20.06 -24.61 5.57
N THR B 198 19.44 -25.33 4.64
CA THR B 198 18.14 -24.92 4.12
C THR B 198 17.21 -26.11 4.33
N CYS B 199 16.03 -25.84 4.85
CA CYS B 199 15.30 -26.90 5.52
C CYS B 199 13.86 -27.05 5.07
N TYR B 200 13.26 -28.17 5.47
CA TYR B 200 11.80 -28.37 5.32
C TYR B 200 11.25 -29.27 6.43
N TYR B 201 9.92 -29.23 6.62
CA TYR B 201 9.27 -30.04 7.64
C TYR B 201 8.37 -31.16 7.06
N THR B 202 8.54 -32.40 7.55
CA THR B 202 7.48 -33.43 7.51
C THR B 202 7.70 -34.59 8.44
N SER B 203 6.59 -35.28 8.73
CA SER B 203 6.58 -36.51 9.48
C SER B 203 7.30 -36.31 10.79
N GLY B 204 6.91 -35.24 11.50
CA GLY B 204 7.45 -34.96 12.81
C GLY B 204 8.92 -34.59 12.85
N LYS B 205 9.51 -34.32 11.69
CA LYS B 205 10.92 -33.96 11.63
C LYS B 205 11.21 -32.73 10.76
N VAL B 206 12.24 -32.02 11.15
CA VAL B 206 12.79 -30.97 10.30
C VAL B 206 14.03 -31.56 9.64
N LYS B 207 14.10 -31.43 8.32
CA LYS B 207 15.23 -31.98 7.59
C LYS B 207 15.96 -30.83 6.91
N CYS B 208 17.29 -30.82 7.05
CA CYS B 208 18.11 -29.71 6.53
C CYS B 208 19.27 -30.22 5.69
N THR B 209 19.52 -29.51 4.61
CA THR B 209 20.69 -29.75 3.77
C THR B 209 21.68 -28.62 4.03
N GLY B 210 22.92 -28.98 4.35
CA GLY B 210 23.93 -27.97 4.62
C GLY B 210 24.97 -27.81 3.51
N THR B 211 25.96 -26.97 3.77
CA THR B 211 27.06 -26.79 2.84
C THR B 211 28.39 -26.96 3.55
N ASN B 212 29.22 -27.85 3.03
CA ASN B 212 30.52 -28.14 3.63
C ASN B 212 31.63 -27.48 2.83
N LEU B 213 32.20 -26.43 3.43
CA LEU B 213 33.19 -25.57 2.78
C LEU B 213 34.59 -26.06 3.05
N TRP B 214 34.66 -27.04 3.92
CA TRP B 214 35.93 -27.53 4.41
C TRP B 214 36.39 -28.76 3.63
N ASN B 215 35.71 -29.90 3.80
CA ASN B 215 36.22 -31.18 3.29
C ASN B 215 35.19 -32.10 2.65
N ASP B 216 34.25 -31.54 1.89
CA ASP B 216 33.22 -32.38 1.30
C ASP B 216 32.49 -31.78 0.12
N ALA B 217 32.63 -32.42 -1.04
CA ALA B 217 31.92 -32.03 -2.26
C ALA B 217 30.49 -32.59 -2.31
N LYS B 218 30.17 -33.49 -1.39
CA LYS B 218 28.77 -33.87 -1.16
C LYS B 218 28.20 -32.94 -0.10
N ARG B 219 26.90 -33.02 0.15
CA ARG B 219 26.28 -32.12 1.11
C ARG B 219 25.80 -32.83 2.37
N PRO B 220 26.32 -32.41 3.53
CA PRO B 220 25.91 -32.95 4.82
C PRO B 220 24.42 -32.68 5.03
N PHE B 221 23.75 -33.58 5.74
CA PHE B 221 22.30 -33.52 5.92
C PHE B 221 21.97 -33.77 7.39
N LEU B 222 20.83 -33.24 7.82
CA LEU B 222 20.54 -33.16 9.23
C LEU B 222 19.07 -33.30 9.38
N GLU B 223 18.65 -34.14 10.31
CA GLU B 223 17.24 -34.17 10.70
C GLU B 223 17.15 -34.12 12.22
N PHE B 224 16.08 -33.52 12.71
CA PHE B 224 15.86 -33.40 14.14
C PHE B 224 14.38 -33.26 14.41
N ASP B 225 13.97 -33.58 15.65
CA ASP B 225 12.58 -33.47 16.03
C ASP B 225 12.39 -32.33 17.05
N GLN B 226 11.18 -32.17 17.56
CA GLN B 226 10.89 -31.02 18.40
C GLN B 226 11.57 -31.05 19.78
N SER B 227 12.10 -32.21 20.16
CA SER B 227 12.82 -32.31 21.42
C SER B 227 14.33 -32.32 21.20
N PHE B 228 14.73 -31.93 19.98
CA PHE B 228 16.12 -31.77 19.59
C PHE B 228 16.95 -33.05 19.56
N THR B 229 16.27 -34.19 19.46
CA THR B 229 16.96 -35.40 19.06
C THR B 229 17.31 -35.29 17.56
N TYR B 230 18.61 -35.37 17.25
CA TYR B 230 19.05 -35.14 15.88
C TYR B 230 20.03 -36.18 15.37
N THR B 231 20.10 -36.29 14.06
CA THR B 231 20.99 -37.21 13.39
C THR B 231 21.58 -36.56 12.14
N PHE B 232 22.90 -36.46 12.10
CA PHE B 232 23.58 -36.10 10.87
C PHE B 232 23.74 -37.31 9.95
N LYS B 233 23.31 -37.17 8.70
CA LYS B 233 23.50 -38.22 7.71
C LYS B 233 24.35 -37.74 6.52
N GLU B 234 25.12 -38.64 5.92
CA GLU B 234 25.83 -38.35 4.68
C GLU B 234 25.11 -39.07 3.55
N PRO B 235 24.81 -38.35 2.46
CA PRO B 235 24.15 -38.95 1.29
C PRO B 235 25.07 -39.97 0.63
N CYS B 236 24.50 -41.11 0.26
CA CYS B 236 25.29 -42.20 -0.28
C CYS B 236 25.37 -42.16 -1.79
N LEU B 237 25.11 -41.02 -2.39
CA LEU B 237 25.08 -40.97 -3.84
C LEU B 237 26.30 -40.27 -4.43
N GLY B 238 26.87 -40.87 -5.47
CA GLY B 238 28.00 -40.30 -6.17
C GLY B 238 27.68 -39.10 -7.05
N PHE B 239 26.40 -38.69 -7.08
CA PHE B 239 25.96 -37.45 -7.75
C PHE B 239 26.20 -36.26 -6.80
N LEU B 240 27.37 -35.65 -6.93
CA LEU B 240 27.83 -34.63 -5.96
C LEU B 240 27.01 -33.34 -5.97
N GLY B 241 26.53 -32.94 -4.80
CA GLY B 241 25.65 -31.79 -4.68
C GLY B 241 26.33 -30.41 -4.68
N ASP B 242 27.54 -30.33 -4.14
CA ASP B 242 28.20 -29.04 -3.97
C ASP B 242 28.79 -28.46 -5.28
N THR B 243 29.14 -27.19 -5.21
CA THR B 243 29.96 -26.54 -6.23
C THR B 243 30.92 -25.65 -5.47
N PRO B 244 32.23 -25.83 -5.67
CA PRO B 244 32.87 -26.74 -6.62
C PRO B 244 32.80 -28.20 -6.16
N ARG B 245 33.21 -29.08 -7.08
CA ARG B 245 33.23 -30.54 -6.88
C ARG B 245 34.10 -31.16 -7.97
N GLY B 246 34.41 -32.44 -7.81
CA GLY B 246 35.11 -33.18 -8.84
C GLY B 246 34.20 -34.05 -9.69
N ILE B 247 34.81 -34.98 -10.42
CA ILE B 247 34.10 -35.96 -11.23
C ILE B 247 33.14 -36.73 -10.33
N ASP B 248 31.92 -36.95 -10.81
CA ASP B 248 30.97 -37.77 -10.05
C ASP B 248 31.58 -39.14 -9.79
N THR B 249 31.23 -39.73 -8.67
CA THR B 249 31.84 -41.00 -8.34
C THR B 249 30.80 -42.09 -8.21
N THR B 250 31.23 -43.21 -7.62
CA THR B 250 30.34 -44.29 -7.29
C THR B 250 29.60 -43.95 -6.00
N ASN B 251 28.49 -44.65 -5.76
CA ASN B 251 27.79 -44.53 -4.50
C ASN B 251 28.63 -45.06 -3.35
N TYR B 252 28.97 -44.19 -2.41
CA TYR B 252 29.52 -44.63 -1.14
C TYR B 252 29.07 -43.73 0.00
N CYS B 253 29.19 -44.23 1.22
CA CYS B 253 28.45 -43.63 2.32
C CYS B 253 29.27 -42.72 3.23
N ASP B 254 30.27 -42.06 2.66
CA ASP B 254 30.98 -41.05 3.43
C ASP B 254 31.49 -39.89 2.58
N LYS B 255 32.28 -39.00 3.17
CA LYS B 255 32.60 -37.76 2.48
C LYS B 255 33.45 -37.98 1.24
N THR B 256 33.17 -37.16 0.23
CA THR B 256 34.03 -37.02 -0.93
C THR B 256 34.89 -35.79 -0.71
N THR B 257 36.12 -36.03 -0.24
CA THR B 257 37.00 -34.97 0.25
C THR B 257 37.65 -34.11 -0.84
N THR B 258 38.12 -34.78 -1.90
CA THR B 258 38.68 -34.10 -3.07
C THR B 258 37.71 -33.01 -3.59
N GLU B 259 38.26 -31.83 -3.88
CA GLU B 259 37.47 -30.64 -4.23
C GLU B 259 36.40 -30.25 -3.17
N GLY B 260 36.59 -30.71 -1.94
CA GLY B 260 35.65 -30.46 -0.87
C GLY B 260 35.86 -29.13 -0.15
N GLU B 261 36.90 -28.40 -0.53
CA GLU B 261 37.10 -27.06 0.02
C GLU B 261 36.32 -26.09 -0.84
N GLY B 262 35.74 -25.07 -0.22
CA GLY B 262 34.86 -24.17 -0.94
C GLY B 262 33.44 -24.69 -0.88
N GLY B 263 32.56 -24.21 -1.74
CA GLY B 263 31.19 -24.68 -1.71
C GLY B 263 30.19 -23.55 -1.81
N ILE B 264 28.94 -23.90 -2.00
CA ILE B 264 27.88 -22.91 -2.17
C ILE B 264 26.56 -23.48 -1.64
N GLN B 265 25.70 -22.61 -1.16
CA GLN B 265 24.43 -23.02 -0.58
C GLN B 265 23.56 -23.72 -1.62
N GLY B 266 22.99 -24.85 -1.21
CA GLY B 266 22.13 -25.67 -2.04
C GLY B 266 21.40 -26.72 -1.22
N PHE B 267 20.57 -27.51 -1.89
CA PHE B 267 19.65 -28.41 -1.18
C PHE B 267 19.62 -29.84 -1.70
N MET B 268 19.09 -30.74 -0.87
CA MET B 268 18.61 -32.06 -1.26
C MET B 268 17.21 -32.25 -0.64
N ILE B 269 16.42 -33.17 -1.18
CA ILE B 269 15.12 -33.49 -0.61
C ILE B 269 15.05 -34.99 -0.34
N GLU B 270 14.69 -35.37 0.88
CA GLU B 270 14.64 -36.77 1.28
C GLU B 270 13.20 -37.24 1.31
N GLY B 271 12.84 -38.16 0.42
CA GLY B 271 11.46 -38.63 0.41
C GLY B 271 11.26 -40.00 -0.18
N SER B 272 10.00 -40.31 -0.52
CA SER B 272 9.66 -41.51 -1.27
C SER B 272 10.49 -41.38 -2.56
N ASN B 273 10.34 -40.20 -3.16
CA ASN B 273 11.23 -39.68 -4.18
C ASN B 273 12.19 -38.69 -3.53
N SER B 274 13.49 -38.97 -3.60
CA SER B 274 14.49 -37.99 -3.22
C SER B 274 14.94 -37.15 -4.42
N TRP B 275 15.56 -36.00 -4.14
CA TRP B 275 16.12 -35.14 -5.20
C TRP B 275 17.44 -34.51 -4.77
N ILE B 276 18.28 -34.21 -5.76
CA ILE B 276 19.48 -33.41 -5.53
C ILE B 276 19.56 -32.38 -6.65
N GLY B 277 19.43 -31.10 -6.30
CA GLY B 277 19.59 -30.01 -7.26
C GLY B 277 21.02 -29.52 -7.23
N ARG B 278 21.54 -29.12 -8.36
CA ARG B 278 22.93 -28.66 -8.40
C ARG B 278 23.25 -27.84 -9.64
N ILE B 279 24.35 -27.10 -9.55
CA ILE B 279 24.81 -26.31 -10.69
C ILE B 279 25.46 -27.27 -11.69
N ILE B 280 25.02 -27.18 -12.95
CA ILE B 280 25.47 -28.10 -13.99
C ILE B 280 26.97 -27.96 -14.33
N ASN B 281 27.45 -26.75 -14.54
CA ASN B 281 28.86 -26.55 -14.82
C ASN B 281 29.57 -25.84 -13.68
N PRO B 282 30.37 -26.59 -12.91
CA PRO B 282 31.03 -26.05 -11.72
C PRO B 282 31.99 -24.89 -12.05
N GLY B 283 32.62 -24.91 -13.22
CA GLY B 283 33.57 -23.90 -13.63
C GLY B 283 32.87 -22.60 -13.96
N SER B 284 32.16 -22.58 -15.09
CA SER B 284 31.28 -21.46 -15.42
C SER B 284 29.96 -21.77 -14.76
N LYS B 285 29.62 -21.08 -13.68
CA LYS B 285 28.49 -21.54 -12.88
C LYS B 285 27.11 -21.53 -13.60
N LYS B 286 27.08 -22.03 -14.83
CA LYS B 286 25.87 -22.00 -15.65
C LYS B 286 25.06 -23.30 -15.59
N GLY B 287 23.74 -23.13 -15.62
CA GLY B 287 22.81 -24.26 -15.65
C GLY B 287 22.43 -24.79 -14.27
N PHE B 288 21.15 -25.08 -14.10
CA PHE B 288 20.75 -25.75 -12.87
C PHE B 288 19.99 -27.03 -13.19
N GLU B 289 20.39 -28.13 -12.59
CA GLU B 289 19.69 -29.40 -12.83
C GLU B 289 19.18 -29.96 -11.52
N ILE B 290 18.15 -30.78 -11.61
CA ILE B 290 17.64 -31.49 -10.44
C ILE B 290 17.36 -32.96 -10.80
N TYR B 291 17.82 -33.87 -9.94
CA TYR B 291 17.86 -35.28 -10.27
C TYR B 291 16.95 -36.10 -9.34
N LYS B 292 16.02 -36.87 -9.91
CA LYS B 292 15.12 -37.67 -9.09
C LYS B 292 15.76 -39.01 -8.71
N PHE B 293 15.57 -39.41 -7.47
CA PHE B 293 16.05 -40.68 -7.00
C PHE B 293 14.87 -41.49 -6.49
N LEU B 294 14.82 -42.76 -6.88
CA LEU B 294 13.73 -43.63 -6.46
C LEU B 294 14.09 -44.17 -5.08
N GLY B 295 13.84 -43.39 -4.03
CA GLY B 295 14.12 -43.79 -2.66
C GLY B 295 15.07 -42.87 -1.90
N THR B 296 15.60 -43.38 -0.78
CA THR B 296 16.42 -42.61 0.15
C THR B 296 17.79 -42.17 -0.39
N LEU B 297 18.16 -40.93 -0.10
CA LEU B 297 19.51 -40.46 -0.37
C LEU B 297 20.58 -41.24 0.42
N PHE B 298 20.13 -42.03 1.40
CA PHE B 298 21.05 -42.65 2.36
C PHE B 298 21.22 -44.16 2.28
N SER B 299 20.95 -44.70 1.09
CA SER B 299 21.34 -46.06 0.75
C SER B 299 22.20 -46.04 -0.51
N VAL B 300 23.24 -46.86 -0.54
CA VAL B 300 24.08 -46.99 -1.72
C VAL B 300 23.26 -47.58 -2.87
N GLN B 301 22.28 -48.42 -2.54
CA GLN B 301 21.47 -49.13 -3.52
C GLN B 301 20.52 -48.26 -4.36
N THR B 302 20.02 -47.17 -3.79
CA THR B 302 19.02 -46.36 -4.52
C THR B 302 19.56 -45.74 -5.81
N VAL B 303 18.68 -45.55 -6.78
CA VAL B 303 19.06 -45.63 -8.19
C VAL B 303 19.18 -44.32 -8.99
N GLY B 304 18.14 -43.49 -8.99
CA GLY B 304 18.23 -42.30 -9.79
C GLY B 304 17.66 -42.49 -11.18
N ASN B 305 16.55 -41.80 -11.43
CA ASN B 305 15.79 -41.99 -12.65
C ASN B 305 15.85 -40.76 -13.54
N ARG B 306 14.99 -39.78 -13.25
CA ARG B 306 14.81 -38.62 -14.12
C ARG B 306 15.72 -37.42 -13.76
N ASN B 307 16.42 -36.90 -14.75
CA ASN B 307 17.21 -35.69 -14.54
C ASN B 307 16.65 -34.52 -15.34
N TYR B 308 16.21 -33.50 -14.62
CA TYR B 308 15.62 -32.31 -15.25
C TYR B 308 16.68 -31.20 -15.37
N GLN B 309 16.86 -30.73 -16.60
CA GLN B 309 17.71 -29.59 -16.92
C GLN B 309 16.80 -28.35 -16.83
N LEU B 310 16.73 -27.72 -15.65
CA LEU B 310 15.75 -26.65 -15.44
C LEU B 310 16.18 -25.30 -16.00
N LEU B 311 17.43 -24.92 -15.70
CA LEU B 311 17.97 -23.67 -16.20
C LEU B 311 19.16 -23.97 -17.09
N SER B 312 19.29 -23.21 -18.17
CA SER B 312 20.31 -23.46 -19.17
C SER B 312 21.17 -22.22 -19.44
N ASN B 313 20.50 -21.07 -19.61
CA ASN B 313 21.20 -19.83 -19.92
C ASN B 313 21.83 -19.15 -18.71
N SER B 314 21.24 -19.34 -17.53
CA SER B 314 21.60 -18.52 -16.39
C SER B 314 22.82 -18.96 -15.57
N THR B 315 23.53 -17.97 -15.07
CA THR B 315 24.61 -18.21 -14.12
C THR B 315 24.02 -18.32 -12.71
N ILE B 316 24.30 -19.44 -12.07
CA ILE B 316 23.59 -19.87 -10.87
C ILE B 316 24.47 -19.65 -9.64
N GLY B 317 23.83 -19.29 -8.53
CA GLY B 317 24.51 -19.21 -7.26
C GLY B 317 23.75 -20.01 -6.23
N ARG B 318 23.19 -19.31 -5.24
CA ARG B 318 22.56 -19.97 -4.09
C ARG B 318 21.20 -20.58 -4.44
N SER B 319 20.80 -21.61 -3.69
CA SER B 319 19.52 -22.28 -3.90
C SER B 319 19.05 -22.79 -2.56
N GLY B 320 17.73 -22.75 -2.30
CA GLY B 320 17.21 -23.17 -1.01
C GLY B 320 15.75 -23.59 -1.03
N LEU B 321 15.30 -24.20 0.05
CA LEU B 321 13.93 -24.72 0.13
C LEU B 321 13.00 -23.77 0.88
N TYR B 322 11.71 -23.82 0.51
CA TYR B 322 10.66 -23.20 1.31
C TYR B 322 9.33 -23.95 1.19
N GLN B 323 8.49 -23.83 2.21
CA GLN B 323 7.17 -24.49 2.25
C GLN B 323 6.01 -23.53 2.44
N PRO B 324 5.18 -23.36 1.40
CA PRO B 324 3.97 -22.53 1.54
C PRO B 324 3.01 -23.13 2.56
N ALA B 325 2.35 -22.28 3.34
CA ALA B 325 1.41 -22.78 4.35
C ALA B 325 0.03 -22.12 4.30
N TYR B 326 -0.21 -21.26 3.32
CA TYR B 326 -1.59 -20.75 3.11
C TYR B 326 -2.34 -21.74 2.20
N GLU B 327 -3.28 -22.46 2.80
CA GLU B 327 -3.60 -23.79 2.33
C GLU B 327 -4.69 -24.48 3.15
N SER B 328 -5.64 -25.07 2.45
CA SER B 328 -6.24 -26.28 2.94
C SER B 328 -6.08 -27.20 1.74
N ARG B 329 -4.84 -27.60 1.52
CA ARG B 329 -4.55 -28.72 0.66
C ARG B 329 -4.77 -29.96 1.52
N ASP B 330 -4.41 -31.11 1.01
CA ASP B 330 -4.60 -32.34 1.77
C ASP B 330 -3.22 -32.93 1.96
N CYS B 331 -2.22 -32.08 1.80
CA CYS B 331 -0.88 -32.55 1.52
C CYS B 331 0.06 -31.35 1.44
N GLN B 332 1.27 -31.51 1.98
CA GLN B 332 2.20 -30.38 2.17
C GLN B 332 3.07 -30.11 0.95
N GLU B 333 2.91 -28.92 0.36
CA GLU B 333 3.68 -28.52 -0.81
C GLU B 333 5.15 -28.19 -0.48
N LEU B 334 6.04 -28.44 -1.45
CA LEU B 334 7.47 -28.10 -1.35
C LEU B 334 7.95 -27.28 -2.54
N CYS B 335 8.71 -26.23 -2.25
CA CYS B 335 9.24 -25.37 -3.29
C CYS B 335 10.71 -25.09 -3.07
N PHE B 336 11.33 -24.51 -4.09
CA PHE B 336 12.67 -23.99 -3.88
C PHE B 336 12.91 -22.69 -4.65
N TRP B 337 13.87 -21.91 -4.19
CA TRP B 337 14.30 -20.71 -4.89
C TRP B 337 15.74 -20.91 -5.36
N ILE B 338 16.09 -20.21 -6.42
CA ILE B 338 17.45 -20.19 -6.95
C ILE B 338 17.84 -18.74 -7.18
N GLU B 339 18.96 -18.34 -6.59
CA GLU B 339 19.49 -17.00 -6.82
C GLU B 339 20.40 -17.09 -8.03
N ILE B 340 20.27 -16.13 -8.94
CA ILE B 340 21.06 -16.13 -10.17
C ILE B 340 21.77 -14.80 -10.34
N ALA B 341 22.94 -14.87 -10.97
CA ALA B 341 23.67 -13.67 -11.36
C ALA B 341 22.87 -12.94 -12.42
N ALA B 342 22.90 -11.61 -12.36
CA ALA B 342 22.14 -10.81 -13.30
C ALA B 342 22.79 -9.44 -13.49
N THR B 343 22.29 -8.71 -14.48
CA THR B 343 22.80 -7.37 -14.73
C THR B 343 21.62 -6.44 -14.88
N THR B 344 21.80 -5.22 -14.39
CA THR B 344 20.77 -4.21 -14.51
C THR B 344 20.90 -3.54 -15.89
N LYS B 345 19.88 -2.76 -16.29
CA LYS B 345 19.91 -2.06 -17.58
C LYS B 345 21.16 -1.18 -17.76
N ALA B 346 21.59 -0.54 -16.67
CA ALA B 346 22.81 0.27 -16.69
C ALA B 346 24.06 -0.60 -16.53
N GLY B 347 23.86 -1.91 -16.42
CA GLY B 347 24.97 -2.85 -16.42
C GLY B 347 25.80 -2.97 -15.15
N LEU B 348 25.15 -2.88 -13.99
CA LEU B 348 25.79 -3.28 -12.73
C LEU B 348 25.45 -4.74 -12.44
N SER B 349 26.36 -5.45 -11.79
CA SER B 349 26.09 -6.83 -11.42
C SER B 349 25.11 -6.86 -10.24
N SER B 350 24.11 -7.73 -10.34
CA SER B 350 23.16 -7.91 -9.26
C SER B 350 22.73 -9.36 -9.25
N ASN B 351 21.64 -9.66 -8.57
CA ASN B 351 21.06 -10.99 -8.60
C ASN B 351 19.58 -10.85 -8.83
N ASP B 352 18.94 -11.95 -9.24
CA ASP B 352 17.58 -12.21 -8.76
C ASP B 352 17.14 -13.66 -8.72
N LEU B 353 15.84 -13.87 -8.80
CA LEU B 353 15.23 -15.09 -8.24
C LEU B 353 14.36 -15.84 -9.22
N ILE B 354 14.48 -17.16 -9.23
CA ILE B 354 13.51 -18.03 -9.89
C ILE B 354 13.03 -19.00 -8.81
N THR B 355 11.73 -19.25 -8.73
CA THR B 355 11.22 -20.23 -7.77
C THR B 355 10.52 -21.38 -8.50
N PHE B 356 10.72 -22.59 -8.00
CA PHE B 356 10.06 -23.78 -8.54
C PHE B 356 9.24 -24.46 -7.43
N CYS B 357 8.01 -24.87 -7.77
CA CYS B 357 7.20 -25.69 -6.85
C CYS B 357 6.93 -27.09 -7.41
N GLY B 358 6.84 -28.08 -6.52
CA GLY B 358 6.57 -29.44 -6.93
C GLY B 358 5.17 -29.68 -7.50
N THR B 359 5.10 -30.50 -8.56
CA THR B 359 3.81 -30.99 -9.04
C THR B 359 3.82 -32.51 -9.02
N GLY B 360 2.63 -33.10 -8.92
CA GLY B 360 2.51 -34.54 -8.79
C GLY B 360 2.86 -35.29 -10.06
N GLY B 361 2.64 -34.64 -11.20
CA GLY B 361 2.88 -35.28 -12.47
C GLY B 361 4.32 -35.21 -12.94
N SER B 362 4.68 -36.09 -13.86
CA SER B 362 5.95 -35.97 -14.57
C SER B 362 5.87 -34.80 -15.57
N MET B 363 7.02 -34.24 -15.92
CA MET B 363 7.04 -33.06 -16.78
C MET B 363 7.93 -33.23 -17.99
N PRO B 364 7.61 -32.52 -19.08
CA PRO B 364 8.47 -32.50 -20.28
C PRO B 364 9.73 -31.69 -20.02
N ASP B 365 10.78 -31.92 -20.82
CA ASP B 365 12.04 -31.20 -20.64
C ASP B 365 12.04 -29.77 -21.22
N VAL B 366 11.62 -28.80 -20.41
CA VAL B 366 11.61 -27.40 -20.84
C VAL B 366 12.71 -26.54 -20.19
N ASN B 367 13.24 -25.57 -20.95
CA ASN B 367 14.24 -24.65 -20.44
C ASN B 367 13.58 -23.41 -19.85
N TRP B 368 13.66 -23.27 -18.53
CA TRP B 368 12.94 -22.20 -17.84
C TRP B 368 13.76 -20.92 -17.69
N GLY B 369 15.04 -20.97 -18.07
CA GLY B 369 15.93 -19.81 -17.99
C GLY B 369 17.40 -20.18 -18.08
N ALA C 6 -19.64 -2.03 9.79
CA ALA C 6 -20.61 -2.47 8.75
C ALA C 6 -21.95 -1.71 8.98
N THR C 7 -21.91 -0.39 9.16
CA THR C 7 -23.11 0.37 9.55
C THR C 7 -23.24 1.70 8.82
N PRO C 8 -24.49 2.16 8.56
CA PRO C 8 -24.70 3.42 7.86
C PRO C 8 -24.03 4.62 8.56
N LEU C 9 -23.37 5.42 7.77
CA LEU C 9 -22.80 6.66 8.27
C LEU C 9 -23.89 7.60 8.78
N VAL C 10 -23.71 8.08 10.01
CA VAL C 10 -24.65 9.00 10.62
C VAL C 10 -23.93 10.18 11.26
N LEU C 11 -24.35 11.38 10.86
CA LEU C 11 -23.72 12.61 11.30
C LEU C 11 -24.37 13.15 12.57
N GLY C 12 -23.61 13.90 13.35
CA GLY C 12 -24.14 14.59 14.52
C GLY C 12 -25.24 15.56 14.14
N GLU C 13 -26.30 15.60 14.94
CA GLU C 13 -27.37 16.53 14.70
C GLU C 13 -26.95 17.92 15.12
N ASN C 14 -26.01 17.98 16.07
CA ASN C 14 -25.53 19.27 16.55
C ASN C 14 -24.07 19.58 16.24
N LEU C 15 -23.88 20.73 15.58
CA LEU C 15 -22.56 21.19 15.22
C LEU C 15 -21.78 21.66 16.45
N CYS C 16 -20.48 21.37 16.45
CA CYS C 16 -19.58 21.92 17.47
C CYS C 16 -19.59 23.43 17.41
N SER C 17 -19.28 24.09 18.53
CA SER C 17 -19.16 25.52 18.49
C SER C 17 -17.87 25.89 17.76
N ILE C 18 -17.94 26.95 16.97
CA ILE C 18 -16.76 27.40 16.24
C ILE C 18 -16.52 28.88 16.49
N ASN C 19 -15.29 29.20 16.89
CA ASN C 19 -14.91 30.60 17.06
C ASN C 19 -13.57 30.88 16.39
N GLY C 20 -12.97 29.84 15.83
CA GLY C 20 -11.71 29.98 15.12
C GLY C 20 -11.51 28.86 14.13
N TRP C 21 -10.41 28.92 13.39
CA TRP C 21 -10.09 27.89 12.43
C TRP C 21 -8.59 27.60 12.47
N VAL C 22 -8.21 26.32 12.35
CA VAL C 22 -6.81 25.92 12.25
C VAL C 22 -6.64 25.00 11.05
N PRO C 23 -5.51 25.10 10.35
CA PRO C 23 -5.29 24.15 9.25
C PRO C 23 -5.12 22.68 9.71
N THR C 24 -5.60 21.77 8.87
CA THR C 24 -5.40 20.36 9.14
C THR C 24 -4.52 19.75 8.07
N TYR C 25 -4.67 20.25 6.84
CA TYR C 25 -3.76 19.87 5.77
C TYR C 25 -3.29 21.12 5.05
N ARG C 26 -2.03 21.09 4.62
CA ARG C 26 -1.46 22.20 3.88
C ARG C 26 -0.49 21.72 2.82
N GLY C 27 -0.98 21.60 1.60
CA GLY C 27 -0.16 21.13 0.50
C GLY C 27 1.14 21.92 0.32
N GLU C 28 2.10 21.26 -0.30
CA GLU C 28 3.46 21.77 -0.42
C GLU C 28 3.47 23.05 -1.26
N GLY C 29 2.53 23.15 -2.19
CA GLY C 29 2.41 24.31 -3.06
C GLY C 29 1.93 25.59 -2.40
N THR C 30 1.53 25.51 -1.14
CA THR C 30 1.12 26.69 -0.40
C THR C 30 2.35 27.46 0.07
N THR C 31 3.46 26.75 0.24
CA THR C 31 4.63 27.37 0.87
C THR C 31 5.85 27.28 -0.03
N GLY C 32 5.62 26.84 -1.26
CA GLY C 32 6.71 26.71 -2.20
C GLY C 32 6.25 25.97 -3.45
N LYS C 33 7.20 25.35 -4.15
CA LYS C 33 6.84 24.60 -5.35
C LYS C 33 6.36 23.19 -5.06
N ILE C 34 5.30 22.77 -5.75
CA ILE C 34 4.92 21.36 -5.77
C ILE C 34 5.99 20.52 -6.45
N PRO C 35 6.41 19.40 -5.81
CA PRO C 35 7.32 18.42 -6.42
C PRO C 35 6.80 17.86 -7.75
N ASP C 36 7.71 17.59 -8.68
CA ASP C 36 7.34 17.22 -10.04
C ASP C 36 6.72 15.82 -10.11
N GLU C 37 6.99 15.01 -9.09
CA GLU C 37 6.51 13.62 -9.07
C GLU C 37 5.04 13.54 -8.75
N GLN C 38 4.45 14.65 -8.33
CA GLN C 38 3.01 14.67 -8.05
C GLN C 38 2.21 14.75 -9.35
N MET C 39 1.10 14.03 -9.36
CA MET C 39 0.06 14.23 -10.37
C MET C 39 -0.43 15.69 -10.27
N LEU C 40 -0.59 16.33 -11.44
CA LEU C 40 -1.20 17.65 -11.51
C LEU C 40 -2.70 17.52 -11.27
N THR C 41 -3.21 18.22 -10.26
CA THR C 41 -4.60 18.10 -9.88
C THR C 41 -5.41 19.34 -10.22
N ARG C 42 -6.71 19.15 -10.44
CA ARG C 42 -7.67 20.23 -10.56
C ARG C 42 -9.05 19.78 -10.07
N GLN C 43 -9.93 20.75 -9.80
CA GLN C 43 -11.25 20.48 -9.23
C GLN C 43 -11.10 19.63 -7.94
N ASN C 44 -10.19 20.04 -7.06
CA ASN C 44 -10.06 19.37 -5.78
C ASN C 44 -11.26 19.61 -4.88
N PHE C 45 -11.55 18.64 -4.04
CA PHE C 45 -12.50 18.80 -2.95
C PHE C 45 -12.31 17.63 -1.99
N VAL C 46 -12.89 17.76 -0.80
CA VAL C 46 -12.69 16.76 0.22
C VAL C 46 -14.03 16.11 0.56
N SER C 47 -14.00 14.79 0.65
CA SER C 47 -15.13 14.07 1.23
C SER C 47 -14.65 13.01 2.21
N CYS C 48 -15.42 12.85 3.27
CA CYS C 48 -15.03 11.96 4.34
C CYS C 48 -15.94 10.74 4.43
N SER C 49 -15.34 9.59 4.73
CA SER C 49 -16.09 8.36 5.05
C SER C 49 -16.13 8.20 6.57
N ASP C 50 -16.40 6.99 7.01
CA ASP C 50 -16.46 6.72 8.45
C ASP C 50 -15.10 6.25 8.97
N LYS C 51 -14.13 6.17 8.06
CA LYS C 51 -12.76 5.77 8.41
C LYS C 51 -11.70 6.86 8.13
N GLU C 52 -11.94 7.70 7.12
CA GLU C 52 -10.93 8.71 6.71
C GLU C 52 -11.52 9.86 5.89
N CYS C 53 -10.69 10.88 5.65
CA CYS C 53 -11.04 11.93 4.71
C CYS C 53 -10.28 11.69 3.41
N ARG C 54 -10.96 11.79 2.27
CA ARG C 54 -10.26 11.66 0.99
C ARG C 54 -10.30 12.94 0.18
N ARG C 55 -9.20 13.15 -0.54
CA ARG C 55 -9.01 14.28 -1.45
C ARG C 55 -9.34 13.78 -2.86
N PHE C 56 -10.52 14.15 -3.35
CA PHE C 56 -10.88 13.84 -4.72
C PHE C 56 -10.43 14.94 -5.67
N PHE C 57 -10.11 14.53 -6.89
CA PHE C 57 -9.69 15.48 -7.91
C PHE C 57 -9.71 14.89 -9.32
N VAL C 58 -9.53 15.77 -10.30
CA VAL C 58 -9.38 15.37 -11.69
C VAL C 58 -7.94 15.66 -12.10
N SER C 59 -7.32 14.75 -12.86
CA SER C 59 -5.89 14.87 -13.14
C SER C 59 -5.60 15.68 -14.39
N MET C 60 -4.36 16.16 -14.50
CA MET C 60 -3.87 16.85 -15.70
C MET C 60 -2.54 16.22 -16.12
N GLY C 61 -2.02 15.29 -15.32
CA GLY C 61 -0.83 14.52 -15.68
C GLY C 61 0.45 14.87 -14.96
N TYR C 62 1.56 14.86 -15.70
CA TYR C 62 2.88 15.03 -15.11
C TYR C 62 3.80 15.86 -16.00
N GLY C 63 4.91 16.33 -15.44
CA GLY C 63 5.98 16.93 -16.23
C GLY C 63 6.80 15.86 -16.95
N VAL C 73 2.28 17.30 -19.06
CA VAL C 73 2.42 16.58 -20.32
C VAL C 73 2.51 15.05 -20.16
N SER C 74 1.40 14.41 -19.74
CA SER C 74 1.31 12.95 -19.60
C SER C 74 -0.12 12.38 -19.43
N GLU C 75 -0.49 12.06 -18.20
CA GLU C 75 -1.70 11.26 -17.89
C GLU C 75 -2.90 12.08 -17.34
N GLN C 76 -3.84 12.46 -18.21
CA GLN C 76 -4.97 13.35 -17.85
C GLN C 76 -6.36 12.69 -17.73
N MET C 77 -7.39 13.53 -17.80
CA MET C 77 -8.78 13.14 -18.11
C MET C 77 -9.56 12.21 -17.15
N ASN C 78 -8.98 11.87 -16.01
CA ASN C 78 -9.65 10.91 -15.10
C ASN C 78 -9.89 11.45 -13.69
N VAL C 79 -10.74 10.75 -12.94
CA VAL C 79 -10.99 11.10 -11.53
C VAL C 79 -10.18 10.22 -10.58
N TYR C 80 -9.54 10.85 -9.61
CA TYR C 80 -8.73 10.14 -8.64
C TYR C 80 -9.07 10.59 -7.24
N SER C 81 -8.58 9.83 -6.26
CA SER C 81 -8.64 10.27 -4.87
C SER C 81 -7.34 9.82 -4.22
N VAL C 82 -6.97 10.52 -3.13
CA VAL C 82 -5.95 10.02 -2.20
C VAL C 82 -6.47 10.21 -0.79
N LYS C 83 -5.85 9.58 0.18
CA LYS C 83 -6.22 9.83 1.55
C LYS C 83 -5.73 11.24 1.83
N LEU C 84 -6.61 12.10 2.35
CA LEU C 84 -6.19 13.45 2.72
C LEU C 84 -5.02 13.42 3.69
N GLY C 85 -3.90 14.03 3.30
CA GLY C 85 -2.69 14.02 4.10
C GLY C 85 -1.55 13.44 3.29
N ASP C 86 -1.94 12.64 2.30
CA ASP C 86 -1.02 11.96 1.39
C ASP C 86 -0.86 12.80 0.13
N PRO C 87 0.35 12.80 -0.42
CA PRO C 87 0.60 13.48 -1.70
C PRO C 87 0.00 12.67 -2.85
N PRO C 88 -0.40 13.34 -3.94
CA PRO C 88 -0.85 12.60 -5.12
C PRO C 88 0.32 12.14 -5.98
N THR C 89 1.15 11.29 -5.41
CA THR C 89 2.15 10.52 -6.15
C THR C 89 1.46 9.29 -6.72
N PRO C 90 2.01 8.72 -7.80
CA PRO C 90 1.45 7.51 -8.43
C PRO C 90 1.14 6.39 -7.44
N ASP C 91 1.99 6.27 -6.42
CA ASP C 91 1.86 5.23 -5.42
C ASP C 91 0.62 5.41 -4.57
N LYS C 92 0.16 6.65 -4.42
CA LYS C 92 -0.94 6.91 -3.50
C LYS C 92 -2.31 7.07 -4.19
N LEU C 93 -2.31 7.05 -5.53
CA LEU C 93 -3.52 7.32 -6.33
C LEU C 93 -4.49 6.15 -6.37
N LYS C 94 -5.75 6.40 -6.00
CA LYS C 94 -6.84 5.46 -6.31
C LYS C 94 -7.60 6.02 -7.51
N PHE C 95 -7.64 5.25 -8.60
CA PHE C 95 -8.43 5.62 -9.76
C PHE C 95 -9.93 5.47 -9.43
N GLU C 96 -10.75 6.38 -9.93
CA GLU C 96 -12.13 6.44 -9.46
C GLU C 96 -13.19 6.34 -10.57
N ALA C 97 -12.96 7.05 -11.66
CA ALA C 97 -13.95 7.13 -12.74
C ALA C 97 -13.36 7.84 -13.95
N VAL C 98 -14.12 7.87 -15.03
CA VAL C 98 -13.77 8.68 -16.18
C VAL C 98 -14.60 9.94 -16.12
N GLY C 99 -13.95 11.10 -16.25
CA GLY C 99 -14.67 12.35 -16.27
C GLY C 99 -13.79 13.56 -16.08
N TRP C 100 -14.39 14.74 -16.19
CA TRP C 100 -13.69 16.01 -15.94
C TRP C 100 -14.30 16.70 -14.73
N SER C 101 -15.40 16.15 -14.24
CA SER C 101 -16.15 16.80 -13.17
C SER C 101 -16.77 15.74 -12.26
N ALA C 102 -16.50 15.84 -10.98
CA ALA C 102 -16.97 14.83 -10.04
C ALA C 102 -17.44 15.39 -8.71
N SER C 103 -18.41 14.69 -8.14
CA SER C 103 -18.78 14.86 -6.75
C SER C 103 -18.69 13.46 -6.12
N SER C 104 -18.27 13.36 -4.85
CA SER C 104 -18.34 12.06 -4.16
C SER C 104 -18.90 12.15 -2.74
N CYS C 105 -19.35 11.01 -2.21
CA CYS C 105 -19.90 10.91 -0.85
C CYS C 105 -19.75 9.46 -0.37
N HIS C 106 -19.84 9.21 0.94
CA HIS C 106 -19.74 7.83 1.47
C HIS C 106 -20.84 7.55 2.51
N ASP C 107 -21.54 6.42 2.36
CA ASP C 107 -22.75 6.18 3.18
C ASP C 107 -22.50 5.24 4.36
N GLY C 108 -21.27 4.77 4.50
CA GLY C 108 -20.94 3.83 5.55
C GLY C 108 -20.56 2.48 4.96
N PHE C 109 -21.11 2.21 3.78
CA PHE C 109 -20.82 0.99 3.04
C PHE C 109 -19.81 1.25 1.93
N GLN C 110 -20.18 2.07 0.96
CA GLN C 110 -19.26 2.37 -0.13
C GLN C 110 -19.20 3.85 -0.55
N TRP C 111 -18.14 4.17 -1.30
CA TRP C 111 -18.06 5.47 -1.97
C TRP C 111 -19.00 5.56 -3.17
N THR C 112 -19.86 6.59 -3.15
CA THR C 112 -20.62 7.00 -4.32
C THR C 112 -19.85 8.12 -5.06
N VAL C 113 -19.65 7.94 -6.35
CA VAL C 113 -18.95 8.93 -7.14
C VAL C 113 -19.78 9.34 -8.37
N LEU C 114 -20.20 10.60 -8.41
CA LEU C 114 -20.86 11.13 -9.61
C LEU C 114 -19.83 11.79 -10.50
N SER C 115 -19.71 11.30 -11.73
CA SER C 115 -18.69 11.77 -12.65
C SER C 115 -19.31 12.14 -14.02
N VAL C 116 -19.06 13.37 -14.46
CA VAL C 116 -19.47 13.84 -15.79
C VAL C 116 -18.45 13.46 -16.85
N ALA C 117 -18.93 12.84 -17.93
CA ALA C 117 -18.06 12.37 -18.99
C ALA C 117 -18.73 12.57 -20.34
N GLY C 118 -18.04 12.17 -21.41
CA GLY C 118 -18.58 12.25 -22.77
C GLY C 118 -19.02 13.65 -23.17
N ASP C 119 -20.28 13.77 -23.58
CA ASP C 119 -20.85 15.05 -23.98
C ASP C 119 -21.55 15.74 -22.80
N GLY C 120 -21.42 15.14 -21.63
CA GLY C 120 -22.02 15.66 -20.41
C GLY C 120 -23.15 14.86 -19.82
N PHE C 121 -23.06 13.53 -19.87
CA PHE C 121 -23.95 12.69 -19.06
C PHE C 121 -23.24 12.39 -17.74
N VAL C 122 -24.02 12.02 -16.73
CA VAL C 122 -23.41 11.69 -15.45
C VAL C 122 -23.47 10.19 -15.19
N SER C 123 -22.30 9.57 -15.00
CA SER C 123 -22.26 8.18 -14.60
C SER C 123 -22.17 8.12 -13.08
N ILE C 124 -22.87 7.18 -12.47
CA ILE C 124 -22.79 7.00 -11.02
C ILE C 124 -22.05 5.70 -10.68
N LEU C 125 -20.99 5.83 -9.88
CA LEU C 125 -20.25 4.64 -9.43
C LEU C 125 -20.40 4.41 -7.94
N TYR C 126 -20.73 3.17 -7.58
CA TYR C 126 -20.87 2.76 -6.18
C TYR C 126 -19.91 1.61 -5.94
N GLY C 127 -18.95 1.78 -5.02
CA GLY C 127 -17.74 0.98 -5.08
C GLY C 127 -17.09 1.45 -6.37
N GLY C 128 -16.62 0.52 -7.18
CA GLY C 128 -16.17 0.89 -8.51
C GLY C 128 -17.20 0.55 -9.57
N ILE C 129 -18.40 0.21 -9.11
CA ILE C 129 -19.46 -0.32 -9.96
C ILE C 129 -20.40 0.76 -10.47
N ILE C 130 -20.60 0.82 -11.79
CA ILE C 130 -21.58 1.73 -12.37
C ILE C 130 -22.98 1.29 -11.95
N THR C 131 -23.72 2.19 -11.33
CA THR C 131 -24.99 1.79 -10.72
C THR C 131 -26.15 2.60 -11.28
N ASP C 132 -25.83 3.72 -11.91
CA ASP C 132 -26.85 4.53 -12.55
C ASP C 132 -26.23 5.50 -13.54
N THR C 133 -27.07 6.15 -14.32
CA THR C 133 -26.62 7.15 -15.26
C THR C 133 -27.69 8.23 -15.43
N ILE C 134 -27.27 9.50 -15.44
CA ILE C 134 -28.21 10.62 -15.53
C ILE C 134 -27.98 11.46 -16.78
N HIS C 135 -29.08 11.88 -17.42
CA HIS C 135 -28.98 12.58 -18.71
C HIS C 135 -29.64 13.96 -18.74
N PRO C 136 -29.06 14.86 -19.56
CA PRO C 136 -29.60 16.22 -19.65
C PRO C 136 -30.93 16.27 -20.38
N THR C 137 -31.89 16.94 -19.75
CA THR C 137 -33.13 17.33 -20.43
C THR C 137 -32.85 18.61 -21.22
N ASN C 138 -32.41 19.64 -20.49
CA ASN C 138 -32.32 21.01 -21.00
C ASN C 138 -31.01 21.43 -21.69
N GLY C 139 -30.43 20.56 -22.50
CA GLY C 139 -29.36 20.96 -23.40
C GLY C 139 -27.93 20.57 -23.03
N GLY C 140 -27.64 20.53 -21.72
CA GLY C 140 -26.33 20.14 -21.26
C GLY C 140 -25.31 21.24 -21.43
N PRO C 141 -24.07 21.02 -20.97
CA PRO C 141 -23.69 19.73 -20.37
C PRO C 141 -24.07 19.69 -18.89
N LEU C 142 -24.33 18.49 -18.38
CA LEU C 142 -24.61 18.30 -16.95
C LEU C 142 -23.42 18.73 -16.10
N ARG C 143 -23.70 19.21 -14.89
CA ARG C 143 -22.65 19.67 -13.98
C ARG C 143 -22.87 19.19 -12.54
N THR C 144 -21.90 18.46 -12.00
CA THR C 144 -21.93 18.11 -10.57
C THR C 144 -21.60 19.31 -9.68
N GLN C 145 -21.72 19.12 -8.36
CA GLN C 145 -21.52 20.25 -7.46
C GLN C 145 -20.04 20.48 -7.15
N ALA C 146 -19.19 19.61 -7.69
CA ALA C 146 -17.73 19.76 -7.59
C ALA C 146 -17.33 19.94 -6.14
N SER C 147 -17.86 19.03 -5.34
CA SER C 147 -17.83 19.12 -3.91
C SER C 147 -18.39 17.81 -3.36
N SER C 148 -18.29 17.63 -2.06
CA SER C 148 -18.84 16.44 -1.43
C SER C 148 -20.36 16.42 -1.55
N CYS C 149 -20.93 15.25 -1.87
CA CYS C 149 -22.37 15.04 -1.67
C CYS C 149 -22.59 14.74 -0.19
N ILE C 150 -23.86 14.75 0.22
CA ILE C 150 -24.19 14.48 1.62
C ILE C 150 -24.90 13.13 1.80
N CYS C 151 -24.32 12.29 2.64
CA CYS C 151 -24.95 11.03 3.03
C CYS C 151 -25.35 11.07 4.49
N ASN C 152 -26.53 10.55 4.78
CA ASN C 152 -26.89 10.33 6.18
C ASN C 152 -27.83 9.16 6.32
N ASP C 153 -27.40 8.17 7.12
CA ASP C 153 -28.23 7.03 7.44
C ASP C 153 -28.67 6.30 6.17
N GLY C 154 -27.71 5.97 5.31
CA GLY C 154 -27.99 5.18 4.12
C GLY C 154 -28.30 5.92 2.83
N THR C 155 -28.98 7.06 2.92
CA THR C 155 -29.31 7.81 1.69
C THR C 155 -28.30 8.95 1.42
N CYS C 156 -28.00 9.18 0.15
CA CYS C 156 -27.08 10.24 -0.25
C CYS C 156 -27.78 11.26 -1.12
N TYR C 157 -27.49 12.53 -0.87
CA TYR C 157 -28.10 13.62 -1.65
C TYR C 157 -27.06 14.44 -2.44
N THR C 158 -27.42 14.85 -3.65
CA THR C 158 -26.54 15.66 -4.47
C THR C 158 -27.37 16.55 -5.38
N ILE C 159 -26.76 17.62 -5.88
CA ILE C 159 -27.45 18.55 -6.77
C ILE C 159 -26.76 18.60 -8.13
N ILE C 160 -27.54 18.55 -9.21
CA ILE C 160 -26.98 18.56 -10.57
C ILE C 160 -27.55 19.69 -11.41
N ALA C 161 -26.68 20.35 -12.17
CA ALA C 161 -27.07 21.50 -12.98
C ALA C 161 -27.18 21.15 -14.47
N ASP C 162 -28.21 21.71 -15.11
CA ASP C 162 -28.39 21.63 -16.55
C ASP C 162 -28.55 23.04 -17.11
N GLY C 163 -28.77 23.14 -18.41
CA GLY C 163 -28.88 24.43 -19.08
C GLY C 163 -27.64 24.75 -19.89
N THR C 164 -27.79 25.59 -20.91
CA THR C 164 -26.67 25.94 -21.78
C THR C 164 -26.05 27.29 -21.44
N THR C 165 -26.79 28.09 -20.66
CA THR C 165 -26.36 29.41 -20.24
C THR C 165 -26.62 29.56 -18.72
N TYR C 166 -25.91 30.44 -18.02
CA TYR C 166 -26.21 30.64 -16.58
C TYR C 166 -27.50 31.39 -16.38
N THR C 167 -27.95 32.05 -17.45
CA THR C 167 -29.18 32.84 -17.43
C THR C 167 -30.43 31.97 -17.59
N ALA C 168 -30.22 30.72 -18.00
CA ALA C 168 -31.31 29.76 -18.11
C ALA C 168 -30.86 28.41 -17.55
N SER C 169 -30.45 28.40 -16.29
CA SER C 169 -29.95 27.18 -15.65
C SER C 169 -31.08 26.44 -14.93
N SER C 170 -31.13 25.12 -15.09
CA SER C 170 -32.04 24.31 -14.28
C SER C 170 -31.25 23.49 -13.27
N HIS C 171 -31.85 23.21 -12.11
CA HIS C 171 -31.16 22.45 -11.07
C HIS C 171 -32.07 21.42 -10.42
N ARG C 172 -31.50 20.27 -10.08
CA ARG C 172 -32.27 19.16 -9.54
C ARG C 172 -31.67 18.57 -8.28
N LEU C 173 -32.56 18.25 -7.34
CA LEU C 173 -32.17 17.56 -6.11
C LEU C 173 -32.26 16.03 -6.30
N TYR C 174 -31.15 15.34 -6.16
CA TYR C 174 -31.15 13.88 -6.31
C TYR C 174 -30.95 13.15 -4.98
N ARG C 175 -31.78 12.14 -4.74
CA ARG C 175 -31.60 11.26 -3.59
C ARG C 175 -31.08 9.92 -4.10
N LEU C 176 -30.10 9.35 -3.41
CA LEU C 176 -29.49 8.10 -3.87
C LEU C 176 -29.34 7.07 -2.78
N VAL C 177 -29.72 5.85 -3.09
CA VAL C 177 -29.52 4.75 -2.18
C VAL C 177 -28.58 3.73 -2.81
N ASN C 178 -27.50 3.39 -2.11
CA ASN C 178 -26.54 2.39 -2.58
C ASN C 178 -26.11 2.55 -4.05
N GLY C 179 -26.01 3.79 -4.51
CA GLY C 179 -25.56 4.02 -5.86
C GLY C 179 -26.67 4.13 -6.90
N THR C 180 -27.92 3.96 -6.49
CA THR C 180 -29.02 4.15 -7.44
C THR C 180 -29.90 5.33 -7.07
N SER C 181 -30.50 5.93 -8.10
CA SER C 181 -31.33 7.12 -7.94
C SER C 181 -32.65 6.73 -7.29
N ALA C 182 -32.91 7.28 -6.11
CA ALA C 182 -34.15 6.96 -5.41
C ALA C 182 -35.16 8.10 -5.56
N GLY C 183 -35.18 8.69 -6.75
CA GLY C 183 -36.07 9.81 -7.05
C GLY C 183 -35.39 11.17 -6.98
N TRP C 184 -36.07 12.19 -7.49
CA TRP C 184 -35.50 13.53 -7.57
C TRP C 184 -36.56 14.63 -7.57
N LYS C 185 -36.18 15.84 -7.18
CA LYS C 185 -37.09 16.98 -7.27
C LYS C 185 -36.48 18.08 -8.12
N ALA C 186 -37.29 18.68 -8.99
CA ALA C 186 -36.85 19.90 -9.69
C ALA C 186 -36.89 21.08 -8.73
N LEU C 187 -35.83 21.88 -8.73
CA LEU C 187 -35.76 23.02 -7.84
C LEU C 187 -36.19 24.28 -8.58
N ASP C 188 -36.90 25.15 -7.88
CA ASP C 188 -37.36 26.38 -8.49
C ASP C 188 -36.28 27.45 -8.39
N THR C 189 -35.51 27.60 -9.47
CA THR C 189 -34.46 28.63 -9.55
C THR C 189 -34.80 29.71 -10.57
N THR C 190 -36.05 30.15 -10.59
CA THR C 190 -36.48 31.22 -11.49
C THR C 190 -35.91 32.54 -11.00
N GLY C 191 -35.11 33.18 -11.86
CA GLY C 191 -34.56 34.48 -11.55
C GLY C 191 -33.16 34.48 -10.98
N PHE C 192 -32.62 33.29 -10.67
CA PHE C 192 -31.21 33.18 -10.26
C PHE C 192 -30.51 31.93 -10.79
N ASN C 193 -29.20 31.87 -10.53
CA ASN C 193 -28.36 30.75 -10.93
C ASN C 193 -27.73 30.08 -9.68
N PHE C 194 -27.61 28.74 -9.70
CA PHE C 194 -27.20 28.00 -8.50
C PHE C 194 -26.16 26.90 -8.80
N GLU C 195 -24.93 27.30 -9.09
CA GLU C 195 -23.89 26.31 -9.46
C GLU C 195 -22.99 25.90 -8.30
N PHE C 196 -22.43 24.70 -8.39
CA PHE C 196 -21.44 24.20 -7.41
C PHE C 196 -21.82 24.31 -5.94
N PRO C 197 -23.03 23.89 -5.54
CA PRO C 197 -23.29 24.02 -4.09
C PRO C 197 -22.33 23.19 -3.23
N THR C 198 -21.87 23.77 -2.12
CA THR C 198 -21.14 23.02 -1.10
C THR C 198 -22.05 22.96 0.11
N CYS C 199 -22.05 21.81 0.75
CA CYS C 199 -23.12 21.56 1.70
C CYS C 199 -22.62 21.05 3.04
N TYR C 200 -23.46 21.17 4.06
CA TYR C 200 -23.22 20.54 5.35
C TYR C 200 -24.56 20.10 5.94
N TYR C 201 -24.52 19.17 6.87
CA TYR C 201 -25.74 18.72 7.54
C TYR C 201 -25.75 19.19 9.00
N THR C 202 -26.88 19.74 9.43
CA THR C 202 -27.12 19.87 10.85
C THR C 202 -28.61 20.10 11.10
N SER C 203 -29.07 19.67 12.29
CA SER C 203 -30.45 19.93 12.74
C SER C 203 -31.52 19.43 11.78
N GLY C 204 -31.27 18.29 11.15
CA GLY C 204 -32.24 17.71 10.25
C GLY C 204 -32.30 18.27 8.84
N LYS C 205 -31.53 19.32 8.57
CA LYS C 205 -31.49 19.88 7.21
C LYS C 205 -30.11 19.77 6.56
N VAL C 206 -30.11 19.50 5.26
CA VAL C 206 -28.90 19.73 4.48
C VAL C 206 -28.89 21.20 4.09
N LYS C 207 -27.76 21.86 4.29
CA LYS C 207 -27.64 23.27 3.94
C LYS C 207 -26.53 23.50 2.90
N CYS C 208 -26.85 24.21 1.82
CA CYS C 208 -25.91 24.39 0.72
C CYS C 208 -25.68 25.86 0.36
N THR C 209 -24.47 26.18 -0.05
CA THR C 209 -24.17 27.52 -0.55
C THR C 209 -23.82 27.39 -2.01
N GLY C 210 -24.57 28.07 -2.87
CA GLY C 210 -24.31 28.00 -4.30
C GLY C 210 -23.53 29.20 -4.80
N THR C 211 -23.25 29.19 -6.10
CA THR C 211 -22.59 30.30 -6.78
C THR C 211 -23.49 30.83 -7.91
N ASN C 212 -23.81 32.12 -7.88
CA ASN C 212 -24.58 32.71 -8.97
C ASN C 212 -23.67 33.41 -9.99
N LEU C 213 -23.48 32.75 -11.14
CA LEU C 213 -22.65 33.30 -12.21
C LEU C 213 -23.40 34.25 -13.17
N TRP C 214 -24.63 34.57 -12.81
CA TRP C 214 -25.51 35.36 -13.66
C TRP C 214 -25.72 36.79 -13.18
N ASN C 215 -26.38 36.94 -12.03
CA ASN C 215 -26.93 38.23 -11.61
C ASN C 215 -26.84 38.51 -10.11
N ASP C 216 -25.88 37.91 -9.41
CA ASP C 216 -25.74 38.12 -7.97
C ASP C 216 -24.31 37.99 -7.50
N ALA C 217 -23.79 39.01 -6.82
CA ALA C 217 -22.45 39.00 -6.23
C ALA C 217 -22.45 38.49 -4.79
N LYS C 218 -23.65 38.32 -4.23
CA LYS C 218 -23.81 37.52 -3.00
C LYS C 218 -23.97 36.06 -3.41
N ARG C 219 -24.11 35.17 -2.44
CA ARG C 219 -24.25 33.75 -2.77
C ARG C 219 -25.65 33.23 -2.45
N PRO C 220 -26.24 32.45 -3.37
CA PRO C 220 -27.55 31.85 -3.07
C PRO C 220 -27.43 30.72 -2.06
N PHE C 221 -28.52 30.47 -1.31
CA PHE C 221 -28.52 29.48 -0.23
C PHE C 221 -29.71 28.52 -0.31
N LEU C 222 -29.47 27.25 0.06
CA LEU C 222 -30.49 26.23 0.04
C LEU C 222 -30.49 25.47 1.37
N GLU C 223 -31.67 25.04 1.80
CA GLU C 223 -31.81 24.05 2.86
C GLU C 223 -32.91 23.08 2.47
N PHE C 224 -32.78 21.82 2.87
CA PHE C 224 -33.79 20.81 2.56
C PHE C 224 -33.69 19.59 3.47
N ASP C 225 -34.82 18.91 3.67
CA ASP C 225 -34.84 17.68 4.45
C ASP C 225 -35.02 16.48 3.52
N GLN C 226 -35.13 15.29 4.11
CA GLN C 226 -35.17 14.05 3.33
C GLN C 226 -36.44 13.90 2.50
N SER C 227 -37.48 14.65 2.85
CA SER C 227 -38.73 14.63 2.10
C SER C 227 -38.71 15.60 0.91
N PHE C 228 -37.51 16.12 0.60
CA PHE C 228 -37.31 17.13 -0.44
C PHE C 228 -38.11 18.41 -0.22
N THR C 229 -38.33 18.76 1.05
CA THR C 229 -38.92 20.04 1.37
C THR C 229 -37.81 21.09 1.48
N TYR C 230 -37.80 22.01 0.53
CA TYR C 230 -36.72 22.98 0.45
C TYR C 230 -37.21 24.41 0.52
N THR C 231 -36.30 25.28 0.93
CA THR C 231 -36.47 26.69 0.72
C THR C 231 -35.10 27.27 0.32
N PHE C 232 -35.12 28.13 -0.70
CA PHE C 232 -33.94 28.88 -1.09
C PHE C 232 -33.92 30.18 -0.30
N LYS C 233 -32.75 30.56 0.23
CA LYS C 233 -32.65 31.84 0.93
C LYS C 233 -31.64 32.78 0.29
N GLU C 234 -31.72 34.05 0.63
CA GLU C 234 -30.74 35.01 0.16
C GLU C 234 -30.18 35.80 1.32
N PRO C 235 -28.86 35.75 1.50
CA PRO C 235 -28.21 36.44 2.63
C PRO C 235 -28.48 37.93 2.61
N CYS C 236 -28.79 38.45 3.79
CA CYS C 236 -29.14 39.85 3.96
C CYS C 236 -27.90 40.66 4.37
N LEU C 237 -26.73 40.13 4.05
CA LEU C 237 -25.48 40.74 4.48
C LEU C 237 -24.67 41.39 3.36
N GLY C 238 -24.31 42.65 3.57
CA GLY C 238 -23.58 43.43 2.60
C GLY C 238 -22.12 43.04 2.47
N PHE C 239 -21.70 42.03 3.25
CA PHE C 239 -20.36 41.43 3.10
C PHE C 239 -20.37 40.40 1.96
N LEU C 240 -19.95 40.85 0.79
CA LEU C 240 -20.20 40.12 -0.45
C LEU C 240 -19.33 38.89 -0.61
N GLY C 241 -19.98 37.73 -0.70
CA GLY C 241 -19.31 36.45 -0.75
C GLY C 241 -18.65 36.03 -2.05
N ASP C 242 -19.22 36.41 -3.19
CA ASP C 242 -18.68 35.93 -4.46
C ASP C 242 -17.41 36.66 -4.91
N THR C 243 -16.77 36.08 -5.91
CA THR C 243 -15.68 36.71 -6.62
C THR C 243 -15.88 36.30 -8.08
N PRO C 244 -16.07 37.29 -8.98
CA PRO C 244 -15.96 38.74 -8.75
C PRO C 244 -17.09 39.37 -7.95
N ARG C 245 -16.91 40.66 -7.67
CA ARG C 245 -17.83 41.43 -6.84
C ARG C 245 -17.40 42.90 -6.80
N GLY C 246 -18.30 43.77 -6.39
CA GLY C 246 -17.94 45.16 -6.19
C GLY C 246 -17.70 45.50 -4.73
N ILE C 247 -17.89 46.76 -4.37
CA ILE C 247 -17.73 47.24 -2.98
C ILE C 247 -18.75 46.57 -2.05
N ASP C 248 -18.38 46.38 -0.79
CA ASP C 248 -19.34 45.91 0.22
C ASP C 248 -20.51 46.92 0.32
N THR C 249 -21.72 46.41 0.58
CA THR C 249 -22.89 47.28 0.61
C THR C 249 -23.46 47.42 2.01
N THR C 250 -24.54 48.19 2.12
CA THR C 250 -25.39 48.16 3.30
C THR C 250 -26.08 46.80 3.33
N ASN C 251 -26.60 46.42 4.50
CA ASN C 251 -27.36 45.19 4.56
C ASN C 251 -28.72 45.34 3.90
N TYR C 252 -29.06 44.40 3.03
CA TYR C 252 -30.40 44.33 2.44
C TYR C 252 -30.71 42.92 1.96
N CYS C 253 -31.99 42.61 1.77
CA CYS C 253 -32.38 41.20 1.64
C CYS C 253 -32.66 40.69 0.22
N ASP C 254 -31.95 41.22 -0.76
CA ASP C 254 -32.00 40.67 -2.12
C ASP C 254 -30.67 40.83 -2.85
N LYS C 255 -30.67 40.45 -4.13
CA LYS C 255 -29.43 40.27 -4.87
C LYS C 255 -28.62 41.55 -4.99
N THR C 256 -27.30 41.40 -5.01
CA THR C 256 -26.41 42.48 -5.41
C THR C 256 -26.03 42.27 -6.88
N THR C 257 -26.85 42.82 -7.77
CA THR C 257 -26.74 42.50 -9.18
C THR C 257 -25.49 43.12 -9.78
N THR C 258 -25.01 44.14 -9.10
CA THR C 258 -23.79 44.85 -9.49
C THR C 258 -22.62 43.89 -9.43
N GLU C 259 -21.98 43.67 -10.57
CA GLU C 259 -20.89 42.72 -10.70
C GLU C 259 -21.29 41.27 -10.34
N GLY C 260 -22.57 40.97 -10.47
CA GLY C 260 -23.06 39.62 -10.22
C GLY C 260 -22.88 38.59 -11.35
N GLU C 261 -22.34 39.01 -12.49
CA GLU C 261 -22.02 38.05 -13.55
C GLU C 261 -20.67 37.42 -13.18
N GLY C 262 -20.50 36.13 -13.45
CA GLY C 262 -19.26 35.42 -13.12
C GLY C 262 -19.35 34.83 -11.71
N GLY C 263 -18.23 34.37 -11.15
CA GLY C 263 -18.28 33.81 -9.82
C GLY C 263 -17.41 32.57 -9.62
N ILE C 264 -17.17 32.24 -8.36
CA ILE C 264 -16.37 31.07 -8.06
C ILE C 264 -17.02 30.31 -6.92
N GLN C 265 -16.83 28.99 -6.89
CA GLN C 265 -17.38 28.16 -5.83
C GLN C 265 -16.82 28.62 -4.50
N GLY C 266 -17.71 28.76 -3.52
CA GLY C 266 -17.34 29.21 -2.20
C GLY C 266 -18.53 28.95 -1.33
N PHE C 267 -18.39 29.26 -0.04
CA PHE C 267 -19.36 28.82 0.95
C PHE C 267 -19.74 29.91 1.95
N MET C 268 -20.90 29.67 2.57
CA MET C 268 -21.33 30.41 3.75
C MET C 268 -21.70 29.36 4.79
N ILE C 269 -21.54 29.68 6.07
CA ILE C 269 -22.00 28.77 7.11
C ILE C 269 -23.11 29.41 7.91
N GLU C 270 -24.29 28.79 7.93
CA GLU C 270 -25.42 29.32 8.67
C GLU C 270 -25.59 28.64 10.03
N GLY C 271 -25.58 29.44 11.09
CA GLY C 271 -25.66 28.87 12.43
C GLY C 271 -26.15 29.88 13.45
N SER C 272 -25.98 29.52 14.71
CA SER C 272 -26.13 30.46 15.80
C SER C 272 -25.10 31.54 15.50
N ASN C 273 -23.90 31.06 15.17
CA ASN C 273 -22.85 31.88 14.61
C ASN C 273 -22.74 31.58 13.14
N SER C 274 -22.69 32.62 12.34
CA SER C 274 -22.59 32.45 10.90
C SER C 274 -21.24 32.90 10.37
N TRP C 275 -20.90 32.43 9.18
CA TRP C 275 -19.62 32.73 8.59
C TRP C 275 -19.76 32.97 7.10
N ILE C 276 -18.96 33.89 6.60
CA ILE C 276 -18.78 34.05 5.16
C ILE C 276 -17.31 33.96 4.86
N GLY C 277 -16.93 33.00 4.03
CA GLY C 277 -15.56 32.92 3.56
C GLY C 277 -15.46 33.50 2.17
N ARG C 278 -14.48 34.36 1.95
CA ARG C 278 -14.26 34.88 0.61
C ARG C 278 -12.81 35.21 0.32
N ILE C 279 -12.57 35.47 -0.95
CA ILE C 279 -11.29 35.91 -1.46
C ILE C 279 -11.13 37.41 -1.18
N ILE C 280 -9.97 37.81 -0.65
CA ILE C 280 -9.81 39.15 -0.12
C ILE C 280 -9.75 40.22 -1.21
N ASN C 281 -8.86 40.05 -2.18
CA ASN C 281 -8.81 40.95 -3.32
C ASN C 281 -9.47 40.29 -4.51
N PRO C 282 -10.68 40.73 -4.89
CA PRO C 282 -11.29 40.00 -6.02
C PRO C 282 -10.54 40.22 -7.36
N GLY C 283 -9.64 41.20 -7.40
CA GLY C 283 -8.89 41.52 -8.62
C GLY C 283 -7.80 40.51 -8.93
N SER C 284 -6.68 40.63 -8.22
CA SER C 284 -5.68 39.58 -8.18
C SER C 284 -6.30 38.68 -7.17
N LYS C 285 -6.50 37.40 -7.47
CA LYS C 285 -7.29 36.59 -6.52
C LYS C 285 -6.51 36.17 -5.27
N LYS C 286 -6.10 37.17 -4.48
CA LYS C 286 -5.17 36.97 -3.39
C LYS C 286 -5.78 37.03 -1.98
N GLY C 287 -5.39 36.07 -1.14
CA GLY C 287 -5.81 36.04 0.25
C GLY C 287 -7.21 35.46 0.45
N PHE C 288 -7.46 35.00 1.66
CA PHE C 288 -8.76 34.45 2.01
C PHE C 288 -9.11 34.91 3.40
N GLU C 289 -10.36 35.33 3.58
CA GLU C 289 -10.81 35.80 4.88
C GLU C 289 -12.11 35.08 5.21
N ILE C 290 -12.40 34.96 6.49
CA ILE C 290 -13.67 34.39 6.91
C ILE C 290 -14.19 35.24 8.08
N TYR C 291 -15.44 35.67 7.95
CA TYR C 291 -16.02 36.67 8.84
C TYR C 291 -17.10 36.02 9.68
N LYS C 292 -17.02 36.18 11.00
CA LYS C 292 -18.02 35.62 11.90
C LYS C 292 -19.15 36.63 12.12
N PHE C 293 -20.37 36.13 12.11
CA PHE C 293 -21.54 36.96 12.34
C PHE C 293 -22.32 36.41 13.53
N LEU C 294 -22.78 37.31 14.40
CA LEU C 294 -23.56 36.88 15.57
C LEU C 294 -25.03 36.82 15.16
N GLY C 295 -25.51 35.61 14.87
CA GLY C 295 -26.86 35.43 14.32
C GLY C 295 -26.93 34.93 12.88
N THR C 296 -28.13 34.89 12.34
CA THR C 296 -28.41 34.30 11.02
C THR C 296 -27.92 35.16 9.85
N LEU C 297 -27.64 34.51 8.72
CA LEU C 297 -27.22 35.24 7.52
C LEU C 297 -28.42 35.94 6.89
N PHE C 298 -29.61 35.67 7.42
CA PHE C 298 -30.85 36.10 6.76
C PHE C 298 -31.71 37.08 7.56
N SER C 299 -31.03 37.98 8.27
CA SER C 299 -31.63 39.17 8.84
C SER C 299 -30.73 40.33 8.48
N VAL C 300 -31.25 41.55 8.53
CA VAL C 300 -30.44 42.71 8.22
C VAL C 300 -29.84 43.27 9.50
N GLN C 301 -30.33 42.75 10.62
CA GLN C 301 -29.86 43.19 11.92
C GLN C 301 -28.61 42.46 12.38
N THR C 302 -28.39 41.22 11.90
CA THR C 302 -27.23 40.46 12.36
C THR C 302 -25.90 41.19 12.09
N VAL C 303 -24.95 41.02 13.02
CA VAL C 303 -23.93 42.05 13.25
C VAL C 303 -22.61 41.98 12.49
N GLY C 304 -21.69 41.14 12.95
CA GLY C 304 -20.35 41.14 12.37
C GLY C 304 -19.30 41.32 13.45
N ASN C 305 -18.53 40.26 13.69
CA ASN C 305 -17.84 40.10 14.95
C ASN C 305 -16.32 40.00 14.84
N ARG C 306 -15.85 39.12 13.96
CA ARG C 306 -14.42 38.94 13.77
C ARG C 306 -14.10 38.42 12.38
N ASN C 307 -13.33 39.22 11.65
CA ASN C 307 -12.85 38.84 10.34
C ASN C 307 -11.45 38.22 10.42
N TYR C 308 -11.36 36.92 10.17
CA TYR C 308 -10.07 36.24 10.18
C TYR C 308 -9.42 36.24 8.80
N GLN C 309 -8.25 36.85 8.68
CA GLN C 309 -7.51 36.78 7.42
C GLN C 309 -6.54 35.60 7.36
N LEU C 310 -7.12 34.42 7.15
CA LEU C 310 -6.42 33.14 7.13
C LEU C 310 -5.21 33.07 6.16
N LEU C 311 -5.38 33.52 4.91
CA LEU C 311 -4.28 33.55 3.95
C LEU C 311 -4.08 34.91 3.32
N SER C 312 -2.85 35.20 2.87
CA SER C 312 -2.50 36.49 2.29
C SER C 312 -1.60 36.29 1.10
N ASN C 313 -0.62 35.43 1.29
CA ASN C 313 0.42 35.20 0.30
C ASN C 313 -0.13 34.63 -1.00
N SER C 314 -1.04 33.67 -0.90
CA SER C 314 -1.31 32.85 -2.06
C SER C 314 -2.57 33.21 -2.85
N THR C 315 -2.62 32.67 -4.08
CA THR C 315 -3.70 32.93 -5.02
C THR C 315 -4.80 31.87 -4.89
N ILE C 316 -5.99 32.33 -4.51
CA ILE C 316 -7.13 31.47 -4.19
C ILE C 316 -8.02 31.18 -5.41
N GLY C 317 -8.62 29.99 -5.43
CA GLY C 317 -9.63 29.68 -6.40
C GLY C 317 -10.87 29.20 -5.66
N ARG C 318 -11.31 27.99 -5.96
CA ARG C 318 -12.53 27.46 -5.35
C ARG C 318 -12.33 27.15 -3.86
N SER C 319 -13.44 27.14 -3.12
CA SER C 319 -13.42 26.72 -1.73
C SER C 319 -14.72 25.93 -1.42
N GLY C 320 -14.63 24.95 -0.52
CA GLY C 320 -15.75 24.08 -0.25
C GLY C 320 -15.86 23.55 1.16
N LEU C 321 -17.02 22.99 1.50
CA LEU C 321 -17.26 22.48 2.86
C LEU C 321 -17.15 20.96 2.96
N TYR C 322 -16.83 20.45 4.16
CA TYR C 322 -16.88 19.00 4.42
C TYR C 322 -16.99 18.68 5.90
N GLN C 323 -17.71 17.59 6.23
CA GLN C 323 -17.84 17.12 7.61
C GLN C 323 -17.17 15.75 7.84
N PRO C 324 -16.13 15.73 8.69
CA PRO C 324 -15.48 14.46 9.07
C PRO C 324 -16.43 13.62 9.92
N ALA C 325 -16.46 12.30 9.75
CA ALA C 325 -17.33 11.48 10.60
C ALA C 325 -16.76 10.12 10.97
N TYR C 326 -15.48 10.11 11.32
CA TYR C 326 -14.89 8.97 12.04
C TYR C 326 -14.64 9.44 13.47
N GLU C 327 -15.62 10.20 13.95
CA GLU C 327 -15.64 10.72 15.29
C GLU C 327 -16.21 9.69 16.25
N SER C 328 -15.93 9.89 17.52
CA SER C 328 -16.73 9.32 18.58
C SER C 328 -17.00 10.54 19.45
N ARG C 329 -17.24 11.65 18.75
CA ARG C 329 -17.37 12.98 19.36
C ARG C 329 -18.84 13.37 19.59
N ASP C 330 -19.05 14.15 20.64
CA ASP C 330 -20.38 14.56 21.09
C ASP C 330 -20.99 15.75 20.32
N CYS C 331 -20.30 16.17 19.27
CA CYS C 331 -20.80 17.22 18.38
C CYS C 331 -20.25 16.98 16.98
N GLN C 332 -20.92 17.53 15.96
CA GLN C 332 -20.53 17.27 14.57
C GLN C 332 -19.54 18.34 14.06
N GLU C 333 -18.30 17.93 13.76
CA GLU C 333 -17.28 18.89 13.33
C GLU C 333 -17.44 19.36 11.88
N LEU C 334 -17.12 20.63 11.64
CA LEU C 334 -17.24 21.22 10.31
C LEU C 334 -15.90 21.76 9.83
N CYS C 335 -15.60 21.52 8.57
CA CYS C 335 -14.34 21.95 7.98
C CYS C 335 -14.54 22.57 6.60
N PHE C 336 -13.51 23.24 6.10
CA PHE C 336 -13.52 23.65 4.69
C PHE C 336 -12.17 23.45 4.00
N TRP C 337 -12.23 23.31 2.69
CA TRP C 337 -11.04 23.23 1.86
C TRP C 337 -10.98 24.45 0.95
N ILE C 338 -9.76 24.94 0.71
CA ILE C 338 -9.50 26.03 -0.20
C ILE C 338 -8.53 25.58 -1.30
N GLU C 339 -8.98 25.59 -2.56
CA GLU C 339 -8.07 25.38 -3.70
C GLU C 339 -7.22 26.63 -4.00
N ILE C 340 -5.92 26.38 -4.20
CA ILE C 340 -4.85 27.36 -4.32
C ILE C 340 -4.19 27.26 -5.70
N ALA C 341 -3.95 28.38 -6.36
CA ALA C 341 -3.13 28.33 -7.57
C ALA C 341 -1.67 28.17 -7.14
N ALA C 342 -0.98 27.18 -7.70
CA ALA C 342 0.42 26.92 -7.36
C ALA C 342 1.29 26.56 -8.58
N THR C 343 2.56 26.27 -8.32
CA THR C 343 3.50 26.03 -9.41
C THR C 343 4.39 24.83 -9.09
N THR C 344 4.71 24.02 -10.09
CA THR C 344 5.59 22.86 -9.86
C THR C 344 7.03 23.29 -9.90
N LYS C 345 7.93 22.42 -9.47
CA LYS C 345 9.34 22.76 -9.42
C LYS C 345 9.85 23.09 -10.83
N ALA C 346 9.31 22.37 -11.81
CA ALA C 346 9.63 22.57 -13.23
C ALA C 346 9.11 23.90 -13.77
N GLY C 347 8.06 24.43 -13.13
CA GLY C 347 7.48 25.68 -13.57
C GLY C 347 6.05 25.55 -14.08
N LEU C 348 5.55 24.33 -14.22
CA LEU C 348 4.14 24.15 -14.61
C LEU C 348 3.22 24.72 -13.53
N SER C 349 2.14 25.38 -13.95
CA SER C 349 1.17 25.85 -12.97
C SER C 349 0.22 24.69 -12.64
N SER C 350 -0.29 24.69 -11.41
CA SER C 350 -1.18 23.63 -10.93
C SER C 350 -1.92 24.08 -9.68
N ASN C 351 -2.70 23.19 -9.08
CA ASN C 351 -3.36 23.49 -7.82
C ASN C 351 -2.88 22.59 -6.70
N ASP C 352 -2.95 23.11 -5.47
CA ASP C 352 -3.37 22.23 -4.36
C ASP C 352 -4.25 22.85 -3.30
N LEU C 353 -4.05 22.38 -2.08
CA LEU C 353 -5.13 22.38 -1.10
C LEU C 353 -4.65 22.78 0.28
N ILE C 354 -5.44 23.64 0.92
CA ILE C 354 -5.33 23.88 2.36
C ILE C 354 -6.69 23.53 2.92
N THR C 355 -6.71 22.97 4.12
CA THR C 355 -7.96 22.65 4.78
C THR C 355 -7.99 23.26 6.19
N PHE C 356 -9.17 23.54 6.70
CA PHE C 356 -9.32 24.18 7.99
C PHE C 356 -10.47 23.50 8.67
N CYS C 357 -10.36 23.30 9.98
CA CYS C 357 -11.49 22.80 10.78
C CYS C 357 -11.72 23.76 11.92
N GLY C 358 -12.94 23.77 12.44
CA GLY C 358 -13.27 24.75 13.46
C GLY C 358 -12.78 24.42 14.86
N THR C 359 -12.41 25.47 15.59
CA THR C 359 -12.09 25.39 17.02
C THR C 359 -13.17 26.14 17.77
N GLY C 360 -13.51 25.66 18.98
CA GLY C 360 -14.44 26.36 19.83
C GLY C 360 -13.93 27.69 20.39
N GLY C 361 -12.61 27.86 20.39
CA GLY C 361 -12.02 29.07 20.95
C GLY C 361 -11.53 30.07 19.91
N SER C 362 -11.58 31.36 20.26
CA SER C 362 -11.12 32.40 19.35
C SER C 362 -9.61 32.29 19.09
N MET C 363 -9.18 32.64 17.88
CA MET C 363 -7.76 32.59 17.52
C MET C 363 -7.14 33.97 17.39
N PRO C 364 -5.79 34.05 17.43
CA PRO C 364 -5.07 35.28 17.09
C PRO C 364 -5.08 35.54 15.59
N ASP C 365 -4.71 36.76 15.19
CA ASP C 365 -4.51 37.08 13.78
C ASP C 365 -3.18 36.50 13.34
N VAL C 366 -3.24 35.45 12.51
CA VAL C 366 -2.07 34.73 12.00
C VAL C 366 -2.19 34.36 10.51
N ASN C 367 -1.09 34.41 9.75
CA ASN C 367 -1.14 34.00 8.36
C ASN C 367 -0.78 32.53 8.17
N TRP C 368 -1.60 31.82 7.42
CA TRP C 368 -1.39 30.39 7.23
C TRP C 368 -0.87 30.08 5.83
N GLY C 369 -0.72 31.12 5.01
CA GLY C 369 -0.33 30.90 3.63
C GLY C 369 -0.77 32.00 2.70
N ALA D 6 -13.34 -14.69 4.62
CA ALA D 6 -13.13 -15.02 3.21
C ALA D 6 -14.45 -15.22 2.47
N THR D 7 -14.96 -16.44 2.50
CA THR D 7 -16.22 -16.76 1.84
C THR D 7 -16.05 -16.91 0.34
N PRO D 8 -16.89 -17.75 -0.27
CA PRO D 8 -16.84 -18.00 -1.72
C PRO D 8 -17.48 -16.90 -2.56
N LEU D 9 -16.92 -16.64 -3.67
CA LEU D 9 -17.48 -15.69 -4.62
C LEU D 9 -18.70 -16.30 -5.27
N VAL D 10 -19.73 -15.48 -5.39
CA VAL D 10 -21.05 -15.92 -5.83
C VAL D 10 -21.71 -14.76 -6.59
N LEU D 11 -22.29 -15.06 -7.76
CA LEU D 11 -22.80 -14.03 -8.66
C LEU D 11 -24.31 -13.86 -8.56
N GLY D 12 -24.82 -12.89 -9.30
CA GLY D 12 -26.26 -12.69 -9.39
C GLY D 12 -26.88 -13.66 -10.38
N GLU D 13 -28.08 -14.13 -10.06
CA GLU D 13 -28.82 -15.02 -10.95
C GLU D 13 -29.50 -14.24 -12.08
N ASN D 14 -29.65 -12.94 -11.87
CA ASN D 14 -30.31 -12.09 -12.84
C ASN D 14 -29.44 -10.92 -13.27
N LEU D 15 -29.36 -10.73 -14.59
CA LEU D 15 -28.60 -9.62 -15.16
C LEU D 15 -29.36 -8.31 -15.03
N CYS D 16 -28.63 -7.26 -14.67
CA CYS D 16 -29.13 -5.89 -14.80
C CYS D 16 -29.53 -5.64 -16.26
N SER D 17 -30.63 -4.94 -16.47
CA SER D 17 -31.00 -4.61 -17.84
C SER D 17 -29.96 -3.66 -18.42
N ILE D 18 -29.72 -3.79 -19.73
CA ILE D 18 -28.69 -3.01 -20.37
C ILE D 18 -29.20 -2.39 -21.65
N ASN D 19 -29.20 -1.07 -21.70
CA ASN D 19 -29.68 -0.33 -22.85
C ASN D 19 -28.60 0.58 -23.40
N GLY D 20 -27.45 0.56 -22.73
CA GLY D 20 -26.37 1.51 -22.98
C GLY D 20 -25.08 1.08 -22.32
N TRP D 21 -23.99 1.73 -22.69
CA TRP D 21 -22.67 1.32 -22.23
C TRP D 21 -21.79 2.48 -21.82
N VAL D 22 -21.07 2.30 -20.71
CA VAL D 22 -20.25 3.35 -20.12
C VAL D 22 -18.81 2.85 -19.94
N PRO D 23 -17.83 3.67 -20.34
CA PRO D 23 -16.40 3.37 -20.13
C PRO D 23 -15.99 3.42 -18.66
N THR D 24 -15.40 2.32 -18.18
CA THR D 24 -14.88 2.30 -16.82
C THR D 24 -13.38 2.59 -16.74
N TYR D 25 -12.68 2.40 -17.87
CA TYR D 25 -11.23 2.57 -17.96
C TYR D 25 -10.80 2.74 -19.40
N ARG D 26 -9.92 3.71 -19.64
CA ARG D 26 -9.33 3.94 -20.97
C ARG D 26 -7.81 4.01 -20.83
N GLY D 27 -7.10 3.15 -21.56
CA GLY D 27 -5.66 3.09 -21.45
C GLY D 27 -5.00 4.34 -21.99
N GLU D 28 -3.67 4.40 -21.85
CA GLU D 28 -2.90 5.53 -22.37
C GLU D 28 -2.91 5.54 -23.90
N GLY D 29 -2.98 4.35 -24.48
CA GLY D 29 -2.93 4.19 -25.92
C GLY D 29 -4.30 4.20 -26.56
N THR D 30 -5.34 4.37 -25.75
CA THR D 30 -6.65 4.78 -26.25
C THR D 30 -6.48 6.24 -26.69
N THR D 31 -5.69 6.96 -25.90
CA THR D 31 -5.52 8.40 -26.00
C THR D 31 -4.17 8.76 -26.64
N GLY D 32 -3.72 7.96 -27.59
CA GLY D 32 -2.52 8.30 -28.34
C GLY D 32 -1.34 7.34 -28.27
N LYS D 33 -0.33 7.70 -27.48
CA LYS D 33 0.93 6.94 -27.46
C LYS D 33 1.33 6.40 -26.08
N ILE D 34 1.58 5.09 -26.03
CA ILE D 34 2.04 4.45 -24.80
C ILE D 34 3.45 4.90 -24.44
N PRO D 35 3.67 5.34 -23.19
CA PRO D 35 5.02 5.68 -22.70
C PRO D 35 5.93 4.47 -22.73
N ASP D 36 7.23 4.69 -22.91
CA ASP D 36 8.14 3.56 -23.15
C ASP D 36 8.49 2.78 -21.89
N GLU D 37 8.22 3.34 -20.72
CA GLU D 37 8.51 2.66 -19.45
C GLU D 37 7.49 1.58 -19.12
N GLN D 38 6.40 1.54 -19.88
CA GLN D 38 5.37 0.53 -19.69
C GLN D 38 5.74 -0.76 -20.40
N MET D 39 5.29 -1.89 -19.85
CA MET D 39 5.53 -3.18 -20.47
C MET D 39 4.78 -3.29 -21.78
N LEU D 40 5.25 -4.20 -22.63
CA LEU D 40 4.54 -4.48 -23.87
C LEU D 40 3.55 -5.62 -23.62
N THR D 41 2.32 -5.25 -23.36
CA THR D 41 1.24 -6.20 -23.13
C THR D 41 0.74 -6.80 -24.42
N ARG D 42 0.38 -8.08 -24.36
CA ARG D 42 -0.48 -8.68 -25.36
C ARG D 42 -1.39 -9.68 -24.62
N GLN D 43 -2.33 -10.30 -25.33
CA GLN D 43 -3.34 -11.16 -24.71
C GLN D 43 -4.02 -10.54 -23.48
N ASN D 44 -4.32 -9.25 -23.55
CA ASN D 44 -5.04 -8.58 -22.48
C ASN D 44 -6.44 -9.14 -22.22
N PHE D 45 -6.82 -9.21 -20.96
CA PHE D 45 -8.20 -9.48 -20.61
C PHE D 45 -8.47 -9.02 -19.18
N VAL D 46 -9.73 -9.00 -18.78
CA VAL D 46 -10.08 -8.53 -17.45
C VAL D 46 -10.84 -9.59 -16.68
N SER D 47 -10.36 -9.88 -15.48
CA SER D 47 -11.08 -10.76 -14.56
C SER D 47 -11.21 -10.06 -13.20
N CYS D 48 -12.35 -10.26 -12.56
CA CYS D 48 -12.59 -9.59 -11.29
C CYS D 48 -12.54 -10.52 -10.11
N SER D 49 -12.12 -9.98 -8.97
CA SER D 49 -12.20 -10.67 -7.69
C SER D 49 -13.35 -10.08 -6.91
N ASP D 50 -13.31 -10.22 -5.59
CA ASP D 50 -14.39 -9.78 -4.73
C ASP D 50 -14.04 -8.45 -4.09
N LYS D 51 -12.99 -7.79 -4.60
CA LYS D 51 -12.49 -6.57 -4.01
C LYS D 51 -11.96 -5.61 -5.08
N GLU D 52 -11.65 -6.15 -6.26
CA GLU D 52 -11.10 -5.37 -7.35
C GLU D 52 -11.20 -6.12 -8.67
N CYS D 53 -11.18 -5.37 -9.77
CA CYS D 53 -11.02 -5.96 -11.10
C CYS D 53 -9.55 -5.90 -11.48
N ARG D 54 -9.09 -6.87 -12.25
CA ARG D 54 -7.68 -6.89 -12.65
C ARG D 54 -7.48 -7.07 -14.13
N ARG D 55 -6.43 -6.45 -14.65
CA ARG D 55 -6.05 -6.57 -16.04
C ARG D 55 -4.92 -7.58 -16.14
N PHE D 56 -5.19 -8.71 -16.77
CA PHE D 56 -4.16 -9.72 -16.98
C PHE D 56 -3.65 -9.63 -18.41
N PHE D 57 -2.37 -9.92 -18.60
CA PHE D 57 -1.79 -9.93 -19.91
C PHE D 57 -0.52 -10.77 -19.91
N VAL D 58 0.00 -10.99 -21.11
CA VAL D 58 1.27 -11.66 -21.34
C VAL D 58 2.27 -10.61 -21.85
N SER D 59 3.52 -10.66 -21.39
CA SER D 59 4.56 -9.79 -21.94
C SER D 59 5.90 -10.48 -21.97
N MET D 60 6.87 -9.77 -22.54
CA MET D 60 8.18 -10.35 -22.76
C MET D 60 9.31 -9.35 -22.48
N GLY D 61 9.00 -8.07 -22.70
CA GLY D 61 9.92 -6.98 -22.40
C GLY D 61 9.26 -5.61 -22.35
N TYR D 62 9.98 -4.59 -22.78
CA TYR D 62 9.54 -3.20 -22.63
C TYR D 62 9.60 -2.42 -23.95
N VAL D 73 5.22 -17.47 -29.66
CA VAL D 73 5.59 -18.37 -28.57
C VAL D 73 7.07 -18.26 -28.17
N SER D 74 7.31 -17.99 -26.88
CA SER D 74 8.67 -17.83 -26.38
C SER D 74 8.80 -18.35 -24.94
N GLU D 75 10.01 -18.77 -24.58
CA GLU D 75 10.30 -19.17 -23.21
C GLU D 75 10.26 -17.92 -22.36
N GLN D 76 10.55 -16.79 -22.99
CA GLN D 76 10.68 -15.53 -22.27
C GLN D 76 9.34 -14.94 -21.82
N MET D 77 8.24 -15.46 -22.36
CA MET D 77 6.92 -14.91 -22.07
C MET D 77 6.47 -15.23 -20.63
N ASN D 78 5.94 -14.22 -19.96
CA ASN D 78 5.38 -14.39 -18.62
C ASN D 78 3.94 -13.89 -18.57
N VAL D 79 3.19 -14.34 -17.58
CA VAL D 79 1.88 -13.76 -17.30
C VAL D 79 1.96 -12.77 -16.15
N TYR D 80 1.44 -11.57 -16.37
CA TYR D 80 1.36 -10.55 -15.32
C TYR D 80 -0.06 -10.05 -15.14
N SER D 81 -0.28 -9.29 -14.08
CA SER D 81 -1.55 -8.55 -13.93
C SER D 81 -1.36 -7.25 -13.16
N VAL D 82 -2.27 -6.31 -13.38
CA VAL D 82 -2.31 -5.06 -12.62
C VAL D 82 -3.73 -4.84 -12.17
N LYS D 83 -3.93 -3.94 -11.22
CA LYS D 83 -5.28 -3.53 -10.89
C LYS D 83 -5.83 -2.76 -12.08
N LEU D 84 -7.05 -3.09 -12.51
CA LEU D 84 -7.73 -2.32 -13.56
C LEU D 84 -7.68 -0.82 -13.22
N GLY D 85 -7.04 -0.03 -14.08
CA GLY D 85 -6.84 1.38 -13.80
C GLY D 85 -5.38 1.77 -13.67
N ASP D 86 -4.61 0.97 -12.95
CA ASP D 86 -3.18 1.17 -12.88
C ASP D 86 -2.51 0.83 -14.23
N PRO D 87 -1.54 1.65 -14.65
CA PRO D 87 -0.73 1.32 -15.84
C PRO D 87 0.23 0.19 -15.57
N PRO D 88 0.60 -0.56 -16.61
CA PRO D 88 1.60 -1.63 -16.44
C PRO D 88 3.05 -1.13 -16.35
N THR D 89 3.32 -0.19 -15.46
CA THR D 89 4.69 0.12 -15.04
C THR D 89 5.22 -0.97 -14.09
N PRO D 90 6.48 -1.38 -14.29
CA PRO D 90 7.23 -2.39 -13.51
C PRO D 90 6.89 -2.33 -12.02
N ASP D 91 6.78 -1.11 -11.50
CA ASP D 91 6.35 -0.87 -10.12
C ASP D 91 4.97 -1.47 -9.78
N LYS D 92 4.08 -1.50 -10.77
CA LYS D 92 2.67 -1.86 -10.54
C LYS D 92 2.36 -3.30 -10.96
N LEU D 93 3.38 -3.99 -11.45
CA LEU D 93 3.27 -5.34 -11.95
C LEU D 93 3.23 -6.41 -10.85
N LYS D 94 2.41 -7.44 -11.09
CA LYS D 94 2.46 -8.66 -10.30
C LYS D 94 2.73 -9.84 -11.24
N PHE D 95 3.85 -10.53 -11.01
CA PHE D 95 4.14 -11.76 -11.74
C PHE D 95 3.04 -12.78 -11.45
N GLU D 96 2.56 -13.46 -12.50
CA GLU D 96 1.47 -14.41 -12.31
C GLU D 96 1.86 -15.86 -12.65
N ALA D 97 2.54 -16.05 -13.78
CA ALA D 97 3.00 -17.38 -14.21
C ALA D 97 3.95 -17.21 -15.38
N VAL D 98 4.62 -18.30 -15.76
CA VAL D 98 5.38 -18.36 -16.99
C VAL D 98 4.45 -18.86 -18.10
N GLY D 99 4.42 -18.18 -19.25
CA GLY D 99 3.52 -18.57 -20.34
C GLY D 99 3.20 -17.55 -21.42
N TRP D 100 2.51 -18.00 -22.47
CA TRP D 100 2.17 -17.15 -23.61
C TRP D 100 0.66 -17.11 -23.85
N SER D 101 -0.09 -17.78 -22.95
CA SER D 101 -1.53 -17.90 -23.09
C SER D 101 -2.13 -18.07 -21.69
N ALA D 102 -3.16 -17.29 -21.36
CA ALA D 102 -3.66 -17.30 -19.98
C ALA D 102 -5.15 -16.99 -19.78
N SER D 103 -5.76 -17.74 -18.87
CA SER D 103 -7.11 -17.45 -18.40
C SER D 103 -7.04 -17.35 -16.88
N SER D 104 -7.75 -16.41 -16.29
CA SER D 104 -7.80 -16.39 -14.83
C SER D 104 -9.20 -16.14 -14.30
N CYS D 105 -9.35 -16.28 -12.98
CA CYS D 105 -10.62 -16.10 -12.29
C CYS D 105 -10.44 -16.33 -10.78
N HIS D 106 -11.34 -15.73 -10.01
CA HIS D 106 -11.23 -15.72 -8.56
C HIS D 106 -12.46 -16.38 -7.94
N ASP D 107 -12.24 -17.21 -6.91
CA ASP D 107 -13.30 -18.06 -6.37
C ASP D 107 -13.82 -17.55 -5.04
N GLY D 108 -13.36 -16.37 -4.65
CA GLY D 108 -13.64 -15.82 -3.33
C GLY D 108 -12.46 -15.99 -2.38
N PHE D 109 -11.57 -16.91 -2.69
CA PHE D 109 -10.45 -17.23 -1.83
C PHE D 109 -9.11 -16.84 -2.46
N GLN D 110 -8.96 -17.21 -3.73
CA GLN D 110 -7.68 -17.13 -4.41
C GLN D 110 -7.82 -17.01 -5.92
N TRP D 111 -6.84 -16.36 -6.54
CA TRP D 111 -6.74 -16.34 -7.98
C TRP D 111 -6.30 -17.71 -8.50
N THR D 112 -7.14 -18.26 -9.37
CA THR D 112 -6.78 -19.43 -10.15
C THR D 112 -6.25 -18.91 -11.49
N VAL D 113 -5.06 -19.36 -11.88
CA VAL D 113 -4.47 -18.91 -13.14
C VAL D 113 -4.00 -20.09 -14.01
N LEU D 114 -4.57 -20.19 -15.21
CA LEU D 114 -4.15 -21.21 -16.18
C LEU D 114 -3.20 -20.60 -17.20
N SER D 115 -2.03 -21.22 -17.35
CA SER D 115 -0.99 -20.70 -18.20
C SER D 115 -0.38 -21.82 -19.06
N VAL D 116 -0.32 -21.58 -20.37
CA VAL D 116 0.34 -22.47 -21.31
C VAL D 116 1.81 -22.10 -21.37
N ALA D 117 2.67 -23.06 -21.10
CA ALA D 117 4.09 -22.80 -21.02
C ALA D 117 4.83 -24.03 -21.51
N GLY D 118 6.16 -23.92 -21.56
CA GLY D 118 7.01 -25.03 -21.99
C GLY D 118 6.78 -25.42 -23.43
N ASP D 119 6.34 -26.66 -23.64
CA ASP D 119 6.09 -27.17 -24.97
C ASP D 119 4.63 -27.00 -25.38
N GLY D 120 3.79 -26.59 -24.43
CA GLY D 120 2.37 -26.39 -24.68
C GLY D 120 1.45 -27.13 -23.71
N PHE D 121 1.93 -27.36 -22.50
CA PHE D 121 1.06 -27.86 -21.44
C PHE D 121 0.55 -26.69 -20.61
N VAL D 122 -0.63 -26.83 -20.00
CA VAL D 122 -1.11 -25.77 -19.12
C VAL D 122 -0.80 -26.04 -17.66
N SER D 123 -0.21 -25.04 -17.00
CA SER D 123 0.06 -25.14 -15.56
C SER D 123 -1.03 -24.35 -14.81
N ILE D 124 -1.49 -24.90 -13.68
CA ILE D 124 -2.56 -24.23 -12.92
C ILE D 124 -2.08 -23.71 -11.57
N LEU D 125 -2.13 -22.40 -11.38
CA LEU D 125 -1.63 -21.78 -10.16
C LEU D 125 -2.75 -21.24 -9.29
N TYR D 126 -2.69 -21.53 -8.00
CA TYR D 126 -3.75 -21.16 -7.05
C TYR D 126 -3.09 -20.49 -5.85
N GLY D 127 -3.35 -19.20 -5.69
CA GLY D 127 -2.39 -18.35 -4.99
C GLY D 127 -1.30 -18.23 -6.02
N GLY D 128 -0.05 -18.37 -5.61
CA GLY D 128 1.00 -18.52 -6.58
C GLY D 128 1.62 -19.88 -6.42
N ILE D 129 0.80 -20.89 -6.15
CA ILE D 129 1.29 -22.26 -6.01
C ILE D 129 0.66 -23.16 -7.06
N ILE D 130 1.47 -24.02 -7.64
CA ILE D 130 0.96 -24.92 -8.67
C ILE D 130 0.13 -26.07 -8.08
N THR D 131 -1.11 -26.19 -8.55
CA THR D 131 -2.06 -27.15 -7.99
C THR D 131 -2.40 -28.27 -8.98
N ASP D 132 -2.10 -28.05 -10.25
CA ASP D 132 -2.32 -29.06 -11.29
C ASP D 132 -1.63 -28.75 -12.61
N THR D 133 -1.41 -29.79 -13.42
CA THR D 133 -0.93 -29.60 -14.78
C THR D 133 -1.88 -30.35 -15.70
N ILE D 134 -2.05 -29.81 -16.90
CA ILE D 134 -2.87 -30.45 -17.93
C ILE D 134 -2.00 -30.56 -19.17
N HIS D 135 -2.01 -31.72 -19.81
CA HIS D 135 -1.12 -31.94 -20.94
C HIS D 135 -1.88 -32.25 -22.22
N PRO D 136 -1.32 -31.82 -23.36
CA PRO D 136 -1.87 -32.13 -24.68
C PRO D 136 -1.90 -33.63 -24.96
N THR D 137 -3.04 -34.11 -25.46
CA THR D 137 -3.13 -35.46 -26.02
C THR D 137 -3.22 -35.36 -27.54
N ASN D 138 -4.23 -34.62 -27.98
CA ASN D 138 -4.58 -34.46 -29.39
C ASN D 138 -3.67 -33.51 -30.19
N GLY D 139 -2.35 -33.68 -30.04
CA GLY D 139 -1.39 -32.94 -30.85
C GLY D 139 -0.65 -31.81 -30.15
N GLY D 140 -1.38 -31.05 -29.33
CA GLY D 140 -0.84 -29.83 -28.76
C GLY D 140 -0.64 -28.78 -29.85
N PRO D 141 -0.19 -27.58 -29.47
CA PRO D 141 -0.13 -27.14 -28.07
C PRO D 141 -1.53 -26.87 -27.51
N LEU D 142 -1.66 -26.84 -26.18
CA LEU D 142 -2.94 -26.50 -25.55
C LEU D 142 -3.23 -24.99 -25.63
N ARG D 143 -4.50 -24.61 -25.52
CA ARG D 143 -4.90 -23.22 -25.70
C ARG D 143 -5.96 -22.80 -24.66
N THR D 144 -5.63 -21.80 -23.84
CA THR D 144 -6.59 -21.26 -22.87
C THR D 144 -7.66 -20.43 -23.56
N GLN D 145 -8.68 -20.04 -22.81
CA GLN D 145 -9.79 -19.30 -23.39
C GLN D 145 -9.50 -17.81 -23.54
N ALA D 146 -8.25 -17.43 -23.22
CA ALA D 146 -7.72 -16.06 -23.44
C ALA D 146 -8.59 -14.97 -22.82
N SER D 147 -9.17 -15.28 -21.67
CA SER D 147 -10.28 -14.50 -21.15
C SER D 147 -10.57 -14.99 -19.75
N SER D 148 -11.32 -14.20 -18.99
CA SER D 148 -11.65 -14.62 -17.63
C SER D 148 -12.44 -15.93 -17.67
N CYS D 149 -11.96 -16.93 -16.94
CA CYS D 149 -12.79 -18.10 -16.68
C CYS D 149 -13.82 -17.73 -15.62
N ILE D 150 -14.74 -18.64 -15.32
CA ILE D 150 -15.89 -18.30 -14.48
C ILE D 150 -15.89 -19.10 -13.19
N CYS D 151 -16.07 -18.40 -12.07
CA CYS D 151 -16.17 -19.05 -10.77
C CYS D 151 -17.53 -18.75 -10.17
N ASN D 152 -18.12 -19.75 -9.53
CA ASN D 152 -19.33 -19.54 -8.77
C ASN D 152 -19.42 -20.58 -7.66
N ASP D 153 -19.63 -20.10 -6.44
CA ASP D 153 -19.94 -20.96 -5.31
C ASP D 153 -18.79 -21.91 -4.94
N GLY D 154 -17.57 -21.41 -5.05
CA GLY D 154 -16.40 -22.19 -4.70
C GLY D 154 -15.80 -22.96 -5.87
N THR D 155 -16.55 -23.04 -6.97
CA THR D 155 -16.17 -23.89 -8.09
C THR D 155 -15.91 -23.08 -9.36
N CYS D 156 -14.89 -23.46 -10.13
CA CYS D 156 -14.50 -22.72 -11.34
C CYS D 156 -14.56 -23.58 -12.60
N TYR D 157 -14.93 -22.93 -13.71
CA TYR D 157 -15.10 -23.61 -14.99
C TYR D 157 -14.28 -22.90 -16.08
N THR D 158 -13.59 -23.66 -16.91
CA THR D 158 -12.89 -23.09 -18.05
C THR D 158 -12.86 -24.05 -19.22
N ILE D 159 -12.49 -23.55 -20.39
CA ILE D 159 -12.45 -24.35 -21.59
C ILE D 159 -11.06 -24.29 -22.21
N ILE D 160 -10.47 -25.46 -22.44
CA ILE D 160 -9.13 -25.58 -23.03
C ILE D 160 -9.23 -26.27 -24.39
N ALA D 161 -8.43 -25.84 -25.35
CA ALA D 161 -8.49 -26.35 -26.71
C ALA D 161 -7.23 -27.14 -27.06
N ASP D 162 -7.38 -28.20 -27.85
CA ASP D 162 -6.25 -28.94 -28.40
C ASP D 162 -6.45 -29.09 -29.92
N GLY D 163 -5.43 -29.58 -30.62
CA GLY D 163 -5.51 -29.69 -32.07
C GLY D 163 -4.35 -28.97 -32.76
N THR D 164 -3.85 -29.57 -33.84
CA THR D 164 -2.73 -28.99 -34.59
C THR D 164 -3.24 -27.96 -35.60
N THR D 165 -4.53 -28.03 -35.93
CA THR D 165 -5.18 -27.01 -36.75
C THR D 165 -6.67 -26.89 -36.42
N TYR D 166 -7.26 -25.75 -36.79
CA TYR D 166 -8.66 -25.43 -36.44
C TYR D 166 -9.71 -26.32 -37.12
N THR D 167 -9.31 -27.04 -38.17
CA THR D 167 -10.20 -28.04 -38.75
C THR D 167 -10.43 -29.12 -37.70
N ALA D 168 -9.37 -29.83 -37.38
CA ALA D 168 -9.41 -30.90 -36.41
C ALA D 168 -9.03 -30.40 -35.02
N SER D 169 -9.86 -29.53 -34.45
CA SER D 169 -9.65 -29.07 -33.06
C SER D 169 -10.61 -29.75 -32.07
N SER D 170 -10.06 -30.13 -30.92
CA SER D 170 -10.83 -30.69 -29.80
C SER D 170 -11.02 -29.63 -28.71
N HIS D 171 -12.15 -29.68 -28.00
CA HIS D 171 -12.41 -28.73 -26.91
C HIS D 171 -12.93 -29.41 -25.64
N ARG D 172 -12.21 -29.21 -24.54
CA ARG D 172 -12.62 -29.77 -23.26
C ARG D 172 -13.12 -28.72 -22.28
N LEU D 173 -14.11 -29.10 -21.49
CA LEU D 173 -14.67 -28.25 -20.45
C LEU D 173 -14.21 -28.74 -19.08
N TYR D 174 -13.46 -27.91 -18.35
CA TYR D 174 -12.92 -28.30 -17.04
C TYR D 174 -13.69 -27.75 -15.83
N ARG D 175 -13.81 -28.56 -14.79
CA ARG D 175 -14.32 -28.11 -13.50
C ARG D 175 -13.18 -28.10 -12.48
N LEU D 176 -12.99 -26.96 -11.83
CA LEU D 176 -11.91 -26.81 -10.86
C LEU D 176 -12.43 -26.44 -9.49
N VAL D 177 -11.81 -27.00 -8.46
CA VAL D 177 -12.05 -26.54 -7.09
C VAL D 177 -10.71 -26.34 -6.39
N ASN D 178 -10.51 -25.14 -5.84
CA ASN D 178 -9.25 -24.75 -5.20
C ASN D 178 -8.01 -25.07 -6.03
N GLY D 179 -8.12 -24.92 -7.34
CA GLY D 179 -6.97 -25.12 -8.21
C GLY D 179 -6.82 -26.52 -8.77
N THR D 180 -7.65 -27.45 -8.33
CA THR D 180 -7.51 -28.84 -8.75
C THR D 180 -8.61 -29.30 -9.74
N SER D 181 -8.22 -30.12 -10.74
CA SER D 181 -9.18 -30.70 -11.69
C SER D 181 -10.19 -31.59 -10.97
N ALA D 182 -11.47 -31.26 -11.11
CA ALA D 182 -12.53 -32.01 -10.45
C ALA D 182 -13.31 -32.71 -11.54
N GLY D 183 -12.58 -33.17 -12.56
CA GLY D 183 -13.18 -33.80 -13.71
C GLY D 183 -13.51 -32.81 -14.81
N TRP D 184 -13.85 -33.34 -15.98
CA TRP D 184 -13.98 -32.55 -17.19
C TRP D 184 -14.97 -33.22 -18.15
N LYS D 185 -15.15 -32.63 -19.31
CA LYS D 185 -16.06 -33.17 -20.32
C LYS D 185 -15.62 -32.80 -21.74
N ALA D 186 -15.75 -33.75 -22.65
CA ALA D 186 -15.47 -33.46 -24.06
C ALA D 186 -16.69 -32.79 -24.68
N LEU D 187 -16.45 -31.84 -25.57
CA LEU D 187 -17.55 -31.15 -26.24
C LEU D 187 -17.58 -31.54 -27.72
N ASP D 188 -18.75 -32.00 -28.17
CA ASP D 188 -18.92 -32.32 -29.57
C ASP D 188 -18.77 -31.04 -30.39
N THR D 189 -17.60 -30.86 -30.99
CA THR D 189 -17.42 -29.77 -31.94
C THR D 189 -17.17 -30.34 -33.31
N THR D 190 -17.81 -31.47 -33.58
CA THR D 190 -17.88 -31.97 -34.95
C THR D 190 -18.74 -30.99 -35.75
N GLY D 191 -18.16 -30.51 -36.84
CA GLY D 191 -18.80 -29.49 -37.64
C GLY D 191 -17.94 -28.25 -37.68
N PHE D 192 -17.33 -27.92 -36.56
CA PHE D 192 -16.81 -26.57 -36.38
C PHE D 192 -15.68 -26.46 -35.37
N ASN D 193 -15.37 -25.20 -35.05
CA ASN D 193 -14.24 -24.82 -34.23
C ASN D 193 -14.63 -23.76 -33.18
N PHE D 194 -14.16 -23.94 -31.95
CA PHE D 194 -14.60 -23.13 -30.81
C PHE D 194 -13.44 -22.50 -30.02
N GLU D 195 -12.69 -21.60 -30.64
CA GLU D 195 -11.53 -20.97 -30.00
C GLU D 195 -11.85 -19.70 -29.19
N PHE D 196 -11.17 -19.56 -28.06
CA PHE D 196 -11.27 -18.37 -27.20
C PHE D 196 -12.66 -18.04 -26.69
N PRO D 197 -13.36 -19.01 -26.07
CA PRO D 197 -14.68 -18.64 -25.56
C PRO D 197 -14.58 -17.56 -24.48
N THR D 198 -15.38 -16.51 -24.60
CA THR D 198 -15.49 -15.50 -23.57
C THR D 198 -16.88 -15.60 -22.95
N CYS D 199 -16.96 -15.65 -21.63
CA CYS D 199 -18.17 -16.14 -20.97
C CYS D 199 -18.78 -15.23 -19.90
N TYR D 200 -19.98 -15.58 -19.45
CA TYR D 200 -20.61 -14.94 -18.29
C TYR D 200 -21.67 -15.86 -17.67
N TYR D 201 -22.21 -15.46 -16.53
CA TYR D 201 -23.13 -16.29 -15.76
C TYR D 201 -24.48 -15.61 -15.43
N THR D 202 -25.58 -16.34 -15.66
CA THR D 202 -26.91 -16.05 -15.08
C THR D 202 -27.82 -17.27 -15.15
N SER D 203 -28.91 -17.22 -14.37
CA SER D 203 -30.01 -18.18 -14.47
C SER D 203 -29.57 -19.64 -14.32
N GLY D 204 -28.49 -19.85 -13.59
CA GLY D 204 -27.97 -21.20 -13.37
C GLY D 204 -27.09 -21.68 -14.51
N LYS D 205 -26.86 -20.83 -15.50
CA LYS D 205 -26.05 -21.20 -16.66
C LYS D 205 -24.84 -20.29 -16.91
N VAL D 206 -23.79 -20.89 -17.46
CA VAL D 206 -22.62 -20.15 -17.94
C VAL D 206 -22.72 -20.08 -19.46
N LYS D 207 -22.91 -18.87 -19.98
CA LYS D 207 -23.06 -18.65 -21.43
C LYS D 207 -21.76 -18.13 -22.04
N CYS D 208 -21.27 -18.78 -23.09
CA CYS D 208 -19.96 -18.49 -23.66
C CYS D 208 -20.01 -18.23 -25.16
N THR D 209 -19.18 -17.30 -25.63
CA THR D 209 -19.12 -16.96 -27.06
C THR D 209 -17.76 -17.29 -27.65
N GLY D 210 -17.73 -18.25 -28.57
CA GLY D 210 -16.49 -18.67 -29.18
C GLY D 210 -16.16 -17.93 -30.47
N THR D 211 -14.97 -18.22 -30.99
CA THR D 211 -14.55 -17.69 -32.29
C THR D 211 -14.29 -18.84 -33.26
N ASN D 212 -15.02 -18.86 -34.37
CA ASN D 212 -14.83 -19.91 -35.37
C ASN D 212 -13.80 -19.52 -36.43
N LEU D 213 -12.65 -20.18 -36.36
CA LEU D 213 -11.54 -19.90 -37.26
C LEU D 213 -11.58 -20.81 -38.46
N TRP D 214 -12.59 -21.68 -38.49
CA TRP D 214 -12.75 -22.67 -39.55
C TRP D 214 -13.78 -22.27 -40.60
N ASN D 215 -15.04 -22.58 -40.31
CA ASN D 215 -16.12 -22.54 -41.30
C ASN D 215 -17.29 -21.65 -40.91
N ASP D 216 -17.00 -20.47 -40.36
CA ASP D 216 -18.08 -19.62 -39.85
C ASP D 216 -17.61 -18.19 -39.61
N ALA D 217 -18.33 -17.22 -40.16
CA ALA D 217 -18.07 -15.81 -39.90
C ALA D 217 -19.09 -15.24 -38.91
N LYS D 218 -19.97 -16.11 -38.43
CA LYS D 218 -20.73 -15.82 -37.22
C LYS D 218 -19.92 -16.32 -36.03
N ARG D 219 -20.37 -15.98 -34.83
CA ARG D 219 -19.73 -16.54 -33.65
C ARG D 219 -20.61 -17.63 -33.06
N PRO D 220 -20.03 -18.80 -32.78
CA PRO D 220 -20.74 -19.87 -32.08
C PRO D 220 -21.05 -19.49 -30.62
N PHE D 221 -21.84 -20.31 -29.95
CA PHE D 221 -22.31 -19.94 -28.62
C PHE D 221 -22.55 -21.17 -27.76
N LEU D 222 -22.03 -21.13 -26.53
CA LEU D 222 -22.19 -22.25 -25.62
C LEU D 222 -23.06 -21.83 -24.43
N GLU D 223 -23.75 -22.81 -23.85
CA GLU D 223 -24.19 -22.70 -22.47
C GLU D 223 -24.08 -24.06 -21.80
N PHE D 224 -23.86 -24.04 -20.49
CA PHE D 224 -23.86 -25.28 -19.71
C PHE D 224 -24.24 -24.97 -18.28
N ASP D 225 -24.57 -26.02 -17.53
CA ASP D 225 -24.89 -25.89 -16.13
C ASP D 225 -23.73 -26.41 -15.30
N GLN D 226 -23.90 -26.42 -13.98
CA GLN D 226 -22.89 -26.93 -13.07
C GLN D 226 -22.74 -28.44 -13.18
N SER D 227 -23.78 -29.13 -13.65
CA SER D 227 -23.68 -30.58 -13.85
C SER D 227 -23.41 -30.92 -15.32
N PHE D 228 -22.74 -29.99 -16.01
CA PHE D 228 -22.14 -30.25 -17.32
C PHE D 228 -23.10 -30.47 -18.48
N THR D 229 -24.41 -30.45 -18.24
CA THR D 229 -25.33 -30.51 -19.36
C THR D 229 -25.16 -29.23 -20.19
N TYR D 230 -24.87 -29.40 -21.48
CA TYR D 230 -24.54 -28.26 -22.34
C TYR D 230 -25.22 -28.32 -23.68
N THR D 231 -25.34 -27.16 -24.30
CA THR D 231 -25.84 -27.06 -25.66
C THR D 231 -25.14 -25.92 -26.41
N PHE D 232 -24.65 -26.24 -27.61
CA PHE D 232 -24.20 -25.21 -28.57
C PHE D 232 -25.41 -24.64 -29.32
N LYS D 233 -25.42 -23.33 -29.50
CA LYS D 233 -26.46 -22.67 -30.27
C LYS D 233 -25.81 -21.87 -31.38
N GLU D 234 -26.56 -21.62 -32.45
CA GLU D 234 -26.08 -20.74 -33.52
C GLU D 234 -26.97 -19.52 -33.63
N PRO D 235 -26.37 -18.32 -33.59
CA PRO D 235 -27.15 -17.09 -33.70
C PRO D 235 -27.92 -17.06 -35.02
N CYS D 236 -29.25 -17.10 -34.93
CA CYS D 236 -30.11 -16.97 -36.10
C CYS D 236 -30.18 -15.49 -36.49
N LEU D 237 -29.09 -14.98 -37.07
CA LEU D 237 -28.88 -13.54 -37.19
C LEU D 237 -27.89 -13.20 -38.30
N GLY D 238 -28.23 -12.18 -39.10
CA GLY D 238 -27.43 -11.83 -40.26
C GLY D 238 -26.42 -10.73 -40.02
N PHE D 239 -26.39 -10.22 -38.78
CA PHE D 239 -25.37 -9.25 -38.33
C PHE D 239 -24.10 -10.02 -37.97
N LEU D 240 -23.18 -10.13 -38.92
CA LEU D 240 -22.01 -10.98 -38.75
C LEU D 240 -21.02 -10.40 -37.74
N GLY D 241 -20.68 -11.22 -36.73
CA GLY D 241 -19.88 -10.78 -35.59
C GLY D 241 -18.38 -10.98 -35.70
N ASP D 242 -17.96 -12.11 -36.27
CA ASP D 242 -16.54 -12.42 -36.46
C ASP D 242 -15.88 -11.45 -37.46
N THR D 243 -14.55 -11.39 -37.40
CA THR D 243 -13.75 -10.63 -38.36
C THR D 243 -12.54 -11.51 -38.72
N PRO D 244 -12.34 -11.78 -40.02
CA PRO D 244 -13.05 -11.14 -41.14
C PRO D 244 -14.44 -11.70 -41.35
N ARG D 245 -15.17 -11.07 -42.27
CA ARG D 245 -16.50 -11.50 -42.64
C ARG D 245 -16.87 -10.91 -44.00
N GLY D 246 -18.01 -11.33 -44.54
CA GLY D 246 -18.49 -10.79 -45.79
C GLY D 246 -19.52 -9.70 -45.56
N ILE D 247 -20.31 -9.40 -46.57
CA ILE D 247 -21.42 -8.48 -46.41
C ILE D 247 -22.47 -9.11 -45.48
N ASP D 248 -23.19 -8.28 -44.73
CA ASP D 248 -24.23 -8.79 -43.84
C ASP D 248 -25.34 -9.44 -44.65
N THR D 249 -26.09 -10.35 -44.03
CA THR D 249 -27.05 -11.18 -44.75
C THR D 249 -28.47 -11.06 -44.18
N THR D 250 -29.39 -11.85 -44.72
CA THR D 250 -30.68 -12.10 -44.06
C THR D 250 -30.45 -13.09 -42.92
N ASN D 251 -31.43 -13.24 -42.03
CA ASN D 251 -31.26 -14.12 -40.89
C ASN D 251 -31.50 -15.58 -41.23
N TYR D 252 -30.51 -16.43 -40.97
CA TYR D 252 -30.67 -17.89 -41.08
C TYR D 252 -29.89 -18.61 -39.98
N CYS D 253 -30.40 -19.76 -39.55
CA CYS D 253 -29.87 -20.44 -38.38
C CYS D 253 -28.66 -21.34 -38.64
N ASP D 254 -28.00 -21.12 -39.78
CA ASP D 254 -26.82 -21.90 -40.11
C ASP D 254 -25.57 -21.02 -40.27
N LYS D 255 -24.42 -21.65 -40.15
CA LYS D 255 -23.14 -20.97 -40.28
C LYS D 255 -22.95 -20.37 -41.66
N THR D 256 -22.84 -19.05 -41.73
CA THR D 256 -22.37 -18.42 -42.96
C THR D 256 -20.88 -18.79 -43.13
N THR D 257 -20.58 -19.57 -44.17
CA THR D 257 -19.25 -20.10 -44.35
C THR D 257 -18.39 -19.14 -45.18
N THR D 258 -18.98 -18.00 -45.48
CA THR D 258 -18.41 -17.08 -46.45
C THR D 258 -17.36 -16.17 -45.81
N GLU D 259 -16.09 -16.43 -46.16
CA GLU D 259 -14.93 -15.92 -45.40
C GLU D 259 -15.08 -16.39 -43.96
N GLY D 260 -15.55 -17.63 -43.82
CA GLY D 260 -15.71 -18.23 -42.52
C GLY D 260 -14.37 -18.67 -41.99
N GLU D 261 -13.36 -18.67 -42.86
CA GLU D 261 -11.99 -18.95 -42.47
C GLU D 261 -11.37 -17.68 -41.90
N GLY D 262 -10.43 -17.84 -40.98
CA GLY D 262 -9.87 -16.71 -40.26
C GLY D 262 -10.72 -16.47 -39.02
N GLY D 263 -10.41 -15.43 -38.25
CA GLY D 263 -11.19 -15.17 -37.07
C GLY D 263 -10.47 -14.32 -36.04
N ILE D 264 -11.24 -13.80 -35.09
CA ILE D 264 -10.69 -13.03 -34.00
C ILE D 264 -11.61 -13.15 -32.79
N GLN D 265 -11.04 -12.99 -31.60
CA GLN D 265 -11.81 -13.16 -30.37
C GLN D 265 -12.84 -12.05 -30.21
N GLY D 266 -14.07 -12.43 -29.88
CA GLY D 266 -15.15 -11.49 -29.67
C GLY D 266 -16.33 -12.10 -28.92
N PHE D 267 -17.35 -11.29 -28.65
CA PHE D 267 -18.46 -11.75 -27.81
C PHE D 267 -19.84 -11.41 -28.38
N MET D 268 -20.84 -12.09 -27.81
CA MET D 268 -22.25 -11.76 -27.97
C MET D 268 -22.87 -11.83 -26.58
N ILE D 269 -24.01 -11.18 -26.39
CA ILE D 269 -24.74 -11.27 -25.13
C ILE D 269 -26.18 -11.74 -25.39
N GLU D 270 -26.64 -12.74 -24.65
CA GLU D 270 -28.03 -13.20 -24.74
C GLU D 270 -28.84 -12.86 -23.48
N GLY D 271 -29.97 -12.17 -23.65
CA GLY D 271 -30.83 -11.84 -22.53
C GLY D 271 -32.20 -11.32 -22.98
N SER D 272 -32.84 -10.52 -22.12
CA SER D 272 -34.05 -9.78 -22.53
C SER D 272 -33.73 -8.97 -23.79
N ASN D 273 -32.97 -7.88 -23.61
CA ASN D 273 -32.26 -7.30 -24.74
C ASN D 273 -31.05 -8.18 -24.96
N SER D 274 -30.57 -8.28 -26.19
CA SER D 274 -29.38 -9.05 -26.46
C SER D 274 -28.42 -8.23 -27.30
N TRP D 275 -27.13 -8.47 -27.17
CA TRP D 275 -26.17 -7.65 -27.90
C TRP D 275 -25.21 -8.47 -28.75
N ILE D 276 -24.69 -7.82 -29.80
CA ILE D 276 -23.50 -8.32 -30.47
C ILE D 276 -22.59 -7.15 -30.88
N GLY D 277 -21.34 -7.20 -30.44
CA GLY D 277 -20.38 -6.18 -30.81
C GLY D 277 -19.44 -6.73 -31.85
N ARG D 278 -18.85 -5.86 -32.66
CA ARG D 278 -17.93 -6.30 -33.70
C ARG D 278 -17.09 -5.14 -34.20
N ILE D 279 -16.00 -5.46 -34.89
CA ILE D 279 -15.24 -4.46 -35.61
C ILE D 279 -16.09 -4.09 -36.81
N ILE D 280 -16.32 -2.79 -37.01
CA ILE D 280 -17.17 -2.37 -38.10
C ILE D 280 -16.52 -2.65 -39.46
N ASN D 281 -15.27 -2.22 -39.60
CA ASN D 281 -14.51 -2.43 -40.82
C ASN D 281 -13.55 -3.59 -40.65
N PRO D 282 -13.83 -4.70 -41.34
CA PRO D 282 -12.88 -5.82 -41.34
C PRO D 282 -11.73 -5.60 -42.32
N GLY D 283 -11.77 -4.48 -43.06
CA GLY D 283 -10.73 -4.13 -44.01
C GLY D 283 -9.46 -3.69 -43.31
N SER D 284 -9.35 -2.39 -43.04
CA SER D 284 -8.48 -1.94 -41.96
C SER D 284 -9.33 -2.29 -40.77
N LYS D 285 -8.76 -2.71 -39.67
CA LYS D 285 -9.62 -3.18 -38.59
C LYS D 285 -10.14 -2.03 -37.71
N LYS D 286 -10.61 -0.96 -38.34
CA LYS D 286 -10.95 0.26 -37.59
C LYS D 286 -12.39 0.31 -37.04
N GLY D 287 -12.55 0.92 -35.85
CA GLY D 287 -13.85 1.15 -35.27
C GLY D 287 -14.45 -0.06 -34.57
N PHE D 288 -15.29 0.19 -33.57
CA PHE D 288 -16.01 -0.89 -32.87
C PHE D 288 -17.44 -0.50 -32.61
N GLU D 289 -18.35 -1.39 -32.99
CA GLU D 289 -19.76 -1.16 -32.81
C GLU D 289 -20.38 -2.25 -31.95
N ILE D 290 -21.48 -1.91 -31.29
CA ILE D 290 -22.26 -2.90 -30.54
C ILE D 290 -23.75 -2.63 -30.72
N TYR D 291 -24.50 -3.70 -30.98
CA TYR D 291 -25.85 -3.60 -31.55
C TYR D 291 -26.86 -4.35 -30.70
N LYS D 292 -27.97 -3.69 -30.36
CA LYS D 292 -29.01 -4.30 -29.53
C LYS D 292 -30.05 -5.10 -30.33
N PHE D 293 -30.62 -6.13 -29.70
CA PHE D 293 -31.69 -6.92 -30.28
C PHE D 293 -32.76 -7.21 -29.22
N LEU D 294 -34.03 -7.23 -29.64
CA LEU D 294 -35.11 -7.27 -28.66
C LEU D 294 -35.64 -8.68 -28.46
N GLY D 295 -34.81 -9.50 -27.83
CA GLY D 295 -35.11 -10.91 -27.61
C GLY D 295 -33.87 -11.72 -27.86
N THR D 296 -34.02 -13.01 -28.06
CA THR D 296 -32.90 -13.93 -28.24
C THR D 296 -32.16 -13.80 -29.60
N LEU D 297 -30.94 -14.31 -29.64
CA LEU D 297 -30.08 -14.27 -30.83
C LEU D 297 -30.37 -15.49 -31.69
N PHE D 298 -31.19 -16.40 -31.15
CA PHE D 298 -31.41 -17.70 -31.74
C PHE D 298 -32.82 -17.89 -32.32
N SER D 299 -33.50 -16.77 -32.52
CA SER D 299 -34.70 -16.72 -33.34
C SER D 299 -34.41 -15.89 -34.58
N VAL D 300 -35.01 -16.24 -35.70
CA VAL D 300 -34.74 -15.54 -36.95
C VAL D 300 -35.63 -14.30 -37.04
N GLN D 301 -36.62 -14.27 -36.16
CA GLN D 301 -37.71 -13.31 -36.20
C GLN D 301 -37.41 -12.07 -35.41
N THR D 302 -36.16 -11.92 -34.98
CA THR D 302 -35.82 -10.96 -33.92
C THR D 302 -35.15 -9.68 -34.47
N VAL D 303 -35.62 -8.53 -34.00
CA VAL D 303 -35.50 -7.26 -34.74
C VAL D 303 -34.10 -6.65 -34.96
N GLY D 304 -33.60 -5.91 -33.97
CA GLY D 304 -32.44 -5.06 -34.18
C GLY D 304 -32.77 -3.60 -33.92
N ASN D 305 -32.52 -3.17 -32.69
CA ASN D 305 -32.88 -1.84 -32.24
C ASN D 305 -31.71 -0.86 -32.44
N ARG D 306 -31.12 -0.42 -31.34
CA ARG D 306 -30.12 0.62 -31.32
C ARG D 306 -28.71 0.10 -31.59
N ASN D 307 -27.98 0.78 -32.48
CA ASN D 307 -26.59 0.47 -32.73
C ASN D 307 -25.69 1.57 -32.14
N TYR D 308 -24.71 1.19 -31.33
CA TYR D 308 -23.81 2.15 -30.73
C TYR D 308 -22.44 2.10 -31.38
N GLN D 309 -21.94 3.26 -31.81
CA GLN D 309 -20.62 3.38 -32.45
C GLN D 309 -19.60 3.89 -31.43
N LEU D 310 -19.21 3.02 -30.51
CA LEU D 310 -18.36 3.41 -29.38
C LEU D 310 -16.95 3.84 -29.77
N LEU D 311 -16.46 3.34 -30.90
CA LEU D 311 -15.10 3.62 -31.33
C LEU D 311 -15.03 3.82 -32.85
N SER D 312 -14.16 4.72 -33.31
CA SER D 312 -14.05 5.05 -34.73
C SER D 312 -12.61 4.97 -35.26
N ASN D 313 -11.81 5.97 -34.91
CA ASN D 313 -10.48 6.17 -35.50
C ASN D 313 -9.42 5.19 -34.98
N SER D 314 -9.87 4.21 -34.23
CA SER D 314 -8.94 3.30 -33.59
C SER D 314 -8.94 1.90 -34.23
N THR D 315 -7.76 1.33 -34.44
CA THR D 315 -7.65 0.00 -35.05
C THR D 315 -7.76 -1.06 -33.95
N ILE D 316 -8.83 -1.86 -33.99
CA ILE D 316 -9.19 -2.69 -32.85
C ILE D 316 -8.94 -4.20 -33.07
N GLY D 317 -9.08 -5.00 -32.02
CA GLY D 317 -8.70 -6.40 -32.07
C GLY D 317 -9.56 -7.32 -31.21
N ARG D 318 -8.94 -7.92 -30.19
CA ARG D 318 -9.70 -8.85 -29.34
C ARG D 318 -10.65 -8.11 -28.42
N SER D 319 -11.75 -8.78 -28.09
CA SER D 319 -12.68 -8.25 -27.09
C SER D 319 -13.26 -9.41 -26.30
N GLY D 320 -13.68 -9.15 -25.08
CA GLY D 320 -14.21 -10.21 -24.24
C GLY D 320 -15.06 -9.68 -23.11
N LEU D 321 -15.62 -10.60 -22.33
CA LEU D 321 -16.56 -10.28 -21.26
C LEU D 321 -15.95 -10.41 -19.88
N TYR D 322 -16.52 -9.66 -18.93
CA TYR D 322 -16.23 -9.85 -17.50
C TYR D 322 -17.37 -9.38 -16.60
N GLN D 323 -17.58 -10.10 -15.51
CA GLN D 323 -18.61 -9.73 -14.55
C GLN D 323 -17.95 -9.24 -13.26
N PRO D 324 -18.00 -7.92 -13.01
CA PRO D 324 -17.56 -7.40 -11.71
C PRO D 324 -18.32 -8.11 -10.62
N ALA D 325 -17.62 -8.93 -9.85
CA ALA D 325 -18.26 -9.77 -8.84
C ALA D 325 -17.97 -9.36 -7.41
N TYR D 326 -18.51 -8.21 -7.01
CA TYR D 326 -18.43 -7.75 -5.63
C TYR D 326 -19.70 -7.03 -5.27
N GLU D 327 -20.79 -7.78 -5.13
CA GLU D 327 -22.11 -7.19 -4.91
C GLU D 327 -22.79 -7.62 -3.57
N SER D 328 -24.12 -7.47 -3.54
CA SER D 328 -25.03 -7.97 -2.51
C SER D 328 -26.39 -7.85 -3.20
N ARG D 329 -26.30 -7.62 -4.50
CA ARG D 329 -27.23 -6.77 -5.24
C ARG D 329 -28.54 -7.34 -5.80
N ASP D 330 -29.32 -6.42 -6.35
CA ASP D 330 -30.58 -6.70 -6.99
C ASP D 330 -30.35 -7.10 -8.44
N CYS D 331 -29.10 -7.06 -8.86
CA CYS D 331 -28.76 -7.30 -10.26
C CYS D 331 -27.27 -7.51 -10.46
N GLN D 332 -26.92 -8.42 -11.37
CA GLN D 332 -25.52 -8.63 -11.73
C GLN D 332 -25.11 -7.69 -12.86
N GLU D 333 -24.10 -6.87 -12.62
CA GLU D 333 -23.51 -6.04 -13.67
C GLU D 333 -22.76 -6.93 -14.69
N LEU D 334 -22.65 -6.45 -15.92
CA LEU D 334 -21.91 -7.15 -16.94
C LEU D 334 -21.08 -6.15 -17.74
N CYS D 335 -19.82 -6.49 -17.99
CA CYS D 335 -18.91 -5.59 -18.69
C CYS D 335 -18.16 -6.26 -19.83
N PHE D 336 -17.45 -5.46 -20.61
CA PHE D 336 -16.57 -6.02 -21.62
C PHE D 336 -15.30 -5.18 -21.83
N TRP D 337 -14.21 -5.85 -22.20
CA TRP D 337 -12.96 -5.17 -22.56
C TRP D 337 -12.71 -5.30 -24.06
N ILE D 338 -12.05 -4.31 -24.64
CA ILE D 338 -11.65 -4.33 -26.03
C ILE D 338 -10.14 -4.09 -26.12
N GLU D 339 -9.43 -4.96 -26.83
CA GLU D 339 -7.99 -4.75 -26.99
C GLU D 339 -7.71 -3.96 -28.27
N ILE D 340 -6.98 -2.85 -28.13
CA ILE D 340 -6.73 -1.89 -29.20
C ILE D 340 -5.27 -1.92 -29.62
N ALA D 341 -5.00 -1.86 -30.91
CA ALA D 341 -3.63 -1.65 -31.38
C ALA D 341 -3.17 -0.26 -30.93
N ALA D 342 -1.90 -0.13 -30.59
CA ALA D 342 -1.38 1.16 -30.11
C ALA D 342 0.10 1.32 -30.44
N THR D 343 0.65 2.51 -30.17
CA THR D 343 2.07 2.75 -30.45
C THR D 343 2.79 3.38 -29.27
N THR D 344 4.08 3.09 -29.13
CA THR D 344 4.85 3.70 -28.06
C THR D 344 5.54 4.99 -28.51
N LYS D 345 6.11 5.70 -27.55
CA LYS D 345 6.76 6.97 -27.84
C LYS D 345 7.98 6.79 -28.74
N ALA D 346 8.60 5.61 -28.71
CA ALA D 346 9.73 5.30 -29.60
C ALA D 346 9.24 4.63 -30.88
N GLY D 347 7.92 4.60 -31.06
CA GLY D 347 7.34 4.05 -32.26
C GLY D 347 7.10 2.55 -32.30
N LEU D 348 7.26 1.86 -31.17
CA LEU D 348 7.02 0.41 -31.15
C LEU D 348 5.54 0.08 -31.22
N SER D 349 5.22 -1.00 -31.91
CA SER D 349 3.84 -1.46 -32.02
C SER D 349 3.48 -2.26 -30.77
N SER D 350 2.27 -2.01 -30.24
CA SER D 350 1.83 -2.62 -29.00
C SER D 350 0.32 -2.56 -28.90
N ASN D 351 -0.21 -2.82 -27.71
CA ASN D 351 -1.64 -2.79 -27.48
C ASN D 351 -1.98 -2.03 -26.22
N ASP D 352 -3.23 -1.63 -26.10
CA ASP D 352 -3.81 -1.53 -24.76
C ASP D 352 -5.31 -1.74 -24.73
N LEU D 353 -5.95 -1.21 -23.70
CA LEU D 353 -7.21 -1.78 -23.26
C LEU D 353 -8.22 -0.73 -22.90
N ILE D 354 -9.45 -0.93 -23.32
CA ILE D 354 -10.55 -0.08 -22.88
C ILE D 354 -11.66 -0.97 -22.35
N THR D 355 -12.36 -0.50 -21.31
CA THR D 355 -13.50 -1.25 -20.76
C THR D 355 -14.80 -0.44 -20.76
N PHE D 356 -15.90 -1.16 -20.92
CA PHE D 356 -17.23 -0.60 -20.85
C PHE D 356 -18.09 -1.49 -19.98
N CYS D 357 -18.93 -0.87 -19.16
CA CYS D 357 -19.90 -1.61 -18.36
C CYS D 357 -21.30 -1.23 -18.79
N GLY D 358 -22.28 -2.06 -18.45
CA GLY D 358 -23.66 -1.79 -18.83
C GLY D 358 -24.33 -0.75 -17.94
N THR D 359 -25.40 -0.15 -18.45
CA THR D 359 -26.28 0.64 -17.61
C THR D 359 -27.69 0.54 -18.15
N GLY D 360 -28.67 0.46 -17.26
CA GLY D 360 -30.06 0.28 -17.63
C GLY D 360 -30.64 1.27 -18.63
N GLY D 361 -30.11 2.50 -18.63
CA GLY D 361 -30.63 3.56 -19.50
C GLY D 361 -29.97 3.65 -20.87
N SER D 362 -30.64 4.30 -21.80
CA SER D 362 -30.06 4.51 -23.13
C SER D 362 -29.07 5.68 -23.14
N MET D 363 -28.05 5.56 -23.98
CA MET D 363 -26.92 6.48 -23.97
C MET D 363 -26.89 7.32 -25.23
N PRO D 364 -26.36 8.54 -25.12
CA PRO D 364 -26.12 9.38 -26.30
C PRO D 364 -25.14 8.71 -27.27
N ASP D 365 -25.12 9.18 -28.52
CA ASP D 365 -24.12 8.71 -29.47
C ASP D 365 -22.79 9.39 -29.15
N VAL D 366 -21.91 8.70 -28.44
CA VAL D 366 -20.61 9.26 -28.12
C VAL D 366 -19.48 8.39 -28.67
N ASN D 367 -18.51 9.05 -29.31
CA ASN D 367 -17.35 8.37 -29.89
C ASN D 367 -16.17 8.47 -28.92
N TRP D 368 -15.64 7.31 -28.51
CA TRP D 368 -14.62 7.29 -27.47
C TRP D 368 -13.21 7.20 -28.02
N GLY D 369 -13.08 7.29 -29.34
CA GLY D 369 -11.78 7.21 -29.98
C GLY D 369 -11.82 6.40 -31.27
#